data_7Q6W
# 
_entry.id   7Q6W 
# 
_audit_conform.dict_name       mmcif_pdbx.dic 
_audit_conform.dict_version    5.391 
_audit_conform.dict_location   http://mmcif.pdb.org/dictionaries/ascii/mmcif_pdbx.dic 
# 
loop_
_database_2.database_id 
_database_2.database_code 
_database_2.pdbx_database_accession 
_database_2.pdbx_DOI 
PDB   7Q6W         pdb_00007q6w 10.2210/pdb7q6w/pdb 
WWPDB D_1292119124 ?            ?                   
# 
loop_
_pdbx_audit_revision_history.ordinal 
_pdbx_audit_revision_history.data_content_type 
_pdbx_audit_revision_history.major_revision 
_pdbx_audit_revision_history.minor_revision 
_pdbx_audit_revision_history.revision_date 
1 'Structure model' 1 0 2022-01-19 
2 'Structure model' 1 1 2022-02-16 
3 'Structure model' 1 2 2022-03-09 
4 'Structure model' 1 3 2024-05-01 
# 
_pdbx_audit_revision_details.ordinal             1 
_pdbx_audit_revision_details.revision_ordinal    1 
_pdbx_audit_revision_details.data_content_type   'Structure model' 
_pdbx_audit_revision_details.provider            repository 
_pdbx_audit_revision_details.type                'Initial release' 
_pdbx_audit_revision_details.description         ? 
_pdbx_audit_revision_details.details             ? 
# 
loop_
_pdbx_audit_revision_group.ordinal 
_pdbx_audit_revision_group.revision_ordinal 
_pdbx_audit_revision_group.data_content_type 
_pdbx_audit_revision_group.group 
1 2 'Structure model' 'Database references'    
2 3 'Structure model' 'Database references'    
3 4 'Structure model' 'Data collection'        
4 4 'Structure model' 'Refinement description' 
# 
loop_
_pdbx_audit_revision_category.ordinal 
_pdbx_audit_revision_category.revision_ordinal 
_pdbx_audit_revision_category.data_content_type 
_pdbx_audit_revision_category.category 
1 2 'Structure model' citation                      
2 2 'Structure model' citation_author               
3 3 'Structure model' citation                      
4 4 'Structure model' chem_comp_atom                
5 4 'Structure model' chem_comp_bond                
6 4 'Structure model' pdbx_initial_refinement_model 
# 
loop_
_pdbx_audit_revision_item.ordinal 
_pdbx_audit_revision_item.revision_ordinal 
_pdbx_audit_revision_item.data_content_type 
_pdbx_audit_revision_item.item 
1  2 'Structure model' '_citation.country'                 
2  2 'Structure model' '_citation.journal_abbrev'          
3  2 'Structure model' '_citation.journal_id_ASTM'         
4  2 'Structure model' '_citation.journal_id_CSD'          
5  2 'Structure model' '_citation.journal_id_ISSN'         
6  2 'Structure model' '_citation.pdbx_database_id_DOI'    
7  2 'Structure model' '_citation.pdbx_database_id_PubMed' 
8  2 'Structure model' '_citation.title'                   
9  2 'Structure model' '_citation.year'                    
10 3 'Structure model' '_citation.journal_volume'          
11 3 'Structure model' '_citation.page_first'              
12 3 'Structure model' '_citation.page_last'               
# 
_pdbx_database_status.status_code                     REL 
_pdbx_database_status.status_code_sf                  REL 
_pdbx_database_status.status_code_mr                  ? 
_pdbx_database_status.entry_id                        7Q6W 
_pdbx_database_status.recvd_initial_deposition_date   2021-11-09 
_pdbx_database_status.SG_entry                        N 
_pdbx_database_status.deposit_site                    PDBE 
_pdbx_database_status.process_site                    PDBE 
_pdbx_database_status.status_code_cs                  ? 
_pdbx_database_status.status_code_nmr_data            ? 
_pdbx_database_status.methods_development_category    ? 
_pdbx_database_status.pdb_format_compatible           Y 
# 
_pdbx_contact_author.id                 2 
_pdbx_contact_author.email              marianne.schimpl@astrazeneca.com 
_pdbx_contact_author.name_first         Marianne 
_pdbx_contact_author.name_last          Schimpl 
_pdbx_contact_author.name_mi            ? 
_pdbx_contact_author.role               'principal investigator/group leader' 
_pdbx_contact_author.identifier_ORCID   0000-0003-2284-5250 
# 
loop_
_audit_author.name 
_audit_author.pdbx_ordinal 
_audit_author.identifier_ORCID 
'Patel, S.J.'       1 ? 
'Winter-Holt, J.J.' 2 ? 
# 
_citation.abstract                  ? 
_citation.abstract_id_CAS           ? 
_citation.book_id_ISBN              ? 
_citation.book_publisher            ? 
_citation.book_publisher_city       ? 
_citation.book_title                ? 
_citation.coordinate_linkage        ? 
_citation.country                   US 
_citation.database_id_Medline       ? 
_citation.details                   ? 
_citation.id                        primary 
_citation.journal_abbrev            J.Med.Chem. 
_citation.journal_id_ASTM           JMCMAR 
_citation.journal_id_CSD            0151 
_citation.journal_id_ISSN           0022-2623 
_citation.journal_full              ? 
_citation.journal_issue             ? 
_citation.journal_volume            65 
_citation.language                  ? 
_citation.page_first                3306 
_citation.page_last                 3331 
_citation.title                     
'Discovery of a Potent and Selective ATAD2 Bromodomain Inhibitor with Antiproliferative Activity in Breast Cancer Models.' 
_citation.year                      2022 
_citation.database_id_CSD           ? 
_citation.pdbx_database_id_DOI      10.1021/acs.jmedchem.1c01871 
_citation.pdbx_database_id_PubMed   35133824 
_citation.pdbx_database_id_patent   ? 
_citation.unpublished_flag          ? 
# 
loop_
_citation_author.citation_id 
_citation_author.name 
_citation_author.ordinal 
_citation_author.identifier_ORCID 
primary 'Winter-Holt, J.J.' 1  ? 
primary 'Bardelle, C.'      2  ? 
primary 'Chiarparin, E.'    3  ? 
primary 'Dale, I.L.'        4  ? 
primary 'Davey, P.R.J.'     5  ? 
primary 'Davies, N.L.'      6  ? 
primary 'Denz, C.'          7  ? 
primary 'Fillery, S.M.'     8  ? 
primary 'Guerot, C.M.'      9  ? 
primary 'Han, F.'           10 ? 
primary 'Hughes, S.J.'      11 ? 
primary 'Kulkarni, M.'      12 ? 
primary 'Liu, Z.'           13 ? 
primary 'Milbradt, A.'      14 ? 
primary 'Moss, T.A.'        15 ? 
primary 'Niu, H.'           16 ? 
primary 'Patel, J.'         17 ? 
primary 'Rabow, A.A.'       18 ? 
primary 'Schimpl, M.'       19 ? 
primary 'Shi, J.'           20 ? 
primary 'Sun, D.'           21 ? 
primary 'Yang, D.'          22 ? 
primary 'Guichard, S.'      23 ? 
# 
loop_
_entity.id 
_entity.type 
_entity.src_method 
_entity.pdbx_description 
_entity.formula_weight 
_entity.pdbx_number_of_molecules 
_entity.pdbx_ec 
_entity.pdbx_mutation 
_entity.pdbx_fragment 
_entity.details 
1 polymer     man 'ATPase family AAA domain-containing protein 2' 15453.514 1   3.6.1.3 ? bromodomain ? 
2 non-polymer syn 'SULFATE ION' 96.063    3   ?       ? ?           ? 
3 non-polymer syn 
;(1R,9S)-13-[[3-methyl-8-[(1-methylpiperidin-4-yl)amino]-[1,2,4]triazolo[4,3-b]pyridazin-6-yl]carbonyl]-11,13-diazatricyclo[7.3.1.0^{2,7}]trideca-2,4,6-trien-10-one
;
460.532   1   ?       ? ?           ? 
4 water       nat water 18.015    167 ?       ? ?           ? 
# 
_entity_name_com.entity_id   1 
_entity_name_com.name        'AAA nuclear coregulator cancer-associated protein,ANCCA' 
# 
_entity_poly.entity_id                      1 
_entity_poly.type                           'polypeptide(L)' 
_entity_poly.nstd_linkage                   no 
_entity_poly.nstd_monomer                   no 
_entity_poly.pdbx_seq_one_letter_code       
;SMQEEDTFRELRIFLRNVTHRLAIDKRFRVFTKPVDPDEVPDYVTVIKQPMDLSSVISKIDLHKYLTVKDYLRDIDLICS
NALEYNPDRDPGDRLIRHRACALRDTAYAIIKEELDEDFEQLCEEIQESR
;
_entity_poly.pdbx_seq_one_letter_code_can   
;SMQEEDTFRELRIFLRNVTHRLAIDKRFRVFTKPVDPDEVPDYVTVIKQPMDLSSVISKIDLHKYLTVKDYLRDIDLICS
NALEYNPDRDPGDRLIRHRACALRDTAYAIIKEELDEDFEQLCEEIQESR
;
_entity_poly.pdbx_strand_id                 A 
_entity_poly.pdbx_target_identifier         ? 
# 
loop_
_pdbx_entity_nonpoly.entity_id 
_pdbx_entity_nonpoly.name 
_pdbx_entity_nonpoly.comp_id 
2 'SULFATE ION' SO4 
3 
;(1R,9S)-13-[[3-methyl-8-[(1-methylpiperidin-4-yl)amino]-[1,2,4]triazolo[4,3-b]pyridazin-6-yl]carbonyl]-11,13-diazatricyclo[7.3.1.0^{2,7}]trideca-2,4,6-trien-10-one
;
93L 
4 water HOH 
# 
loop_
_entity_poly_seq.entity_id 
_entity_poly_seq.num 
_entity_poly_seq.mon_id 
_entity_poly_seq.hetero 
1 1   SER n 
1 2   MET n 
1 3   GLN n 
1 4   GLU n 
1 5   GLU n 
1 6   ASP n 
1 7   THR n 
1 8   PHE n 
1 9   ARG n 
1 10  GLU n 
1 11  LEU n 
1 12  ARG n 
1 13  ILE n 
1 14  PHE n 
1 15  LEU n 
1 16  ARG n 
1 17  ASN n 
1 18  VAL n 
1 19  THR n 
1 20  HIS n 
1 21  ARG n 
1 22  LEU n 
1 23  ALA n 
1 24  ILE n 
1 25  ASP n 
1 26  LYS n 
1 27  ARG n 
1 28  PHE n 
1 29  ARG n 
1 30  VAL n 
1 31  PHE n 
1 32  THR n 
1 33  LYS n 
1 34  PRO n 
1 35  VAL n 
1 36  ASP n 
1 37  PRO n 
1 38  ASP n 
1 39  GLU n 
1 40  VAL n 
1 41  PRO n 
1 42  ASP n 
1 43  TYR n 
1 44  VAL n 
1 45  THR n 
1 46  VAL n 
1 47  ILE n 
1 48  LYS n 
1 49  GLN n 
1 50  PRO n 
1 51  MET n 
1 52  ASP n 
1 53  LEU n 
1 54  SER n 
1 55  SER n 
1 56  VAL n 
1 57  ILE n 
1 58  SER n 
1 59  LYS n 
1 60  ILE n 
1 61  ASP n 
1 62  LEU n 
1 63  HIS n 
1 64  LYS n 
1 65  TYR n 
1 66  LEU n 
1 67  THR n 
1 68  VAL n 
1 69  LYS n 
1 70  ASP n 
1 71  TYR n 
1 72  LEU n 
1 73  ARG n 
1 74  ASP n 
1 75  ILE n 
1 76  ASP n 
1 77  LEU n 
1 78  ILE n 
1 79  CYS n 
1 80  SER n 
1 81  ASN n 
1 82  ALA n 
1 83  LEU n 
1 84  GLU n 
1 85  TYR n 
1 86  ASN n 
1 87  PRO n 
1 88  ASP n 
1 89  ARG n 
1 90  ASP n 
1 91  PRO n 
1 92  GLY n 
1 93  ASP n 
1 94  ARG n 
1 95  LEU n 
1 96  ILE n 
1 97  ARG n 
1 98  HIS n 
1 99  ARG n 
1 100 ALA n 
1 101 CYS n 
1 102 ALA n 
1 103 LEU n 
1 104 ARG n 
1 105 ASP n 
1 106 THR n 
1 107 ALA n 
1 108 TYR n 
1 109 ALA n 
1 110 ILE n 
1 111 ILE n 
1 112 LYS n 
1 113 GLU n 
1 114 GLU n 
1 115 LEU n 
1 116 ASP n 
1 117 GLU n 
1 118 ASP n 
1 119 PHE n 
1 120 GLU n 
1 121 GLN n 
1 122 LEU n 
1 123 CYS n 
1 124 GLU n 
1 125 GLU n 
1 126 ILE n 
1 127 GLN n 
1 128 GLU n 
1 129 SER n 
1 130 ARG n 
# 
_entity_src_gen.entity_id                          1 
_entity_src_gen.pdbx_src_id                        1 
_entity_src_gen.pdbx_alt_source_flag               sample 
_entity_src_gen.pdbx_seq_type                      'Biological sequence' 
_entity_src_gen.pdbx_beg_seq_num                   1 
_entity_src_gen.pdbx_end_seq_num                   130 
_entity_src_gen.gene_src_common_name               Human 
_entity_src_gen.gene_src_genus                     ? 
_entity_src_gen.pdbx_gene_src_gene                 'ATAD2, L16, PRO2000' 
_entity_src_gen.gene_src_species                   ? 
_entity_src_gen.gene_src_strain                    ? 
_entity_src_gen.gene_src_tissue                    ? 
_entity_src_gen.gene_src_tissue_fraction           ? 
_entity_src_gen.gene_src_details                   ? 
_entity_src_gen.pdbx_gene_src_fragment             ? 
_entity_src_gen.pdbx_gene_src_scientific_name      'Homo sapiens' 
_entity_src_gen.pdbx_gene_src_ncbi_taxonomy_id     9606 
_entity_src_gen.pdbx_gene_src_variant              ? 
_entity_src_gen.pdbx_gene_src_cell_line            ? 
_entity_src_gen.pdbx_gene_src_atcc                 ? 
_entity_src_gen.pdbx_gene_src_organ                ? 
_entity_src_gen.pdbx_gene_src_organelle            ? 
_entity_src_gen.pdbx_gene_src_cell                 ? 
_entity_src_gen.pdbx_gene_src_cellular_location    ? 
_entity_src_gen.host_org_common_name               ? 
_entity_src_gen.pdbx_host_org_scientific_name      'Escherichia coli BL21(DE3)' 
_entity_src_gen.pdbx_host_org_ncbi_taxonomy_id     469008 
_entity_src_gen.host_org_genus                     ? 
_entity_src_gen.pdbx_host_org_gene                 ? 
_entity_src_gen.pdbx_host_org_organ                ? 
_entity_src_gen.host_org_species                   ? 
_entity_src_gen.pdbx_host_org_tissue               ? 
_entity_src_gen.pdbx_host_org_tissue_fraction      ? 
_entity_src_gen.pdbx_host_org_strain               Gold 
_entity_src_gen.pdbx_host_org_variant              ? 
_entity_src_gen.pdbx_host_org_cell_line            ? 
_entity_src_gen.pdbx_host_org_atcc                 ? 
_entity_src_gen.pdbx_host_org_culture_collection   ? 
_entity_src_gen.pdbx_host_org_cell                 ? 
_entity_src_gen.pdbx_host_org_organelle            ? 
_entity_src_gen.pdbx_host_org_cellular_location    ? 
_entity_src_gen.pdbx_host_org_vector_type          plasmid 
_entity_src_gen.pdbx_host_org_vector               ? 
_entity_src_gen.host_org_details                   ? 
_entity_src_gen.expression_system_id               ? 
_entity_src_gen.plasmid_name                       ? 
_entity_src_gen.plasmid_details                    ? 
_entity_src_gen.pdbx_description                   ? 
# 
loop_
_chem_comp.id 
_chem_comp.type 
_chem_comp.mon_nstd_flag 
_chem_comp.name 
_chem_comp.pdbx_synonyms 
_chem_comp.formula 
_chem_comp.formula_weight 
93L non-polymer         . 
;(1R,9S)-13-[[3-methyl-8-[(1-methylpiperidin-4-yl)amino]-[1,2,4]triazolo[4,3-b]pyridazin-6-yl]carbonyl]-11,13-diazatricyclo[7.3.1.0^{2,7}]trideca-2,4,6-trien-10-one
;
? 'C24 H28 N8 O2'  460.532 
ALA 'L-peptide linking' y ALANINE ? 'C3 H7 N O2'     89.093  
ARG 'L-peptide linking' y ARGININE ? 'C6 H15 N4 O2 1' 175.209 
ASN 'L-peptide linking' y ASPARAGINE ? 'C4 H8 N2 O3'    132.118 
ASP 'L-peptide linking' y 'ASPARTIC ACID' ? 'C4 H7 N O4'     133.103 
CYS 'L-peptide linking' y CYSTEINE ? 'C3 H7 N O2 S'   121.158 
GLN 'L-peptide linking' y GLUTAMINE ? 'C5 H10 N2 O3'   146.144 
GLU 'L-peptide linking' y 'GLUTAMIC ACID' ? 'C5 H9 N O4'     147.129 
GLY 'peptide linking'   y GLYCINE ? 'C2 H5 N O2'     75.067  
HIS 'L-peptide linking' y HISTIDINE ? 'C6 H10 N3 O2 1' 156.162 
HOH non-polymer         . WATER ? 'H2 O'           18.015  
ILE 'L-peptide linking' y ISOLEUCINE ? 'C6 H13 N O2'    131.173 
LEU 'L-peptide linking' y LEUCINE ? 'C6 H13 N O2'    131.173 
LYS 'L-peptide linking' y LYSINE ? 'C6 H15 N2 O2 1' 147.195 
MET 'L-peptide linking' y METHIONINE ? 'C5 H11 N O2 S'  149.211 
PHE 'L-peptide linking' y PHENYLALANINE ? 'C9 H11 N O2'    165.189 
PRO 'L-peptide linking' y PROLINE ? 'C5 H9 N O2'     115.130 
SER 'L-peptide linking' y SERINE ? 'C3 H7 N O3'     105.093 
SO4 non-polymer         . 'SULFATE ION' ? 'O4 S -2'        96.063  
THR 'L-peptide linking' y THREONINE ? 'C4 H9 N O3'     119.119 
TYR 'L-peptide linking' y TYROSINE ? 'C9 H11 N O3'    181.189 
VAL 'L-peptide linking' y VALINE ? 'C5 H11 N O2'    117.146 
# 
loop_
_pdbx_poly_seq_scheme.asym_id 
_pdbx_poly_seq_scheme.entity_id 
_pdbx_poly_seq_scheme.seq_id 
_pdbx_poly_seq_scheme.mon_id 
_pdbx_poly_seq_scheme.ndb_seq_num 
_pdbx_poly_seq_scheme.pdb_seq_num 
_pdbx_poly_seq_scheme.auth_seq_num 
_pdbx_poly_seq_scheme.pdb_mon_id 
_pdbx_poly_seq_scheme.auth_mon_id 
_pdbx_poly_seq_scheme.pdb_strand_id 
_pdbx_poly_seq_scheme.pdb_ins_code 
_pdbx_poly_seq_scheme.hetero 
A 1 1   SER 1   979  979  SER SER A . n 
A 1 2   MET 2   980  980  MET MET A . n 
A 1 3   GLN 3   981  981  GLN GLN A . n 
A 1 4   GLU 4   982  982  GLU GLU A . n 
A 1 5   GLU 5   983  983  GLU GLU A . n 
A 1 6   ASP 6   984  984  ASP ASP A . n 
A 1 7   THR 7   985  985  THR THR A . n 
A 1 8   PHE 8   986  986  PHE PHE A . n 
A 1 9   ARG 9   987  987  ARG ARG A . n 
A 1 10  GLU 10  988  988  GLU GLU A . n 
A 1 11  LEU 11  989  989  LEU LEU A . n 
A 1 12  ARG 12  990  990  ARG ARG A . n 
A 1 13  ILE 13  991  991  ILE ILE A . n 
A 1 14  PHE 14  992  992  PHE PHE A . n 
A 1 15  LEU 15  993  993  LEU LEU A . n 
A 1 16  ARG 16  994  994  ARG ARG A . n 
A 1 17  ASN 17  995  995  ASN ASN A . n 
A 1 18  VAL 18  996  996  VAL VAL A . n 
A 1 19  THR 19  997  997  THR THR A . n 
A 1 20  HIS 20  998  998  HIS HIS A . n 
A 1 21  ARG 21  999  999  ARG ARG A . n 
A 1 22  LEU 22  1000 1000 LEU LEU A . n 
A 1 23  ALA 23  1001 1001 ALA ALA A . n 
A 1 24  ILE 24  1002 1002 ILE ILE A . n 
A 1 25  ASP 25  1003 1003 ASP ASP A . n 
A 1 26  LYS 26  1004 1004 LYS LYS A . n 
A 1 27  ARG 27  1005 1005 ARG ARG A . n 
A 1 28  PHE 28  1006 1006 PHE PHE A . n 
A 1 29  ARG 29  1007 1007 ARG ARG A . n 
A 1 30  VAL 30  1008 1008 VAL VAL A . n 
A 1 31  PHE 31  1009 1009 PHE PHE A . n 
A 1 32  THR 32  1010 1010 THR THR A . n 
A 1 33  LYS 33  1011 1011 LYS LYS A . n 
A 1 34  PRO 34  1012 1012 PRO PRO A . n 
A 1 35  VAL 35  1013 1013 VAL VAL A . n 
A 1 36  ASP 36  1014 1014 ASP ASP A . n 
A 1 37  PRO 37  1015 1015 PRO PRO A . n 
A 1 38  ASP 38  1016 1016 ASP ASP A . n 
A 1 39  GLU 39  1017 1017 GLU GLU A . n 
A 1 40  VAL 40  1018 1018 VAL VAL A . n 
A 1 41  PRO 41  1019 1019 PRO PRO A . n 
A 1 42  ASP 42  1020 1020 ASP ASP A . n 
A 1 43  TYR 43  1021 1021 TYR TYR A . n 
A 1 44  VAL 44  1022 1022 VAL VAL A . n 
A 1 45  THR 45  1023 1023 THR THR A . n 
A 1 46  VAL 46  1024 1024 VAL VAL A . n 
A 1 47  ILE 47  1025 1025 ILE ILE A . n 
A 1 48  LYS 48  1026 1026 LYS LYS A . n 
A 1 49  GLN 49  1027 1027 GLN GLN A . n 
A 1 50  PRO 50  1028 1028 PRO PRO A . n 
A 1 51  MET 51  1029 1029 MET MET A . n 
A 1 52  ASP 52  1030 1030 ASP ASP A . n 
A 1 53  LEU 53  1031 1031 LEU LEU A . n 
A 1 54  SER 54  1032 1032 SER SER A . n 
A 1 55  SER 55  1033 1033 SER SER A . n 
A 1 56  VAL 56  1034 1034 VAL VAL A . n 
A 1 57  ILE 57  1035 1035 ILE ILE A . n 
A 1 58  SER 58  1036 1036 SER SER A . n 
A 1 59  LYS 59  1037 1037 LYS LYS A . n 
A 1 60  ILE 60  1038 1038 ILE ILE A . n 
A 1 61  ASP 61  1039 1039 ASP ASP A . n 
A 1 62  LEU 62  1040 1040 LEU LEU A . n 
A 1 63  HIS 63  1041 1041 HIS HIS A . n 
A 1 64  LYS 64  1042 1042 LYS LYS A . n 
A 1 65  TYR 65  1043 1043 TYR TYR A . n 
A 1 66  LEU 66  1044 1044 LEU LEU A . n 
A 1 67  THR 67  1045 1045 THR THR A . n 
A 1 68  VAL 68  1046 1046 VAL VAL A . n 
A 1 69  LYS 69  1047 1047 LYS LYS A . n 
A 1 70  ASP 70  1048 1048 ASP ASP A . n 
A 1 71  TYR 71  1049 1049 TYR TYR A . n 
A 1 72  LEU 72  1050 1050 LEU LEU A . n 
A 1 73  ARG 73  1051 1051 ARG ARG A . n 
A 1 74  ASP 74  1052 1052 ASP ASP A . n 
A 1 75  ILE 75  1053 1053 ILE ILE A . n 
A 1 76  ASP 76  1054 1054 ASP ASP A . n 
A 1 77  LEU 77  1055 1055 LEU LEU A . n 
A 1 78  ILE 78  1056 1056 ILE ILE A . n 
A 1 79  CYS 79  1057 1057 CYS CYS A . n 
A 1 80  SER 80  1058 1058 SER SER A . n 
A 1 81  ASN 81  1059 1059 ASN ASN A . n 
A 1 82  ALA 82  1060 1060 ALA ALA A . n 
A 1 83  LEU 83  1061 1061 LEU LEU A . n 
A 1 84  GLU 84  1062 1062 GLU GLU A . n 
A 1 85  TYR 85  1063 1063 TYR TYR A . n 
A 1 86  ASN 86  1064 1064 ASN ASN A . n 
A 1 87  PRO 87  1065 1065 PRO PRO A . n 
A 1 88  ASP 88  1066 1066 ASP ASP A . n 
A 1 89  ARG 89  1067 1067 ARG ARG A . n 
A 1 90  ASP 90  1068 1068 ASP ASP A . n 
A 1 91  PRO 91  1069 1069 PRO PRO A . n 
A 1 92  GLY 92  1070 1070 GLY GLY A . n 
A 1 93  ASP 93  1071 1071 ASP ASP A . n 
A 1 94  ARG 94  1072 1072 ARG ARG A . n 
A 1 95  LEU 95  1073 1073 LEU LEU A . n 
A 1 96  ILE 96  1074 1074 ILE ILE A . n 
A 1 97  ARG 97  1075 1075 ARG ARG A . n 
A 1 98  HIS 98  1076 1076 HIS HIS A . n 
A 1 99  ARG 99  1077 1077 ARG ARG A . n 
A 1 100 ALA 100 1078 1078 ALA ALA A . n 
A 1 101 CYS 101 1079 1079 CYS CYS A . n 
A 1 102 ALA 102 1080 1080 ALA ALA A . n 
A 1 103 LEU 103 1081 1081 LEU LEU A . n 
A 1 104 ARG 104 1082 1082 ARG ARG A . n 
A 1 105 ASP 105 1083 1083 ASP ASP A . n 
A 1 106 THR 106 1084 1084 THR THR A . n 
A 1 107 ALA 107 1085 1085 ALA ALA A . n 
A 1 108 TYR 108 1086 1086 TYR TYR A . n 
A 1 109 ALA 109 1087 1087 ALA ALA A . n 
A 1 110 ILE 110 1088 1088 ILE ILE A . n 
A 1 111 ILE 111 1089 1089 ILE ILE A . n 
A 1 112 LYS 112 1090 1090 LYS LYS A . n 
A 1 113 GLU 113 1091 1091 GLU GLU A . n 
A 1 114 GLU 114 1092 1092 GLU GLU A . n 
A 1 115 LEU 115 1093 1093 LEU LEU A . n 
A 1 116 ASP 116 1094 1094 ASP ASP A . n 
A 1 117 GLU 117 1095 1095 GLU GLU A . n 
A 1 118 ASP 118 1096 1096 ASP ASP A . n 
A 1 119 PHE 119 1097 1097 PHE PHE A . n 
A 1 120 GLU 120 1098 1098 GLU GLU A . n 
A 1 121 GLN 121 1099 1099 GLN GLN A . n 
A 1 122 LEU 122 1100 1100 LEU LEU A . n 
A 1 123 CYS 123 1101 1101 CYS CYS A . n 
A 1 124 GLU 124 1102 1102 GLU GLU A . n 
A 1 125 GLU 125 1103 1103 GLU GLU A . n 
A 1 126 ILE 126 1104 1104 ILE ILE A . n 
A 1 127 GLN 127 1105 1105 GLN GLN A . n 
A 1 128 GLU 128 1106 1106 GLU GLU A . n 
A 1 129 SER 129 1107 1107 SER SER A . n 
A 1 130 ARG 130 1108 1108 ARG ARG A . n 
# 
loop_
_pdbx_nonpoly_scheme.asym_id 
_pdbx_nonpoly_scheme.entity_id 
_pdbx_nonpoly_scheme.mon_id 
_pdbx_nonpoly_scheme.ndb_seq_num 
_pdbx_nonpoly_scheme.pdb_seq_num 
_pdbx_nonpoly_scheme.auth_seq_num 
_pdbx_nonpoly_scheme.pdb_mon_id 
_pdbx_nonpoly_scheme.auth_mon_id 
_pdbx_nonpoly_scheme.pdb_strand_id 
_pdbx_nonpoly_scheme.pdb_ins_code 
B 2 SO4 1   1201 1   SO4 SO4 A . 
C 2 SO4 1   1202 2   SO4 SO4 A . 
D 2 SO4 1   1203 3   SO4 SO4 A . 
E 3 93L 1   1204 1   93L INH A . 
F 4 HOH 1   1301 207 HOH HOH A . 
F 4 HOH 2   1302 213 HOH HOH A . 
F 4 HOH 3   1303 210 HOH HOH A . 
F 4 HOH 4   1304 138 HOH HOH A . 
F 4 HOH 5   1305 115 HOH HOH A . 
F 4 HOH 6   1306 116 HOH HOH A . 
F 4 HOH 7   1307 114 HOH HOH A . 
F 4 HOH 8   1308 10  HOH HOH A . 
F 4 HOH 9   1309 212 HOH HOH A . 
F 4 HOH 10  1310 90  HOH HOH A . 
F 4 HOH 11  1311 113 HOH HOH A . 
F 4 HOH 12  1312 21  HOH HOH A . 
F 4 HOH 13  1313 34  HOH HOH A . 
F 4 HOH 14  1314 13  HOH HOH A . 
F 4 HOH 15  1315 45  HOH HOH A . 
F 4 HOH 16  1316 54  HOH HOH A . 
F 4 HOH 17  1317 42  HOH HOH A . 
F 4 HOH 18  1318 20  HOH HOH A . 
F 4 HOH 19  1319 27  HOH HOH A . 
F 4 HOH 20  1320 176 HOH HOH A . 
F 4 HOH 21  1321 6   HOH HOH A . 
F 4 HOH 22  1322 58  HOH HOH A . 
F 4 HOH 23  1323 9   HOH HOH A . 
F 4 HOH 24  1324 134 HOH HOH A . 
F 4 HOH 25  1325 141 HOH HOH A . 
F 4 HOH 26  1326 4   HOH HOH A . 
F 4 HOH 27  1327 120 HOH HOH A . 
F 4 HOH 28  1328 117 HOH HOH A . 
F 4 HOH 29  1329 72  HOH HOH A . 
F 4 HOH 30  1330 118 HOH HOH A . 
F 4 HOH 31  1331 188 HOH HOH A . 
F 4 HOH 32  1332 60  HOH HOH A . 
F 4 HOH 33  1333 96  HOH HOH A . 
F 4 HOH 34  1334 64  HOH HOH A . 
F 4 HOH 35  1335 137 HOH HOH A . 
F 4 HOH 36  1336 22  HOH HOH A . 
F 4 HOH 37  1337 171 HOH HOH A . 
F 4 HOH 38  1338 33  HOH HOH A . 
F 4 HOH 39  1339 2   HOH HOH A . 
F 4 HOH 40  1340 140 HOH HOH A . 
F 4 HOH 41  1341 28  HOH HOH A . 
F 4 HOH 42  1342 8   HOH HOH A . 
F 4 HOH 43  1343 63  HOH HOH A . 
F 4 HOH 44  1344 209 HOH HOH A . 
F 4 HOH 45  1345 124 HOH HOH A . 
F 4 HOH 46  1346 39  HOH HOH A . 
F 4 HOH 47  1347 38  HOH HOH A . 
F 4 HOH 48  1348 16  HOH HOH A . 
F 4 HOH 49  1349 177 HOH HOH A . 
F 4 HOH 50  1350 100 HOH HOH A . 
F 4 HOH 51  1351 1   HOH HOH A . 
F 4 HOH 52  1352 12  HOH HOH A . 
F 4 HOH 53  1353 82  HOH HOH A . 
F 4 HOH 54  1354 65  HOH HOH A . 
F 4 HOH 55  1355 106 HOH HOH A . 
F 4 HOH 56  1356 35  HOH HOH A . 
F 4 HOH 57  1357 51  HOH HOH A . 
F 4 HOH 58  1358 121 HOH HOH A . 
F 4 HOH 59  1359 62  HOH HOH A . 
F 4 HOH 60  1360 3   HOH HOH A . 
F 4 HOH 61  1361 128 HOH HOH A . 
F 4 HOH 62  1362 17  HOH HOH A . 
F 4 HOH 63  1363 81  HOH HOH A . 
F 4 HOH 64  1364 59  HOH HOH A . 
F 4 HOH 65  1365 15  HOH HOH A . 
F 4 HOH 66  1366 197 HOH HOH A . 
F 4 HOH 67  1367 53  HOH HOH A . 
F 4 HOH 68  1368 125 HOH HOH A . 
F 4 HOH 69  1369 48  HOH HOH A . 
F 4 HOH 70  1370 70  HOH HOH A . 
F 4 HOH 71  1371 107 HOH HOH A . 
F 4 HOH 72  1372 216 HOH HOH A . 
F 4 HOH 73  1373 29  HOH HOH A . 
F 4 HOH 74  1374 71  HOH HOH A . 
F 4 HOH 75  1375 69  HOH HOH A . 
F 4 HOH 76  1376 214 HOH HOH A . 
F 4 HOH 77  1377 18  HOH HOH A . 
F 4 HOH 78  1378 41  HOH HOH A . 
F 4 HOH 79  1379 135 HOH HOH A . 
F 4 HOH 80  1380 133 HOH HOH A . 
F 4 HOH 81  1381 57  HOH HOH A . 
F 4 HOH 82  1382 93  HOH HOH A . 
F 4 HOH 83  1383 103 HOH HOH A . 
F 4 HOH 84  1384 108 HOH HOH A . 
F 4 HOH 85  1385 75  HOH HOH A . 
F 4 HOH 86  1386 55  HOH HOH A . 
F 4 HOH 87  1387 11  HOH HOH A . 
F 4 HOH 88  1388 104 HOH HOH A . 
F 4 HOH 89  1389 143 HOH HOH A . 
F 4 HOH 90  1390 147 HOH HOH A . 
F 4 HOH 91  1391 208 HOH HOH A . 
F 4 HOH 92  1392 86  HOH HOH A . 
F 4 HOH 93  1393 139 HOH HOH A . 
F 4 HOH 94  1394 85  HOH HOH A . 
F 4 HOH 95  1395 123 HOH HOH A . 
F 4 HOH 96  1396 131 HOH HOH A . 
F 4 HOH 97  1397 74  HOH HOH A . 
F 4 HOH 98  1398 126 HOH HOH A . 
F 4 HOH 99  1399 201 HOH HOH A . 
F 4 HOH 100 1400 150 HOH HOH A . 
F 4 HOH 101 1401 40  HOH HOH A . 
F 4 HOH 102 1402 160 HOH HOH A . 
F 4 HOH 103 1403 132 HOH HOH A . 
F 4 HOH 104 1404 83  HOH HOH A . 
F 4 HOH 105 1405 151 HOH HOH A . 
F 4 HOH 106 1406 68  HOH HOH A . 
F 4 HOH 107 1407 155 HOH HOH A . 
F 4 HOH 108 1408 162 HOH HOH A . 
F 4 HOH 109 1409 169 HOH HOH A . 
F 4 HOH 110 1410 211 HOH HOH A . 
F 4 HOH 111 1411 172 HOH HOH A . 
F 4 HOH 112 1412 95  HOH HOH A . 
F 4 HOH 113 1413 19  HOH HOH A . 
F 4 HOH 114 1414 76  HOH HOH A . 
F 4 HOH 115 1415 164 HOH HOH A . 
F 4 HOH 116 1416 52  HOH HOH A . 
F 4 HOH 117 1417 182 HOH HOH A . 
F 4 HOH 118 1418 43  HOH HOH A . 
F 4 HOH 119 1419 73  HOH HOH A . 
F 4 HOH 120 1420 109 HOH HOH A . 
F 4 HOH 121 1421 66  HOH HOH A . 
F 4 HOH 122 1422 98  HOH HOH A . 
F 4 HOH 123 1423 84  HOH HOH A . 
F 4 HOH 124 1424 163 HOH HOH A . 
F 4 HOH 125 1425 32  HOH HOH A . 
F 4 HOH 126 1426 158 HOH HOH A . 
F 4 HOH 127 1427 89  HOH HOH A . 
F 4 HOH 128 1428 99  HOH HOH A . 
F 4 HOH 129 1429 170 HOH HOH A . 
F 4 HOH 130 1430 206 HOH HOH A . 
F 4 HOH 131 1431 149 HOH HOH A . 
F 4 HOH 132 1432 215 HOH HOH A . 
F 4 HOH 133 1433 168 HOH HOH A . 
F 4 HOH 134 1434 190 HOH HOH A . 
F 4 HOH 135 1435 26  HOH HOH A . 
F 4 HOH 136 1436 144 HOH HOH A . 
F 4 HOH 137 1437 88  HOH HOH A . 
F 4 HOH 138 1438 217 HOH HOH A . 
F 4 HOH 139 1439 181 HOH HOH A . 
F 4 HOH 140 1440 119 HOH HOH A . 
F 4 HOH 141 1441 92  HOH HOH A . 
F 4 HOH 142 1442 94  HOH HOH A . 
F 4 HOH 143 1443 31  HOH HOH A . 
F 4 HOH 144 1444 156 HOH HOH A . 
F 4 HOH 145 1445 102 HOH HOH A . 
F 4 HOH 146 1446 78  HOH HOH A . 
F 4 HOH 147 1447 47  HOH HOH A . 
F 4 HOH 148 1448 97  HOH HOH A . 
F 4 HOH 149 1449 101 HOH HOH A . 
F 4 HOH 150 1450 142 HOH HOH A . 
F 4 HOH 151 1451 195 HOH HOH A . 
F 4 HOH 152 1452 110 HOH HOH A . 
F 4 HOH 153 1453 127 HOH HOH A . 
F 4 HOH 154 1454 148 HOH HOH A . 
F 4 HOH 155 1455 136 HOH HOH A . 
F 4 HOH 156 1456 50  HOH HOH A . 
F 4 HOH 157 1457 154 HOH HOH A . 
F 4 HOH 158 1458 79  HOH HOH A . 
F 4 HOH 159 1459 80  HOH HOH A . 
F 4 HOH 160 1460 87  HOH HOH A . 
F 4 HOH 161 1461 105 HOH HOH A . 
F 4 HOH 162 1462 153 HOH HOH A . 
F 4 HOH 163 1463 194 HOH HOH A . 
F 4 HOH 164 1464 145 HOH HOH A . 
F 4 HOH 165 1465 185 HOH HOH A . 
F 4 HOH 166 1466 205 HOH HOH A . 
F 4 HOH 167 1467 161 HOH HOH A . 
# 
loop_
_software.citation_id 
_software.classification 
_software.compiler_name 
_software.compiler_version 
_software.contact_author 
_software.contact_author_email 
_software.date 
_software.description 
_software.dependencies 
_software.hardware 
_software.language 
_software.location 
_software.mods 
_software.name 
_software.os 
_software.os_version 
_software.type 
_software.version 
_software.pdbx_ordinal 
? 'data scaling'    ? ? ? ? ? ? ? ? ? ? ? Aimless     ? ? ? 0.5.9  1 
? refinement        ? ? ? ? ? ? ? ? ? ? ? BUSTER      ? ? ? 2.11.6 2 
? 'data extraction' ? ? ? ? ? ? ? ? ? ? ? PDB_EXTRACT ? ? ? 3.27   3 
? phasing           ? ? ? ? ? ? ? ? ? ? ? AMoRE       ? ? ? .      4 
# 
_cell.angle_alpha                  90.000 
_cell.angle_alpha_esd              ? 
_cell.angle_beta                   90.000 
_cell.angle_beta_esd               ? 
_cell.angle_gamma                  120.000 
_cell.angle_gamma_esd              ? 
_cell.entry_id                     7Q6W 
_cell.details                      ? 
_cell.formula_units_Z              ? 
_cell.length_a                     79.291 
_cell.length_a_esd                 ? 
_cell.length_b                     79.291 
_cell.length_b_esd                 ? 
_cell.length_c                     138.014 
_cell.length_c_esd                 ? 
_cell.volume                       ? 
_cell.volume_esd                   ? 
_cell.Z_PDB                        12 
_cell.reciprocal_angle_alpha       ? 
_cell.reciprocal_angle_beta        ? 
_cell.reciprocal_angle_gamma       ? 
_cell.reciprocal_angle_alpha_esd   ? 
_cell.reciprocal_angle_beta_esd    ? 
_cell.reciprocal_angle_gamma_esd   ? 
_cell.reciprocal_length_a          ? 
_cell.reciprocal_length_b          ? 
_cell.reciprocal_length_c          ? 
_cell.reciprocal_length_a_esd      ? 
_cell.reciprocal_length_b_esd      ? 
_cell.reciprocal_length_c_esd      ? 
_cell.pdbx_unique_axis             ? 
# 
_symmetry.entry_id                         7Q6W 
_symmetry.cell_setting                     ? 
_symmetry.Int_Tables_number                179 
_symmetry.space_group_name_Hall            ? 
_symmetry.space_group_name_H-M             'P 65 2 2' 
_symmetry.pdbx_full_space_group_name_H-M   ? 
# 
_exptl.absorpt_coefficient_mu     ? 
_exptl.absorpt_correction_T_max   ? 
_exptl.absorpt_correction_T_min   ? 
_exptl.absorpt_correction_type    ? 
_exptl.absorpt_process_details    ? 
_exptl.entry_id                   7Q6W 
_exptl.crystals_number            1 
_exptl.details                    ? 
_exptl.method                     'X-RAY DIFFRACTION' 
_exptl.method_details             ? 
# 
_exptl_crystal.colour                      ? 
_exptl_crystal.density_diffrn              ? 
_exptl_crystal.density_Matthews            4.05 
_exptl_crystal.density_method              ? 
_exptl_crystal.density_percent_sol         69.65 
_exptl_crystal.description                 ? 
_exptl_crystal.F_000                       ? 
_exptl_crystal.id                          1 
_exptl_crystal.preparation                 ? 
_exptl_crystal.size_max                    ? 
_exptl_crystal.size_mid                    ? 
_exptl_crystal.size_min                    ? 
_exptl_crystal.size_rad                    ? 
_exptl_crystal.colour_lustre               ? 
_exptl_crystal.colour_modifier             ? 
_exptl_crystal.colour_primary              ? 
_exptl_crystal.density_meas                ? 
_exptl_crystal.density_meas_esd            ? 
_exptl_crystal.density_meas_gt             ? 
_exptl_crystal.density_meas_lt             ? 
_exptl_crystal.density_meas_temp           ? 
_exptl_crystal.density_meas_temp_esd       ? 
_exptl_crystal.density_meas_temp_gt        ? 
_exptl_crystal.density_meas_temp_lt        ? 
_exptl_crystal.pdbx_crystal_image_url      ? 
_exptl_crystal.pdbx_crystal_image_format   ? 
_exptl_crystal.pdbx_mosaicity              ? 
_exptl_crystal.pdbx_mosaicity_esd          ? 
# 
_exptl_crystal_grow.apparatus       ? 
_exptl_crystal_grow.atmosphere      ? 
_exptl_crystal_grow.crystal_id      1 
_exptl_crystal_grow.details         ? 
_exptl_crystal_grow.method          'VAPOR DIFFUSION' 
_exptl_crystal_grow.method_ref      ? 
_exptl_crystal_grow.pH              6.25 
_exptl_crystal_grow.pressure        ? 
_exptl_crystal_grow.pressure_esd    ? 
_exptl_crystal_grow.seeding         ? 
_exptl_crystal_grow.seeding_ref     ? 
_exptl_crystal_grow.temp            293 
_exptl_crystal_grow.temp_details    ? 
_exptl_crystal_grow.temp_esd        ? 
_exptl_crystal_grow.time            ? 
_exptl_crystal_grow.pdbx_details    
;ATAD2 (981-1108) at 12 mg/ml in 25 mM Tris pH 9.7, 300 mM NaCl, 0.5 mM TCEP crystallised from 20% PEG 3350, 0.2 M ammonium sulfate, 0.1 M Bis-Tris pH 6.25. Ligands were introduced by soaking, cryo-protection with 20 % glycerol.
;
_exptl_crystal_grow.pdbx_pH_range   ? 
# 
_diffrn.ambient_environment              ? 
_diffrn.ambient_temp                     100 
_diffrn.ambient_temp_details             ? 
_diffrn.ambient_temp_esd                 ? 
_diffrn.crystal_id                       1 
_diffrn.crystal_support                  ? 
_diffrn.crystal_treatment                ? 
_diffrn.details                          ? 
_diffrn.id                               1 
_diffrn.ambient_pressure                 ? 
_diffrn.ambient_pressure_esd             ? 
_diffrn.ambient_pressure_gt              ? 
_diffrn.ambient_pressure_lt              ? 
_diffrn.ambient_temp_gt                  ? 
_diffrn.ambient_temp_lt                  ? 
_diffrn.pdbx_serial_crystal_experiment   N 
# 
_diffrn_detector.details                      ? 
_diffrn_detector.detector                     CCD 
_diffrn_detector.diffrn_id                    1 
_diffrn_detector.type                         'RIGAKU SATURN 944+' 
_diffrn_detector.area_resol_mean              ? 
_diffrn_detector.dtime                        ? 
_diffrn_detector.pdbx_frames_total            ? 
_diffrn_detector.pdbx_collection_time_total   ? 
_diffrn_detector.pdbx_collection_date         2015-07-07 
_diffrn_detector.pdbx_frequency               ? 
# 
_diffrn_radiation.collimation                      ? 
_diffrn_radiation.diffrn_id                        1 
_diffrn_radiation.filter_edge                      ? 
_diffrn_radiation.inhomogeneity                    ? 
_diffrn_radiation.monochromator                    ? 
_diffrn_radiation.polarisn_norm                    ? 
_diffrn_radiation.polarisn_ratio                   ? 
_diffrn_radiation.probe                            ? 
_diffrn_radiation.type                             ? 
_diffrn_radiation.xray_symbol                      ? 
_diffrn_radiation.wavelength_id                    1 
_diffrn_radiation.pdbx_monochromatic_or_laue_m_l   M 
_diffrn_radiation.pdbx_wavelength_list             ? 
_diffrn_radiation.pdbx_wavelength                  ? 
_diffrn_radiation.pdbx_diffrn_protocol             'SINGLE WAVELENGTH' 
_diffrn_radiation.pdbx_analyzer                    ? 
_diffrn_radiation.pdbx_scattering_type             x-ray 
# 
_diffrn_radiation_wavelength.id           1 
_diffrn_radiation_wavelength.wavelength   1.5406 
_diffrn_radiation_wavelength.wt           1.0 
# 
_diffrn_source.current                     ? 
_diffrn_source.details                     ? 
_diffrn_source.diffrn_id                   1 
_diffrn_source.power                       ? 
_diffrn_source.size                        ? 
_diffrn_source.source                      'ROTATING ANODE' 
_diffrn_source.target                      ? 
_diffrn_source.type                        'RIGAKU FR-E+' 
_diffrn_source.voltage                     ? 
_diffrn_source.take-off_angle              ? 
_diffrn_source.pdbx_wavelength_list        1.5406 
_diffrn_source.pdbx_wavelength             ? 
_diffrn_source.pdbx_synchrotron_beamline   ? 
_diffrn_source.pdbx_synchrotron_site       ? 
# 
_reflns.B_iso_Wilson_estimate                          27.690 
_reflns.entry_id                                       7Q6W 
_reflns.data_reduction_details                         ? 
_reflns.data_reduction_method                          ? 
_reflns.d_resolution_high                              1.960 
_reflns.d_resolution_low                               48.680 
_reflns.details                                        ? 
_reflns.limit_h_max                                    ? 
_reflns.limit_h_min                                    ? 
_reflns.limit_k_max                                    ? 
_reflns.limit_k_min                                    ? 
_reflns.limit_l_max                                    ? 
_reflns.limit_l_min                                    ? 
_reflns.number_all                                     ? 
_reflns.number_obs                                     17803 
_reflns.observed_criterion                             ? 
_reflns.observed_criterion_F_max                       ? 
_reflns.observed_criterion_F_min                       ? 
_reflns.observed_criterion_I_max                       ? 
_reflns.observed_criterion_I_min                       ? 
_reflns.observed_criterion_sigma_F                     ? 
_reflns.observed_criterion_sigma_I                     ? 
_reflns.percent_possible_obs                           92.400 
_reflns.R_free_details                                 ? 
_reflns.Rmerge_F_all                                   ? 
_reflns.Rmerge_F_obs                                   ? 
_reflns.Friedel_coverage                               ? 
_reflns.number_gt                                      ? 
_reflns.threshold_expression                           ? 
_reflns.pdbx_redundancy                                4.800 
_reflns.pdbx_Rmerge_I_obs                              0.053 
_reflns.pdbx_Rmerge_I_all                              ? 
_reflns.pdbx_Rsym_value                                ? 
_reflns.pdbx_netI_over_av_sigmaI                       ? 
_reflns.pdbx_netI_over_sigmaI                          22.300 
_reflns.pdbx_res_netI_over_av_sigmaI_2                 ? 
_reflns.pdbx_res_netI_over_sigmaI_2                    ? 
_reflns.pdbx_chi_squared                               ? 
_reflns.pdbx_scaling_rejects                           ? 
_reflns.pdbx_d_res_high_opt                            ? 
_reflns.pdbx_d_res_low_opt                             ? 
_reflns.pdbx_d_res_opt_method                          ? 
_reflns.phase_calculation_details                      ? 
_reflns.pdbx_Rrim_I_all                                0.060 
_reflns.pdbx_Rpim_I_all                                0.026 
_reflns.pdbx_d_opt                                     ? 
_reflns.pdbx_number_measured_all                       85891 
_reflns.pdbx_diffrn_id                                 1 
_reflns.pdbx_ordinal                                   1 
_reflns.pdbx_CC_half                                   0.999 
_reflns.pdbx_CC_star                                   ? 
_reflns.pdbx_R_split                                   ? 
_reflns.pdbx_aniso_diffraction_limit_axis_1_ortho[1]   ? 
_reflns.pdbx_aniso_diffraction_limit_axis_1_ortho[2]   ? 
_reflns.pdbx_aniso_diffraction_limit_axis_1_ortho[3]   ? 
_reflns.pdbx_aniso_diffraction_limit_axis_2_ortho[1]   ? 
_reflns.pdbx_aniso_diffraction_limit_axis_2_ortho[2]   ? 
_reflns.pdbx_aniso_diffraction_limit_axis_2_ortho[3]   ? 
_reflns.pdbx_aniso_diffraction_limit_axis_3_ortho[1]   ? 
_reflns.pdbx_aniso_diffraction_limit_axis_3_ortho[2]   ? 
_reflns.pdbx_aniso_diffraction_limit_axis_3_ortho[3]   ? 
_reflns.pdbx_aniso_diffraction_limit_1                 ? 
_reflns.pdbx_aniso_diffraction_limit_2                 ? 
_reflns.pdbx_aniso_diffraction_limit_3                 ? 
_reflns.pdbx_aniso_B_tensor_eigenvector_1_ortho[1]     ? 
_reflns.pdbx_aniso_B_tensor_eigenvector_1_ortho[2]     ? 
_reflns.pdbx_aniso_B_tensor_eigenvector_1_ortho[3]     ? 
_reflns.pdbx_aniso_B_tensor_eigenvector_2_ortho[1]     ? 
_reflns.pdbx_aniso_B_tensor_eigenvector_2_ortho[2]     ? 
_reflns.pdbx_aniso_B_tensor_eigenvector_2_ortho[3]     ? 
_reflns.pdbx_aniso_B_tensor_eigenvector_3_ortho[1]     ? 
_reflns.pdbx_aniso_B_tensor_eigenvector_3_ortho[2]     ? 
_reflns.pdbx_aniso_B_tensor_eigenvector_3_ortho[3]     ? 
_reflns.pdbx_aniso_B_tensor_eigenvalue_1               ? 
_reflns.pdbx_aniso_B_tensor_eigenvalue_2               ? 
_reflns.pdbx_aniso_B_tensor_eigenvalue_3               ? 
_reflns.pdbx_orthogonalization_convention              ? 
_reflns.pdbx_percent_possible_ellipsoidal              ? 
_reflns.pdbx_percent_possible_spherical                ? 
_reflns.pdbx_percent_possible_ellipsoidal_anomalous    ? 
_reflns.pdbx_percent_possible_spherical_anomalous      ? 
_reflns.pdbx_redundancy_anomalous                      ? 
_reflns.pdbx_CC_half_anomalous                         ? 
_reflns.pdbx_absDiff_over_sigma_anomalous              ? 
_reflns.pdbx_percent_possible_anomalous                ? 
_reflns.pdbx_observed_signal_threshold                 ? 
_reflns.pdbx_signal_type                               ? 
_reflns.pdbx_signal_details                            ? 
_reflns.pdbx_signal_software_id                        ? 
# 
loop_
_reflns_shell.d_res_high 
_reflns_shell.d_res_low 
_reflns_shell.meanI_over_sigI_all 
_reflns_shell.meanI_over_sigI_obs 
_reflns_shell.number_measured_all 
_reflns_shell.number_measured_obs 
_reflns_shell.number_possible 
_reflns_shell.number_unique_all 
_reflns_shell.number_unique_obs 
_reflns_shell.percent_possible_all 
_reflns_shell.percent_possible_obs 
_reflns_shell.Rmerge_F_all 
_reflns_shell.Rmerge_F_obs 
_reflns_shell.Rmerge_I_all 
_reflns_shell.Rmerge_I_obs 
_reflns_shell.meanI_over_sigI_gt 
_reflns_shell.meanI_over_uI_all 
_reflns_shell.meanI_over_uI_gt 
_reflns_shell.number_measured_gt 
_reflns_shell.number_unique_gt 
_reflns_shell.percent_possible_gt 
_reflns_shell.Rmerge_F_gt 
_reflns_shell.Rmerge_I_gt 
_reflns_shell.pdbx_redundancy 
_reflns_shell.pdbx_Rsym_value 
_reflns_shell.pdbx_chi_squared 
_reflns_shell.pdbx_netI_over_sigmaI_all 
_reflns_shell.pdbx_netI_over_sigmaI_obs 
_reflns_shell.pdbx_Rrim_I_all 
_reflns_shell.pdbx_Rpim_I_all 
_reflns_shell.pdbx_rejects 
_reflns_shell.pdbx_ordinal 
_reflns_shell.pdbx_diffrn_id 
_reflns_shell.pdbx_CC_half 
_reflns_shell.pdbx_CC_star 
_reflns_shell.pdbx_R_split 
_reflns_shell.pdbx_percent_possible_ellipsoidal 
_reflns_shell.pdbx_percent_possible_spherical 
_reflns_shell.pdbx_percent_possible_ellipsoidal_anomalous 
_reflns_shell.pdbx_percent_possible_spherical_anomalous 
_reflns_shell.pdbx_redundancy_anomalous 
_reflns_shell.pdbx_CC_half_anomalous 
_reflns_shell.pdbx_absDiff_over_sigma_anomalous 
_reflns_shell.pdbx_percent_possible_anomalous 
1.960 2.060  ? ? 6404 ? ? ? 2586 95.400 ? ? ? ? 0.405 ? ? ? ? ? ? ? ? 2.500 ? ? ? 2.600  0.507 0.299 ? 1 1 0.751 ? ? ? ? ? ? ? ? ? 
? 
6.190 48.680 ? ? 3349 ? ? ? 713  99.400 ? ? ? ? 0.019 ? ? ? ? ? ? ? ? 4.700 ? ? ? 67.600 0.021 0.010 ? 2 1 0.999 ? ? ? ? ? ? ? ? ? 
? 
# 
_refine.aniso_B[1][1]                            1.2148 
_refine.aniso_B[1][2]                            0.0000 
_refine.aniso_B[1][3]                            0.0000 
_refine.aniso_B[2][2]                            1.2148 
_refine.aniso_B[2][3]                            0.0000 
_refine.aniso_B[3][3]                            -2.4296 
_refine.B_iso_max                                95.770 
_refine.B_iso_mean                               32.6600 
_refine.B_iso_min                                13.070 
_refine.correlation_coeff_Fo_to_Fc               0.9405 
_refine.correlation_coeff_Fo_to_Fc_free          0.9324 
_refine.details                                  ? 
_refine.diff_density_max                         ? 
_refine.diff_density_max_esd                     ? 
_refine.diff_density_min                         ? 
_refine.diff_density_min_esd                     ? 
_refine.diff_density_rms                         ? 
_refine.diff_density_rms_esd                     ? 
_refine.entry_id                                 7Q6W 
_refine.pdbx_refine_id                           'X-RAY DIFFRACTION' 
_refine.ls_abs_structure_details                 ? 
_refine.ls_abs_structure_Flack                   ? 
_refine.ls_abs_structure_Flack_esd               ? 
_refine.ls_abs_structure_Rogers                  ? 
_refine.ls_abs_structure_Rogers_esd              ? 
_refine.ls_d_res_high                            1.9600 
_refine.ls_d_res_low                             48.6800 
_refine.ls_extinction_coef                       ? 
_refine.ls_extinction_coef_esd                   ? 
_refine.ls_extinction_expression                 ? 
_refine.ls_extinction_method                     ? 
_refine.ls_goodness_of_fit_all                   ? 
_refine.ls_goodness_of_fit_all_esd               ? 
_refine.ls_goodness_of_fit_obs                   ? 
_refine.ls_goodness_of_fit_obs_esd               ? 
_refine.ls_hydrogen_treatment                    ? 
_refine.ls_matrix_type                           ? 
_refine.ls_number_constraints                    ? 
_refine.ls_number_parameters                     ? 
_refine.ls_number_reflns_all                     ? 
_refine.ls_number_reflns_obs                     17671 
_refine.ls_number_reflns_R_free                  897 
_refine.ls_number_reflns_R_work                  ? 
_refine.ls_number_restraints                     ? 
_refine.ls_percent_reflns_obs                    92.4300 
_refine.ls_percent_reflns_R_free                 5.0800 
_refine.ls_R_factor_all                          ? 
_refine.ls_R_factor_obs                          0.1914 
_refine.ls_R_factor_R_free                       0.2103 
_refine.ls_R_factor_R_free_error                 ? 
_refine.ls_R_factor_R_free_error_details         ? 
_refine.ls_R_factor_R_work                       0.1904 
_refine.ls_R_Fsqd_factor_obs                     ? 
_refine.ls_R_I_factor_obs                        ? 
_refine.ls_redundancy_reflns_all                 ? 
_refine.ls_redundancy_reflns_obs                 ? 
_refine.ls_restrained_S_all                      ? 
_refine.ls_restrained_S_obs                      ? 
_refine.ls_shift_over_esd_max                    ? 
_refine.ls_shift_over_esd_mean                   ? 
_refine.ls_structure_factor_coef                 ? 
_refine.ls_weighting_details                     ? 
_refine.ls_weighting_scheme                      ? 
_refine.ls_wR_factor_all                         ? 
_refine.ls_wR_factor_obs                         ? 
_refine.ls_wR_factor_R_free                      ? 
_refine.ls_wR_factor_R_work                      ? 
_refine.occupancy_max                            ? 
_refine.occupancy_min                            ? 
_refine.solvent_model_details                    ? 
_refine.solvent_model_param_bsol                 ? 
_refine.solvent_model_param_ksol                 ? 
_refine.pdbx_R_complete                          ? 
_refine.ls_R_factor_gt                           ? 
_refine.ls_goodness_of_fit_gt                    ? 
_refine.ls_goodness_of_fit_ref                   ? 
_refine.ls_shift_over_su_max                     ? 
_refine.ls_shift_over_su_max_lt                  ? 
_refine.ls_shift_over_su_mean                    ? 
_refine.ls_shift_over_su_mean_lt                 ? 
_refine.pdbx_ls_sigma_I                          ? 
_refine.pdbx_ls_sigma_F                          0.000 
_refine.pdbx_ls_sigma_Fsqd                       ? 
_refine.pdbx_data_cutoff_high_absF               ? 
_refine.pdbx_data_cutoff_high_rms_absF           ? 
_refine.pdbx_data_cutoff_low_absF                ? 
_refine.pdbx_isotropic_thermal_model             ? 
_refine.pdbx_ls_cross_valid_method               THROUGHOUT 
_refine.pdbx_method_to_determine_struct          'MOLECULAR REPLACEMENT' 
_refine.pdbx_starting_model                      'internal model' 
_refine.pdbx_stereochemistry_target_values       ? 
_refine.pdbx_R_Free_selection_details            RANDOM 
_refine.pdbx_stereochem_target_val_spec_case     ? 
_refine.pdbx_overall_ESU_R                       ? 
_refine.pdbx_overall_ESU_R_Free                  ? 
_refine.pdbx_solvent_vdw_probe_radii             ? 
_refine.pdbx_solvent_ion_probe_radii             ? 
_refine.pdbx_solvent_shrinkage_radii             ? 
_refine.pdbx_real_space_R                        ? 
_refine.pdbx_density_correlation                 ? 
_refine.pdbx_pd_number_of_powder_patterns        ? 
_refine.pdbx_pd_number_of_points                 ? 
_refine.pdbx_pd_meas_number_of_points            ? 
_refine.pdbx_pd_proc_ls_prof_R_factor            ? 
_refine.pdbx_pd_proc_ls_prof_wR_factor           ? 
_refine.pdbx_pd_Marquardt_correlation_coeff      ? 
_refine.pdbx_pd_Fsqrd_R_factor                   ? 
_refine.pdbx_pd_ls_matrix_band_width             ? 
_refine.pdbx_overall_phase_error                 ? 
_refine.pdbx_overall_SU_R_free_Cruickshank_DPI   0.1150 
_refine.pdbx_overall_SU_R_free_Blow_DPI          0.1250 
_refine.pdbx_overall_SU_R_Blow_DPI               0.1410 
_refine.pdbx_TLS_residual_ADP_flag               ? 
_refine.pdbx_diffrn_id                           1 
_refine.overall_SU_B                             ? 
_refine.overall_SU_ML                            ? 
_refine.overall_SU_R_Cruickshank_DPI             0.1240 
_refine.overall_SU_R_free                        ? 
_refine.overall_FOM_free_R_set                   ? 
_refine.overall_FOM_work_R_set                   ? 
_refine.pdbx_average_fsc_overall                 ? 
_refine.pdbx_average_fsc_work                    ? 
_refine.pdbx_average_fsc_free                    ? 
# 
_refine_analyze.entry_id                        7Q6W 
_refine_analyze.pdbx_refine_id                  'X-RAY DIFFRACTION' 
_refine_analyze.Luzzati_coordinate_error_free   ? 
_refine_analyze.Luzzati_coordinate_error_obs    0.241 
_refine_analyze.Luzzati_d_res_low_free          ? 
_refine_analyze.Luzzati_d_res_low_obs           ? 
_refine_analyze.Luzzati_sigma_a_free            ? 
_refine_analyze.Luzzati_sigma_a_free_details    ? 
_refine_analyze.Luzzati_sigma_a_obs             ? 
_refine_analyze.Luzzati_sigma_a_obs_details     ? 
_refine_analyze.number_disordered_residues      ? 
_refine_analyze.occupancy_sum_hydrogen          ? 
_refine_analyze.occupancy_sum_non_hydrogen      ? 
_refine_analyze.RG_d_res_high                   ? 
_refine_analyze.RG_d_res_low                    ? 
_refine_analyze.RG_free                         ? 
_refine_analyze.RG_work                         ? 
_refine_analyze.RG_free_work_ratio              ? 
_refine_analyze.pdbx_Luzzati_d_res_high_obs     ? 
# 
_refine_hist.pdbx_refine_id                   'X-RAY DIFFRACTION' 
_refine_hist.cycle_id                         final 
_refine_hist.details                          ? 
_refine_hist.d_res_high                       1.9600 
_refine_hist.d_res_low                        48.6800 
_refine_hist.number_atoms_solvent             167 
_refine_hist.number_atoms_total               1300 
_refine_hist.number_reflns_all                ? 
_refine_hist.number_reflns_obs                ? 
_refine_hist.number_reflns_R_free             ? 
_refine_hist.number_reflns_R_work             ? 
_refine_hist.R_factor_all                     ? 
_refine_hist.R_factor_obs                     ? 
_refine_hist.R_factor_R_free                  ? 
_refine_hist.R_factor_R_work                  ? 
_refine_hist.pdbx_number_residues_total       130 
_refine_hist.pdbx_B_iso_mean_ligand           39.62 
_refine_hist.pdbx_B_iso_mean_solvent          44.74 
_refine_hist.pdbx_number_atoms_protein        1084 
_refine_hist.pdbx_number_atoms_nucleic_acid   0 
_refine_hist.pdbx_number_atoms_ligand         49 
_refine_hist.pdbx_number_atoms_lipid          ? 
_refine_hist.pdbx_number_atoms_carb           ? 
_refine_hist.pdbx_pseudo_atom_details         ? 
# 
loop_
_refine_ls_restr.pdbx_refine_id 
_refine_ls_restr.criterion 
_refine_ls_restr.dev_ideal 
_refine_ls_restr.dev_ideal_target 
_refine_ls_restr.number 
_refine_ls_restr.rejects 
_refine_ls_restr.type 
_refine_ls_restr.weight 
_refine_ls_restr.pdbx_restraint_function 
'X-RAY DIFFRACTION' ? ?      ? 439  ? t_dihedral_angle_d        2.000  SINUSOIDAL   
'X-RAY DIFFRACTION' ? ?      ? 36   ? t_trig_c_planes           2.000  HARMONIC     
'X-RAY DIFFRACTION' ? ?      ? 165  ? t_gen_planes              5.000  HARMONIC     
'X-RAY DIFFRACTION' ? ?      ? 1166 ? t_it                      20.000 HARMONIC     
'X-RAY DIFFRACTION' ? ?      ? ?    ? t_nbd                     ?      ?            
'X-RAY DIFFRACTION' ? ?      ? ?    ? t_improper_torsion        ?      ?            
'X-RAY DIFFRACTION' ? ?      ? ?    ? t_pseud_angle             ?      ?            
'X-RAY DIFFRACTION' ? ?      ? 151  ? t_chiral_improper_torsion 5.000  SEMIHARMONIC 
'X-RAY DIFFRACTION' ? ?      ? ?    ? t_sum_occupancies         ?      ?            
'X-RAY DIFFRACTION' ? ?      ? ?    ? t_utility_distance        ?      ?            
'X-RAY DIFFRACTION' ? ?      ? ?    ? t_utility_angle           ?      ?            
'X-RAY DIFFRACTION' ? ?      ? ?    ? t_utility_torsion         ?      ?            
'X-RAY DIFFRACTION' ? ?      ? 1499 ? t_ideal_dist_contact      4.000  SEMIHARMONIC 
'X-RAY DIFFRACTION' ? 0.010  ? 1166 ? t_bond_d                  2.000  HARMONIC     
'X-RAY DIFFRACTION' ? 0.890  ? 1588 ? t_angle_deg               2.000  HARMONIC     
'X-RAY DIFFRACTION' ? 2.690  ? ?    ? t_omega_torsion           ?      ?            
'X-RAY DIFFRACTION' ? 15.780 ? ?    ? t_other_torsion           ?      ?            
# 
_refine_ls_shell.pdbx_refine_id                   'X-RAY DIFFRACTION' 
_refine_ls_shell.d_res_high                       1.9600 
_refine_ls_shell.d_res_low                        2.0800 
_refine_ls_shell.number_reflns_all                2489 
_refine_ls_shell.number_reflns_obs                ? 
_refine_ls_shell.number_reflns_R_free             127 
_refine_ls_shell.number_reflns_R_work             2362 
_refine_ls_shell.percent_reflns_obs               82.4200 
_refine_ls_shell.percent_reflns_R_free            5.1000 
_refine_ls_shell.R_factor_all                     0.2226 
_refine_ls_shell.R_factor_obs                     ? 
_refine_ls_shell.R_factor_R_free                  0.2770 
_refine_ls_shell.R_factor_R_free_error            0.0000 
_refine_ls_shell.R_factor_R_work                  0.2198 
_refine_ls_shell.redundancy_reflns_all            ? 
_refine_ls_shell.redundancy_reflns_obs            ? 
_refine_ls_shell.wR_factor_all                    ? 
_refine_ls_shell.wR_factor_obs                    ? 
_refine_ls_shell.wR_factor_R_free                 ? 
_refine_ls_shell.wR_factor_R_work                 ? 
_refine_ls_shell.pdbx_R_complete                  ? 
_refine_ls_shell.pdbx_total_number_of_bins_used   9 
_refine_ls_shell.pdbx_phase_error                 ? 
_refine_ls_shell.pdbx_fsc_work                    ? 
_refine_ls_shell.pdbx_fsc_free                    ? 
# 
_struct.entry_id                     7Q6W 
_struct.title                        'Crystal structure of the bromodomain of ATAD2 with triazolopyridazine (cpd 22)' 
_struct.pdbx_model_details           ? 
_struct.pdbx_formula_weight          ? 
_struct.pdbx_formula_weight_method   ? 
_struct.pdbx_model_type_details      ? 
_struct.pdbx_CASP_flag               N 
# 
_struct_keywords.entry_id        7Q6W 
_struct_keywords.text            'bromodomain, epigenetics, GENE REGULATION' 
_struct_keywords.pdbx_keywords   'GENE REGULATION' 
# 
loop_
_struct_asym.id 
_struct_asym.pdbx_blank_PDB_chainid_flag 
_struct_asym.pdbx_modified 
_struct_asym.entity_id 
_struct_asym.details 
A N N 1 ? 
B N N 2 ? 
C N N 2 ? 
D N N 2 ? 
E N N 3 ? 
F N N 4 ? 
# 
_struct_ref.id                         1 
_struct_ref.db_name                    UNP 
_struct_ref.db_code                    ATAD2_HUMAN 
_struct_ref.pdbx_db_accession          Q6PL18 
_struct_ref.pdbx_db_isoform            ? 
_struct_ref.entity_id                  1 
_struct_ref.pdbx_seq_one_letter_code   
;QEEDTFRELRIFLRNVTHRLAIDKRFRVFTKPVDPDEVPDYVTVIKQPMDLSSVISKIDLHKYLTVKDYLRDIDLICSNA
LEYNPDRDPGDRLIRHRACALRDTAYAIIKEELDEDFEQLCEEIQESR
;
_struct_ref.pdbx_align_begin           981 
# 
_struct_ref_seq.align_id                      1 
_struct_ref_seq.ref_id                        1 
_struct_ref_seq.pdbx_PDB_id_code              7Q6W 
_struct_ref_seq.pdbx_strand_id                A 
_struct_ref_seq.seq_align_beg                 3 
_struct_ref_seq.pdbx_seq_align_beg_ins_code   ? 
_struct_ref_seq.seq_align_end                 130 
_struct_ref_seq.pdbx_seq_align_end_ins_code   ? 
_struct_ref_seq.pdbx_db_accession             Q6PL18 
_struct_ref_seq.db_align_beg                  981 
_struct_ref_seq.pdbx_db_align_beg_ins_code    ? 
_struct_ref_seq.db_align_end                  1108 
_struct_ref_seq.pdbx_db_align_end_ins_code    ? 
_struct_ref_seq.pdbx_auth_seq_align_beg       981 
_struct_ref_seq.pdbx_auth_seq_align_end       1108 
# 
loop_
_struct_ref_seq_dif.align_id 
_struct_ref_seq_dif.pdbx_pdb_id_code 
_struct_ref_seq_dif.mon_id 
_struct_ref_seq_dif.pdbx_pdb_strand_id 
_struct_ref_seq_dif.seq_num 
_struct_ref_seq_dif.pdbx_pdb_ins_code 
_struct_ref_seq_dif.pdbx_seq_db_name 
_struct_ref_seq_dif.pdbx_seq_db_accession_code 
_struct_ref_seq_dif.db_mon_id 
_struct_ref_seq_dif.pdbx_seq_db_seq_num 
_struct_ref_seq_dif.details 
_struct_ref_seq_dif.pdbx_auth_seq_num 
_struct_ref_seq_dif.pdbx_ordinal 
1 7Q6W SER A 1 ? UNP Q6PL18 ? ? 'expression tag' 979 1 
1 7Q6W MET A 2 ? UNP Q6PL18 ? ? 'expression tag' 980 2 
# 
_pdbx_struct_assembly.id                   1 
_pdbx_struct_assembly.details              author_and_software_defined_assembly 
_pdbx_struct_assembly.method_details       PISA 
_pdbx_struct_assembly.oligomeric_details   monomeric 
_pdbx_struct_assembly.oligomeric_count     1 
# 
loop_
_pdbx_struct_assembly_prop.biol_id 
_pdbx_struct_assembly_prop.type 
_pdbx_struct_assembly_prop.value 
_pdbx_struct_assembly_prop.details 
1 'ABSA (A^2)' 480  ? 
1 MORE         -34  ? 
1 'SSA (A^2)'  8040 ? 
# 
_pdbx_struct_assembly_gen.assembly_id       1 
_pdbx_struct_assembly_gen.oper_expression   1 
_pdbx_struct_assembly_gen.asym_id_list      A,B,C,D,E,F 
# 
_pdbx_struct_assembly_auth_evidence.id                     1 
_pdbx_struct_assembly_auth_evidence.assembly_id            1 
_pdbx_struct_assembly_auth_evidence.experimental_support   'gel filtration' 
_pdbx_struct_assembly_auth_evidence.details                ? 
# 
_pdbx_struct_oper_list.id                   1 
_pdbx_struct_oper_list.type                 'identity operation' 
_pdbx_struct_oper_list.name                 1_555 
_pdbx_struct_oper_list.symmetry_operation   x,y,z 
_pdbx_struct_oper_list.matrix[1][1]         1.0000000000 
_pdbx_struct_oper_list.matrix[1][2]         0.0000000000 
_pdbx_struct_oper_list.matrix[1][3]         0.0000000000 
_pdbx_struct_oper_list.vector[1]            0.0000000000 
_pdbx_struct_oper_list.matrix[2][1]         0.0000000000 
_pdbx_struct_oper_list.matrix[2][2]         1.0000000000 
_pdbx_struct_oper_list.matrix[2][3]         0.0000000000 
_pdbx_struct_oper_list.vector[2]            0.0000000000 
_pdbx_struct_oper_list.matrix[3][1]         0.0000000000 
_pdbx_struct_oper_list.matrix[3][2]         0.0000000000 
_pdbx_struct_oper_list.matrix[3][3]         1.0000000000 
_pdbx_struct_oper_list.vector[3]            0.0000000000 
# 
loop_
_struct_conf.conf_type_id 
_struct_conf.id 
_struct_conf.pdbx_PDB_helix_id 
_struct_conf.beg_label_comp_id 
_struct_conf.beg_label_asym_id 
_struct_conf.beg_label_seq_id 
_struct_conf.pdbx_beg_PDB_ins_code 
_struct_conf.end_label_comp_id 
_struct_conf.end_label_asym_id 
_struct_conf.end_label_seq_id 
_struct_conf.pdbx_end_PDB_ins_code 
_struct_conf.beg_auth_comp_id 
_struct_conf.beg_auth_asym_id 
_struct_conf.beg_auth_seq_id 
_struct_conf.end_auth_comp_id 
_struct_conf.end_auth_asym_id 
_struct_conf.end_auth_seq_id 
_struct_conf.pdbx_PDB_helix_class 
_struct_conf.details 
_struct_conf.pdbx_PDB_helix_length 
HELX_P HELX_P1 AA1 SER A 1   ? ILE A 24  ? SER A 979  ILE A 1002 1 ? 24 
HELX_P HELX_P2 AA2 ASP A 25  ? THR A 32  ? ASP A 1003 THR A 1010 5 ? 8  
HELX_P HELX_P3 AA3 ASP A 52  ? LEU A 62  ? ASP A 1030 LEU A 1040 1 ? 11 
HELX_P HELX_P4 AA4 THR A 67  ? ASN A 86  ? THR A 1045 ASN A 1064 1 ? 20 
HELX_P HELX_P5 AA5 ASP A 90  ? LEU A 115 ? ASP A 1068 LEU A 1093 1 ? 26 
HELX_P HELX_P6 AA6 ASP A 116 ? ARG A 130 ? ASP A 1094 ARG A 1108 1 ? 15 
# 
_struct_conf_type.id          HELX_P 
_struct_conf_type.criteria    ? 
_struct_conf_type.reference   ? 
# 
loop_
_pdbx_validate_torsion.id 
_pdbx_validate_torsion.PDB_model_num 
_pdbx_validate_torsion.auth_comp_id 
_pdbx_validate_torsion.auth_asym_id 
_pdbx_validate_torsion.auth_seq_id 
_pdbx_validate_torsion.PDB_ins_code 
_pdbx_validate_torsion.label_alt_id 
_pdbx_validate_torsion.phi 
_pdbx_validate_torsion.psi 
1 1 TYR A 1021 ? ? -93.20  -65.82 
2 1 GLN A 1027 ? ? -119.29 79.79  
3 1 ASN A 1064 ? ? -119.07 64.46  
# 
loop_
_pdbx_struct_special_symmetry.id 
_pdbx_struct_special_symmetry.PDB_model_num 
_pdbx_struct_special_symmetry.auth_asym_id 
_pdbx_struct_special_symmetry.auth_comp_id 
_pdbx_struct_special_symmetry.auth_seq_id 
_pdbx_struct_special_symmetry.PDB_ins_code 
_pdbx_struct_special_symmetry.label_asym_id 
_pdbx_struct_special_symmetry.label_comp_id 
_pdbx_struct_special_symmetry.label_seq_id 
1 1 A SO4 1203 ? D SO4 . 
2 1 A HOH 1372 ? F HOH . 
# 
_pdbx_entry_details.entry_id                 7Q6W 
_pdbx_entry_details.has_ligand_of_interest   Y 
_pdbx_entry_details.compound_details         ? 
_pdbx_entry_details.source_details           ? 
_pdbx_entry_details.nonpolymer_details       ? 
_pdbx_entry_details.sequence_details         ? 
# 
loop_
_pdbx_distant_solvent_atoms.id 
_pdbx_distant_solvent_atoms.PDB_model_num 
_pdbx_distant_solvent_atoms.auth_atom_id 
_pdbx_distant_solvent_atoms.label_alt_id 
_pdbx_distant_solvent_atoms.auth_asym_id 
_pdbx_distant_solvent_atoms.auth_comp_id 
_pdbx_distant_solvent_atoms.auth_seq_id 
_pdbx_distant_solvent_atoms.PDB_ins_code 
_pdbx_distant_solvent_atoms.neighbor_macromolecule_distance 
_pdbx_distant_solvent_atoms.neighbor_ligand_distance 
1 1 O ? A HOH 1464 ? 6.36  . 
2 1 O ? A HOH 1465 ? 8.71  . 
3 1 O ? A HOH 1466 ? 14.99 . 
4 1 O ? A HOH 1467 ? 20.19 . 
# 
loop_
_chem_comp_atom.comp_id 
_chem_comp_atom.atom_id 
_chem_comp_atom.type_symbol 
_chem_comp_atom.pdbx_aromatic_flag 
_chem_comp_atom.pdbx_stereo_config 
_chem_comp_atom.pdbx_ordinal 
93L C1   C Y N 1   
93L C2   C Y N 2   
93L C3   C Y N 3   
93L N6   N N N 4   
93L C7   C N N 5   
93L C8   C N N 6   
93L C9   C N N 7   
93L C10  C N N 8   
93L C11  C N N 9   
93L C12  C N N 10  
93L C13  C N S 11  
93L C14  C N N 12  
93L C15  C Y N 13  
93L C16  C Y N 14  
93L C19  C Y N 15  
93L C20  C Y N 16  
93L C21  C N R 17  
93L C22  C N N 18  
93L O1   O N N 19  
93L C23  C N N 20  
93L N7   N N N 21  
93L C18  C Y N 22  
93L C17  C Y N 23  
93L O    O N N 24  
93L N3   N Y N 25  
93L N2   N Y N 26  
93L C    C N N 27  
93L C4   C Y N 28  
93L C5   C Y N 29  
93L N1   N Y N 30  
93L N    N Y N 31  
93L N4   N N N 32  
93L C6   C N N 33  
93L N5   N N N 34  
93L H1   H N N 35  
93L H2   H N N 36  
93L H3   H N N 37  
93L H4   H N N 38  
93L H5   H N N 39  
93L H6   H N N 40  
93L H7   H N N 41  
93L H8   H N N 42  
93L H9   H N N 43  
93L H10  H N N 44  
93L H11  H N N 45  
93L H12  H N N 46  
93L H13  H N N 47  
93L H14  H N N 48  
93L H15  H N N 49  
93L H16  H N N 50  
93L H17  H N N 51  
93L H18  H N N 52  
93L H19  H N N 53  
93L H20  H N N 54  
93L H21  H N N 55  
93L H22  H N N 56  
93L H23  H N N 57  
93L H24  H N N 58  
93L H25  H N N 59  
93L H26  H N N 60  
93L H27  H N N 61  
93L H28  H N N 62  
ALA N    N N N 63  
ALA CA   C N S 64  
ALA C    C N N 65  
ALA O    O N N 66  
ALA CB   C N N 67  
ALA OXT  O N N 68  
ALA H    H N N 69  
ALA H2   H N N 70  
ALA HA   H N N 71  
ALA HB1  H N N 72  
ALA HB2  H N N 73  
ALA HB3  H N N 74  
ALA HXT  H N N 75  
ARG N    N N N 76  
ARG CA   C N S 77  
ARG C    C N N 78  
ARG O    O N N 79  
ARG CB   C N N 80  
ARG CG   C N N 81  
ARG CD   C N N 82  
ARG NE   N N N 83  
ARG CZ   C N N 84  
ARG NH1  N N N 85  
ARG NH2  N N N 86  
ARG OXT  O N N 87  
ARG H    H N N 88  
ARG H2   H N N 89  
ARG HA   H N N 90  
ARG HB2  H N N 91  
ARG HB3  H N N 92  
ARG HG2  H N N 93  
ARG HG3  H N N 94  
ARG HD2  H N N 95  
ARG HD3  H N N 96  
ARG HE   H N N 97  
ARG HH11 H N N 98  
ARG HH12 H N N 99  
ARG HH21 H N N 100 
ARG HH22 H N N 101 
ARG HXT  H N N 102 
ASN N    N N N 103 
ASN CA   C N S 104 
ASN C    C N N 105 
ASN O    O N N 106 
ASN CB   C N N 107 
ASN CG   C N N 108 
ASN OD1  O N N 109 
ASN ND2  N N N 110 
ASN OXT  O N N 111 
ASN H    H N N 112 
ASN H2   H N N 113 
ASN HA   H N N 114 
ASN HB2  H N N 115 
ASN HB3  H N N 116 
ASN HD21 H N N 117 
ASN HD22 H N N 118 
ASN HXT  H N N 119 
ASP N    N N N 120 
ASP CA   C N S 121 
ASP C    C N N 122 
ASP O    O N N 123 
ASP CB   C N N 124 
ASP CG   C N N 125 
ASP OD1  O N N 126 
ASP OD2  O N N 127 
ASP OXT  O N N 128 
ASP H    H N N 129 
ASP H2   H N N 130 
ASP HA   H N N 131 
ASP HB2  H N N 132 
ASP HB3  H N N 133 
ASP HD2  H N N 134 
ASP HXT  H N N 135 
CYS N    N N N 136 
CYS CA   C N R 137 
CYS C    C N N 138 
CYS O    O N N 139 
CYS CB   C N N 140 
CYS SG   S N N 141 
CYS OXT  O N N 142 
CYS H    H N N 143 
CYS H2   H N N 144 
CYS HA   H N N 145 
CYS HB2  H N N 146 
CYS HB3  H N N 147 
CYS HG   H N N 148 
CYS HXT  H N N 149 
GLN N    N N N 150 
GLN CA   C N S 151 
GLN C    C N N 152 
GLN O    O N N 153 
GLN CB   C N N 154 
GLN CG   C N N 155 
GLN CD   C N N 156 
GLN OE1  O N N 157 
GLN NE2  N N N 158 
GLN OXT  O N N 159 
GLN H    H N N 160 
GLN H2   H N N 161 
GLN HA   H N N 162 
GLN HB2  H N N 163 
GLN HB3  H N N 164 
GLN HG2  H N N 165 
GLN HG3  H N N 166 
GLN HE21 H N N 167 
GLN HE22 H N N 168 
GLN HXT  H N N 169 
GLU N    N N N 170 
GLU CA   C N S 171 
GLU C    C N N 172 
GLU O    O N N 173 
GLU CB   C N N 174 
GLU CG   C N N 175 
GLU CD   C N N 176 
GLU OE1  O N N 177 
GLU OE2  O N N 178 
GLU OXT  O N N 179 
GLU H    H N N 180 
GLU H2   H N N 181 
GLU HA   H N N 182 
GLU HB2  H N N 183 
GLU HB3  H N N 184 
GLU HG2  H N N 185 
GLU HG3  H N N 186 
GLU HE2  H N N 187 
GLU HXT  H N N 188 
GLY N    N N N 189 
GLY CA   C N N 190 
GLY C    C N N 191 
GLY O    O N N 192 
GLY OXT  O N N 193 
GLY H    H N N 194 
GLY H2   H N N 195 
GLY HA2  H N N 196 
GLY HA3  H N N 197 
GLY HXT  H N N 198 
HIS N    N N N 199 
HIS CA   C N S 200 
HIS C    C N N 201 
HIS O    O N N 202 
HIS CB   C N N 203 
HIS CG   C Y N 204 
HIS ND1  N Y N 205 
HIS CD2  C Y N 206 
HIS CE1  C Y N 207 
HIS NE2  N Y N 208 
HIS OXT  O N N 209 
HIS H    H N N 210 
HIS H2   H N N 211 
HIS HA   H N N 212 
HIS HB2  H N N 213 
HIS HB3  H N N 214 
HIS HD1  H N N 215 
HIS HD2  H N N 216 
HIS HE1  H N N 217 
HIS HE2  H N N 218 
HIS HXT  H N N 219 
HOH O    O N N 220 
HOH H1   H N N 221 
HOH H2   H N N 222 
ILE N    N N N 223 
ILE CA   C N S 224 
ILE C    C N N 225 
ILE O    O N N 226 
ILE CB   C N S 227 
ILE CG1  C N N 228 
ILE CG2  C N N 229 
ILE CD1  C N N 230 
ILE OXT  O N N 231 
ILE H    H N N 232 
ILE H2   H N N 233 
ILE HA   H N N 234 
ILE HB   H N N 235 
ILE HG12 H N N 236 
ILE HG13 H N N 237 
ILE HG21 H N N 238 
ILE HG22 H N N 239 
ILE HG23 H N N 240 
ILE HD11 H N N 241 
ILE HD12 H N N 242 
ILE HD13 H N N 243 
ILE HXT  H N N 244 
LEU N    N N N 245 
LEU CA   C N S 246 
LEU C    C N N 247 
LEU O    O N N 248 
LEU CB   C N N 249 
LEU CG   C N N 250 
LEU CD1  C N N 251 
LEU CD2  C N N 252 
LEU OXT  O N N 253 
LEU H    H N N 254 
LEU H2   H N N 255 
LEU HA   H N N 256 
LEU HB2  H N N 257 
LEU HB3  H N N 258 
LEU HG   H N N 259 
LEU HD11 H N N 260 
LEU HD12 H N N 261 
LEU HD13 H N N 262 
LEU HD21 H N N 263 
LEU HD22 H N N 264 
LEU HD23 H N N 265 
LEU HXT  H N N 266 
LYS N    N N N 267 
LYS CA   C N S 268 
LYS C    C N N 269 
LYS O    O N N 270 
LYS CB   C N N 271 
LYS CG   C N N 272 
LYS CD   C N N 273 
LYS CE   C N N 274 
LYS NZ   N N N 275 
LYS OXT  O N N 276 
LYS H    H N N 277 
LYS H2   H N N 278 
LYS HA   H N N 279 
LYS HB2  H N N 280 
LYS HB3  H N N 281 
LYS HG2  H N N 282 
LYS HG3  H N N 283 
LYS HD2  H N N 284 
LYS HD3  H N N 285 
LYS HE2  H N N 286 
LYS HE3  H N N 287 
LYS HZ1  H N N 288 
LYS HZ2  H N N 289 
LYS HZ3  H N N 290 
LYS HXT  H N N 291 
MET N    N N N 292 
MET CA   C N S 293 
MET C    C N N 294 
MET O    O N N 295 
MET CB   C N N 296 
MET CG   C N N 297 
MET SD   S N N 298 
MET CE   C N N 299 
MET OXT  O N N 300 
MET H    H N N 301 
MET H2   H N N 302 
MET HA   H N N 303 
MET HB2  H N N 304 
MET HB3  H N N 305 
MET HG2  H N N 306 
MET HG3  H N N 307 
MET HE1  H N N 308 
MET HE2  H N N 309 
MET HE3  H N N 310 
MET HXT  H N N 311 
PHE N    N N N 312 
PHE CA   C N S 313 
PHE C    C N N 314 
PHE O    O N N 315 
PHE CB   C N N 316 
PHE CG   C Y N 317 
PHE CD1  C Y N 318 
PHE CD2  C Y N 319 
PHE CE1  C Y N 320 
PHE CE2  C Y N 321 
PHE CZ   C Y N 322 
PHE OXT  O N N 323 
PHE H    H N N 324 
PHE H2   H N N 325 
PHE HA   H N N 326 
PHE HB2  H N N 327 
PHE HB3  H N N 328 
PHE HD1  H N N 329 
PHE HD2  H N N 330 
PHE HE1  H N N 331 
PHE HE2  H N N 332 
PHE HZ   H N N 333 
PHE HXT  H N N 334 
PRO N    N N N 335 
PRO CA   C N S 336 
PRO C    C N N 337 
PRO O    O N N 338 
PRO CB   C N N 339 
PRO CG   C N N 340 
PRO CD   C N N 341 
PRO OXT  O N N 342 
PRO H    H N N 343 
PRO HA   H N N 344 
PRO HB2  H N N 345 
PRO HB3  H N N 346 
PRO HG2  H N N 347 
PRO HG3  H N N 348 
PRO HD2  H N N 349 
PRO HD3  H N N 350 
PRO HXT  H N N 351 
SER N    N N N 352 
SER CA   C N S 353 
SER C    C N N 354 
SER O    O N N 355 
SER CB   C N N 356 
SER OG   O N N 357 
SER OXT  O N N 358 
SER H    H N N 359 
SER H2   H N N 360 
SER HA   H N N 361 
SER HB2  H N N 362 
SER HB3  H N N 363 
SER HG   H N N 364 
SER HXT  H N N 365 
SO4 S    S N N 366 
SO4 O1   O N N 367 
SO4 O2   O N N 368 
SO4 O3   O N N 369 
SO4 O4   O N N 370 
THR N    N N N 371 
THR CA   C N S 372 
THR C    C N N 373 
THR O    O N N 374 
THR CB   C N R 375 
THR OG1  O N N 376 
THR CG2  C N N 377 
THR OXT  O N N 378 
THR H    H N N 379 
THR H2   H N N 380 
THR HA   H N N 381 
THR HB   H N N 382 
THR HG1  H N N 383 
THR HG21 H N N 384 
THR HG22 H N N 385 
THR HG23 H N N 386 
THR HXT  H N N 387 
TYR N    N N N 388 
TYR CA   C N S 389 
TYR C    C N N 390 
TYR O    O N N 391 
TYR CB   C N N 392 
TYR CG   C Y N 393 
TYR CD1  C Y N 394 
TYR CD2  C Y N 395 
TYR CE1  C Y N 396 
TYR CE2  C Y N 397 
TYR CZ   C Y N 398 
TYR OH   O N N 399 
TYR OXT  O N N 400 
TYR H    H N N 401 
TYR H2   H N N 402 
TYR HA   H N N 403 
TYR HB2  H N N 404 
TYR HB3  H N N 405 
TYR HD1  H N N 406 
TYR HD2  H N N 407 
TYR HE1  H N N 408 
TYR HE2  H N N 409 
TYR HH   H N N 410 
TYR HXT  H N N 411 
VAL N    N N N 412 
VAL CA   C N S 413 
VAL C    C N N 414 
VAL O    O N N 415 
VAL CB   C N N 416 
VAL CG1  C N N 417 
VAL CG2  C N N 418 
VAL OXT  O N N 419 
VAL H    H N N 420 
VAL H2   H N N 421 
VAL HA   H N N 422 
VAL HB   H N N 423 
VAL HG11 H N N 424 
VAL HG12 H N N 425 
VAL HG13 H N N 426 
VAL HG21 H N N 427 
VAL HG22 H N N 428 
VAL HG23 H N N 429 
VAL HXT  H N N 430 
# 
loop_
_chem_comp_bond.comp_id 
_chem_comp_bond.atom_id_1 
_chem_comp_bond.atom_id_2 
_chem_comp_bond.value_order 
_chem_comp_bond.pdbx_aromatic_flag 
_chem_comp_bond.pdbx_stereo_config 
_chem_comp_bond.pdbx_ordinal 
93L C18 C17  doub Y N 1   
93L C18 C19  sing Y N 2   
93L C17 C16  sing Y N 3   
93L C19 C20  doub Y N 4   
93L C16 C15  doub Y N 5   
93L C20 C15  sing Y N 6   
93L C20 C21  sing N N 7   
93L C15 C14  sing N N 8   
93L C21 C22  sing N N 9   
93L C21 N6   sing N N 10  
93L C22 N7   sing N N 11  
93L C14 C13  sing N N 12  
93L N6  C12  sing N N 13  
93L N6  C13  sing N N 14  
93L O   C12  doub N N 15  
93L N7  C23  sing N N 16  
93L C12 C3   sing N N 17  
93L C13 C23  sing N N 18  
93L C23 O1   doub N N 19  
93L C   C1   sing N N 20  
93L N3  C3   doub Y N 21  
93L N3  N2   sing Y N 22  
93L C3  C4   sing Y N 23  
93L N2  C1   sing Y N 24  
93L N2  C2   sing Y N 25  
93L C1  N    doub Y N 26  
93L C4  C5   doub Y N 27  
93L N   N1   sing Y N 28  
93L C2  C5   sing Y N 29  
93L C2  N1   doub Y N 30  
93L C5  N4   sing N N 31  
93L N4  C6   sing N N 32  
93L C6  C7   sing N N 33  
93L C6  C10  sing N N 34  
93L C7  C8   sing N N 35  
93L C8  N5   sing N N 36  
93L C10 C9   sing N N 37  
93L C9  N5   sing N N 38  
93L N5  C11  sing N N 39  
93L C7  H1   sing N N 40  
93L C7  H2   sing N N 41  
93L C8  H3   sing N N 42  
93L C8  H4   sing N N 43  
93L C9  H5   sing N N 44  
93L C9  H6   sing N N 45  
93L C10 H7   sing N N 46  
93L C10 H8   sing N N 47  
93L C11 H9   sing N N 48  
93L C11 H10  sing N N 49  
93L C11 H11  sing N N 50  
93L C13 H12  sing N N 51  
93L C14 H13  sing N N 52  
93L C14 H14  sing N N 53  
93L C16 H15  sing N N 54  
93L C19 H16  sing N N 55  
93L C21 H17  sing N N 56  
93L C22 H18  sing N N 57  
93L C22 H19  sing N N 58  
93L N7  H20  sing N N 59  
93L C18 H21  sing N N 60  
93L C17 H22  sing N N 61  
93L C   H23  sing N N 62  
93L C   H24  sing N N 63  
93L C   H25  sing N N 64  
93L C4  H26  sing N N 65  
93L N4  H27  sing N N 66  
93L C6  H28  sing N N 67  
ALA N   CA   sing N N 68  
ALA N   H    sing N N 69  
ALA N   H2   sing N N 70  
ALA CA  C    sing N N 71  
ALA CA  CB   sing N N 72  
ALA CA  HA   sing N N 73  
ALA C   O    doub N N 74  
ALA C   OXT  sing N N 75  
ALA CB  HB1  sing N N 76  
ALA CB  HB2  sing N N 77  
ALA CB  HB3  sing N N 78  
ALA OXT HXT  sing N N 79  
ARG N   CA   sing N N 80  
ARG N   H    sing N N 81  
ARG N   H2   sing N N 82  
ARG CA  C    sing N N 83  
ARG CA  CB   sing N N 84  
ARG CA  HA   sing N N 85  
ARG C   O    doub N N 86  
ARG C   OXT  sing N N 87  
ARG CB  CG   sing N N 88  
ARG CB  HB2  sing N N 89  
ARG CB  HB3  sing N N 90  
ARG CG  CD   sing N N 91  
ARG CG  HG2  sing N N 92  
ARG CG  HG3  sing N N 93  
ARG CD  NE   sing N N 94  
ARG CD  HD2  sing N N 95  
ARG CD  HD3  sing N N 96  
ARG NE  CZ   sing N N 97  
ARG NE  HE   sing N N 98  
ARG CZ  NH1  sing N N 99  
ARG CZ  NH2  doub N N 100 
ARG NH1 HH11 sing N N 101 
ARG NH1 HH12 sing N N 102 
ARG NH2 HH21 sing N N 103 
ARG NH2 HH22 sing N N 104 
ARG OXT HXT  sing N N 105 
ASN N   CA   sing N N 106 
ASN N   H    sing N N 107 
ASN N   H2   sing N N 108 
ASN CA  C    sing N N 109 
ASN CA  CB   sing N N 110 
ASN CA  HA   sing N N 111 
ASN C   O    doub N N 112 
ASN C   OXT  sing N N 113 
ASN CB  CG   sing N N 114 
ASN CB  HB2  sing N N 115 
ASN CB  HB3  sing N N 116 
ASN CG  OD1  doub N N 117 
ASN CG  ND2  sing N N 118 
ASN ND2 HD21 sing N N 119 
ASN ND2 HD22 sing N N 120 
ASN OXT HXT  sing N N 121 
ASP N   CA   sing N N 122 
ASP N   H    sing N N 123 
ASP N   H2   sing N N 124 
ASP CA  C    sing N N 125 
ASP CA  CB   sing N N 126 
ASP CA  HA   sing N N 127 
ASP C   O    doub N N 128 
ASP C   OXT  sing N N 129 
ASP CB  CG   sing N N 130 
ASP CB  HB2  sing N N 131 
ASP CB  HB3  sing N N 132 
ASP CG  OD1  doub N N 133 
ASP CG  OD2  sing N N 134 
ASP OD2 HD2  sing N N 135 
ASP OXT HXT  sing N N 136 
CYS N   CA   sing N N 137 
CYS N   H    sing N N 138 
CYS N   H2   sing N N 139 
CYS CA  C    sing N N 140 
CYS CA  CB   sing N N 141 
CYS CA  HA   sing N N 142 
CYS C   O    doub N N 143 
CYS C   OXT  sing N N 144 
CYS CB  SG   sing N N 145 
CYS CB  HB2  sing N N 146 
CYS CB  HB3  sing N N 147 
CYS SG  HG   sing N N 148 
CYS OXT HXT  sing N N 149 
GLN N   CA   sing N N 150 
GLN N   H    sing N N 151 
GLN N   H2   sing N N 152 
GLN CA  C    sing N N 153 
GLN CA  CB   sing N N 154 
GLN CA  HA   sing N N 155 
GLN C   O    doub N N 156 
GLN C   OXT  sing N N 157 
GLN CB  CG   sing N N 158 
GLN CB  HB2  sing N N 159 
GLN CB  HB3  sing N N 160 
GLN CG  CD   sing N N 161 
GLN CG  HG2  sing N N 162 
GLN CG  HG3  sing N N 163 
GLN CD  OE1  doub N N 164 
GLN CD  NE2  sing N N 165 
GLN NE2 HE21 sing N N 166 
GLN NE2 HE22 sing N N 167 
GLN OXT HXT  sing N N 168 
GLU N   CA   sing N N 169 
GLU N   H    sing N N 170 
GLU N   H2   sing N N 171 
GLU CA  C    sing N N 172 
GLU CA  CB   sing N N 173 
GLU CA  HA   sing N N 174 
GLU C   O    doub N N 175 
GLU C   OXT  sing N N 176 
GLU CB  CG   sing N N 177 
GLU CB  HB2  sing N N 178 
GLU CB  HB3  sing N N 179 
GLU CG  CD   sing N N 180 
GLU CG  HG2  sing N N 181 
GLU CG  HG3  sing N N 182 
GLU CD  OE1  doub N N 183 
GLU CD  OE2  sing N N 184 
GLU OE2 HE2  sing N N 185 
GLU OXT HXT  sing N N 186 
GLY N   CA   sing N N 187 
GLY N   H    sing N N 188 
GLY N   H2   sing N N 189 
GLY CA  C    sing N N 190 
GLY CA  HA2  sing N N 191 
GLY CA  HA3  sing N N 192 
GLY C   O    doub N N 193 
GLY C   OXT  sing N N 194 
GLY OXT HXT  sing N N 195 
HIS N   CA   sing N N 196 
HIS N   H    sing N N 197 
HIS N   H2   sing N N 198 
HIS CA  C    sing N N 199 
HIS CA  CB   sing N N 200 
HIS CA  HA   sing N N 201 
HIS C   O    doub N N 202 
HIS C   OXT  sing N N 203 
HIS CB  CG   sing N N 204 
HIS CB  HB2  sing N N 205 
HIS CB  HB3  sing N N 206 
HIS CG  ND1  sing Y N 207 
HIS CG  CD2  doub Y N 208 
HIS ND1 CE1  doub Y N 209 
HIS ND1 HD1  sing N N 210 
HIS CD2 NE2  sing Y N 211 
HIS CD2 HD2  sing N N 212 
HIS CE1 NE2  sing Y N 213 
HIS CE1 HE1  sing N N 214 
HIS NE2 HE2  sing N N 215 
HIS OXT HXT  sing N N 216 
HOH O   H1   sing N N 217 
HOH O   H2   sing N N 218 
ILE N   CA   sing N N 219 
ILE N   H    sing N N 220 
ILE N   H2   sing N N 221 
ILE CA  C    sing N N 222 
ILE CA  CB   sing N N 223 
ILE CA  HA   sing N N 224 
ILE C   O    doub N N 225 
ILE C   OXT  sing N N 226 
ILE CB  CG1  sing N N 227 
ILE CB  CG2  sing N N 228 
ILE CB  HB   sing N N 229 
ILE CG1 CD1  sing N N 230 
ILE CG1 HG12 sing N N 231 
ILE CG1 HG13 sing N N 232 
ILE CG2 HG21 sing N N 233 
ILE CG2 HG22 sing N N 234 
ILE CG2 HG23 sing N N 235 
ILE CD1 HD11 sing N N 236 
ILE CD1 HD12 sing N N 237 
ILE CD1 HD13 sing N N 238 
ILE OXT HXT  sing N N 239 
LEU N   CA   sing N N 240 
LEU N   H    sing N N 241 
LEU N   H2   sing N N 242 
LEU CA  C    sing N N 243 
LEU CA  CB   sing N N 244 
LEU CA  HA   sing N N 245 
LEU C   O    doub N N 246 
LEU C   OXT  sing N N 247 
LEU CB  CG   sing N N 248 
LEU CB  HB2  sing N N 249 
LEU CB  HB3  sing N N 250 
LEU CG  CD1  sing N N 251 
LEU CG  CD2  sing N N 252 
LEU CG  HG   sing N N 253 
LEU CD1 HD11 sing N N 254 
LEU CD1 HD12 sing N N 255 
LEU CD1 HD13 sing N N 256 
LEU CD2 HD21 sing N N 257 
LEU CD2 HD22 sing N N 258 
LEU CD2 HD23 sing N N 259 
LEU OXT HXT  sing N N 260 
LYS N   CA   sing N N 261 
LYS N   H    sing N N 262 
LYS N   H2   sing N N 263 
LYS CA  C    sing N N 264 
LYS CA  CB   sing N N 265 
LYS CA  HA   sing N N 266 
LYS C   O    doub N N 267 
LYS C   OXT  sing N N 268 
LYS CB  CG   sing N N 269 
LYS CB  HB2  sing N N 270 
LYS CB  HB3  sing N N 271 
LYS CG  CD   sing N N 272 
LYS CG  HG2  sing N N 273 
LYS CG  HG3  sing N N 274 
LYS CD  CE   sing N N 275 
LYS CD  HD2  sing N N 276 
LYS CD  HD3  sing N N 277 
LYS CE  NZ   sing N N 278 
LYS CE  HE2  sing N N 279 
LYS CE  HE3  sing N N 280 
LYS NZ  HZ1  sing N N 281 
LYS NZ  HZ2  sing N N 282 
LYS NZ  HZ3  sing N N 283 
LYS OXT HXT  sing N N 284 
MET N   CA   sing N N 285 
MET N   H    sing N N 286 
MET N   H2   sing N N 287 
MET CA  C    sing N N 288 
MET CA  CB   sing N N 289 
MET CA  HA   sing N N 290 
MET C   O    doub N N 291 
MET C   OXT  sing N N 292 
MET CB  CG   sing N N 293 
MET CB  HB2  sing N N 294 
MET CB  HB3  sing N N 295 
MET CG  SD   sing N N 296 
MET CG  HG2  sing N N 297 
MET CG  HG3  sing N N 298 
MET SD  CE   sing N N 299 
MET CE  HE1  sing N N 300 
MET CE  HE2  sing N N 301 
MET CE  HE3  sing N N 302 
MET OXT HXT  sing N N 303 
PHE N   CA   sing N N 304 
PHE N   H    sing N N 305 
PHE N   H2   sing N N 306 
PHE CA  C    sing N N 307 
PHE CA  CB   sing N N 308 
PHE CA  HA   sing N N 309 
PHE C   O    doub N N 310 
PHE C   OXT  sing N N 311 
PHE CB  CG   sing N N 312 
PHE CB  HB2  sing N N 313 
PHE CB  HB3  sing N N 314 
PHE CG  CD1  doub Y N 315 
PHE CG  CD2  sing Y N 316 
PHE CD1 CE1  sing Y N 317 
PHE CD1 HD1  sing N N 318 
PHE CD2 CE2  doub Y N 319 
PHE CD2 HD2  sing N N 320 
PHE CE1 CZ   doub Y N 321 
PHE CE1 HE1  sing N N 322 
PHE CE2 CZ   sing Y N 323 
PHE CE2 HE2  sing N N 324 
PHE CZ  HZ   sing N N 325 
PHE OXT HXT  sing N N 326 
PRO N   CA   sing N N 327 
PRO N   CD   sing N N 328 
PRO N   H    sing N N 329 
PRO CA  C    sing N N 330 
PRO CA  CB   sing N N 331 
PRO CA  HA   sing N N 332 
PRO C   O    doub N N 333 
PRO C   OXT  sing N N 334 
PRO CB  CG   sing N N 335 
PRO CB  HB2  sing N N 336 
PRO CB  HB3  sing N N 337 
PRO CG  CD   sing N N 338 
PRO CG  HG2  sing N N 339 
PRO CG  HG3  sing N N 340 
PRO CD  HD2  sing N N 341 
PRO CD  HD3  sing N N 342 
PRO OXT HXT  sing N N 343 
SER N   CA   sing N N 344 
SER N   H    sing N N 345 
SER N   H2   sing N N 346 
SER CA  C    sing N N 347 
SER CA  CB   sing N N 348 
SER CA  HA   sing N N 349 
SER C   O    doub N N 350 
SER C   OXT  sing N N 351 
SER CB  OG   sing N N 352 
SER CB  HB2  sing N N 353 
SER CB  HB3  sing N N 354 
SER OG  HG   sing N N 355 
SER OXT HXT  sing N N 356 
SO4 S   O1   doub N N 357 
SO4 S   O2   doub N N 358 
SO4 S   O3   sing N N 359 
SO4 S   O4   sing N N 360 
THR N   CA   sing N N 361 
THR N   H    sing N N 362 
THR N   H2   sing N N 363 
THR CA  C    sing N N 364 
THR CA  CB   sing N N 365 
THR CA  HA   sing N N 366 
THR C   O    doub N N 367 
THR C   OXT  sing N N 368 
THR CB  OG1  sing N N 369 
THR CB  CG2  sing N N 370 
THR CB  HB   sing N N 371 
THR OG1 HG1  sing N N 372 
THR CG2 HG21 sing N N 373 
THR CG2 HG22 sing N N 374 
THR CG2 HG23 sing N N 375 
THR OXT HXT  sing N N 376 
TYR N   CA   sing N N 377 
TYR N   H    sing N N 378 
TYR N   H2   sing N N 379 
TYR CA  C    sing N N 380 
TYR CA  CB   sing N N 381 
TYR CA  HA   sing N N 382 
TYR C   O    doub N N 383 
TYR C   OXT  sing N N 384 
TYR CB  CG   sing N N 385 
TYR CB  HB2  sing N N 386 
TYR CB  HB3  sing N N 387 
TYR CG  CD1  doub Y N 388 
TYR CG  CD2  sing Y N 389 
TYR CD1 CE1  sing Y N 390 
TYR CD1 HD1  sing N N 391 
TYR CD2 CE2  doub Y N 392 
TYR CD2 HD2  sing N N 393 
TYR CE1 CZ   doub Y N 394 
TYR CE1 HE1  sing N N 395 
TYR CE2 CZ   sing Y N 396 
TYR CE2 HE2  sing N N 397 
TYR CZ  OH   sing N N 398 
TYR OH  HH   sing N N 399 
TYR OXT HXT  sing N N 400 
VAL N   CA   sing N N 401 
VAL N   H    sing N N 402 
VAL N   H2   sing N N 403 
VAL CA  C    sing N N 404 
VAL CA  CB   sing N N 405 
VAL CA  HA   sing N N 406 
VAL C   O    doub N N 407 
VAL C   OXT  sing N N 408 
VAL CB  CG1  sing N N 409 
VAL CB  CG2  sing N N 410 
VAL CB  HB   sing N N 411 
VAL CG1 HG11 sing N N 412 
VAL CG1 HG12 sing N N 413 
VAL CG1 HG13 sing N N 414 
VAL CG2 HG21 sing N N 415 
VAL CG2 HG22 sing N N 416 
VAL CG2 HG23 sing N N 417 
VAL OXT HXT  sing N N 418 
# 
_pdbx_audit_support.funding_organization   'Not funded' 
_pdbx_audit_support.country                ? 
_pdbx_audit_support.grant_number           ? 
_pdbx_audit_support.ordinal                1 
# 
_pdbx_entity_instance_feature.ordinal        1 
_pdbx_entity_instance_feature.comp_id        93L 
_pdbx_entity_instance_feature.asym_id        ? 
_pdbx_entity_instance_feature.seq_num        ? 
_pdbx_entity_instance_feature.auth_comp_id   93L 
_pdbx_entity_instance_feature.auth_asym_id   ? 
_pdbx_entity_instance_feature.auth_seq_num   ? 
_pdbx_entity_instance_feature.feature_type   'SUBJECT OF INVESTIGATION' 
_pdbx_entity_instance_feature.details        ? 
# 
_pdbx_initial_refinement_model.accession_code   ? 
_pdbx_initial_refinement_model.id               1 
_pdbx_initial_refinement_model.entity_id_list   ? 
_pdbx_initial_refinement_model.type             other 
_pdbx_initial_refinement_model.source_name      ? 
_pdbx_initial_refinement_model.details          'internal model' 
# 
_atom_sites.entry_id                    7Q6W 
_atom_sites.Cartn_transf_matrix[1][1]   ? 
_atom_sites.Cartn_transf_matrix[1][2]   ? 
_atom_sites.Cartn_transf_matrix[1][3]   ? 
_atom_sites.Cartn_transf_matrix[2][1]   ? 
_atom_sites.Cartn_transf_matrix[2][2]   ? 
_atom_sites.Cartn_transf_matrix[2][3]   ? 
_atom_sites.Cartn_transf_matrix[3][1]   ? 
_atom_sites.Cartn_transf_matrix[3][2]   ? 
_atom_sites.Cartn_transf_matrix[3][3]   ? 
_atom_sites.Cartn_transf_vector[1]      ? 
_atom_sites.Cartn_transf_vector[2]      ? 
_atom_sites.Cartn_transf_vector[3]      ? 
_atom_sites.fract_transf_matrix[1][1]   -0.00397816 
_atom_sites.fract_transf_matrix[1][2]   -0.00454508 
_atom_sites.fract_transf_matrix[1][3]   0.01325111 
_atom_sites.fract_transf_matrix[2][1]   0.00543856 
_atom_sites.fract_transf_matrix[2][2]   0.00647620 
_atom_sites.fract_transf_matrix[2][3]   0.01185588 
_atom_sites.fract_transf_matrix[3][1]   -0.00551149 
_atom_sites.fract_transf_matrix[3][2]   0.00470386 
_atom_sites.fract_transf_matrix[3][3]   -0.00004121 
_atom_sites.fract_transf_vector[1]      0.400019 
_atom_sites.fract_transf_vector[2]      0.537720 
_atom_sites.fract_transf_vector[3]      0.191946 
_atom_sites.solution_primary            ? 
_atom_sites.solution_secondary          ? 
_atom_sites.solution_hydrogens          ? 
_atom_sites.special_details             ? 
# 
loop_
_atom_type.symbol 
C 
N 
O 
S 
# 
loop_
_atom_site.group_PDB 
_atom_site.id 
_atom_site.type_symbol 
_atom_site.label_atom_id 
_atom_site.label_alt_id 
_atom_site.label_comp_id 
_atom_site.label_asym_id 
_atom_site.label_entity_id 
_atom_site.label_seq_id 
_atom_site.pdbx_PDB_ins_code 
_atom_site.Cartn_x 
_atom_site.Cartn_y 
_atom_site.Cartn_z 
_atom_site.occupancy 
_atom_site.B_iso_or_equiv 
_atom_site.pdbx_formal_charge 
_atom_site.auth_seq_id 
_atom_site.auth_comp_id 
_atom_site.auth_asym_id 
_atom_site.auth_atom_id 
_atom_site.pdbx_PDB_model_num 
ATOM   1    N N   . SER A 1 1   ? 20.725  14.768  6.756   1.00 54.01 ? 979  SER A N   1 
ATOM   2    C CA  . SER A 1 1   ? 22.104  14.279  6.730   1.00 54.00 ? 979  SER A CA  1 
ATOM   3    C C   . SER A 1 1   ? 22.269  13.055  5.815   1.00 60.12 ? 979  SER A C   1 
ATOM   4    O O   . SER A 1 1   ? 21.278  12.486  5.351   1.00 59.36 ? 979  SER A O   1 
ATOM   5    C CB  . SER A 1 1   ? 22.579  13.946  8.143   1.00 56.27 ? 979  SER A CB  1 
ATOM   6    O OG  . SER A 1 1   ? 22.125  12.673  8.577   1.00 60.21 ? 979  SER A OG  1 
ATOM   7    N N   . MET A 1 2   ? 23.529  12.636  5.589   1.00 58.12 ? 980  MET A N   1 
ATOM   8    C CA  . MET A 1 2   ? 23.868  11.465  4.781   1.00 58.39 ? 980  MET A CA  1 
ATOM   9    C C   . MET A 1 2   ? 23.391  10.176  5.463   1.00 57.06 ? 980  MET A C   1 
ATOM   10   O O   . MET A 1 2   ? 22.908  9.273   4.782   1.00 56.99 ? 980  MET A O   1 
ATOM   11   C CB  . MET A 1 2   ? 25.378  11.414  4.498   1.00 62.03 ? 980  MET A CB  1 
ATOM   12   C CG  . MET A 1 2   ? 25.711  11.165  3.037   1.00 67.75 ? 980  MET A CG  1 
ATOM   13   S SD  . MET A 1 2   ? 25.501  9.429   2.520   1.00 74.07 ? 980  MET A SD  1 
ATOM   14   C CE  . MET A 1 2   ? 23.976  9.547   1.547   1.00 70.44 ? 980  MET A CE  1 
ATOM   15   N N   . GLN A 1 3   ? 23.494  10.108  6.804   1.00 49.39 ? 981  GLN A N   1 
ATOM   16   C CA  . GLN A 1 3   ? 23.045  8.961   7.611   1.00 47.39 ? 981  GLN A CA  1 
ATOM   17   C C   . GLN A 1 3   ? 21.515  8.825   7.548   1.00 43.74 ? 981  GLN A C   1 
ATOM   18   O O   . GLN A 1 3   ? 20.993  7.715   7.581   1.00 40.67 ? 981  GLN A O   1 
ATOM   19   C CB  . GLN A 1 3   ? 23.514  9.094   9.081   1.00 49.01 ? 981  GLN A CB  1 
ATOM   20   C CG  . GLN A 1 3   ? 25.001  8.763   9.297   1.00 68.92 ? 981  GLN A CG  1 
ATOM   21   C CD  . GLN A 1 3   ? 25.979  9.862   8.907   1.00 88.44 ? 981  GLN A CD  1 
ATOM   22   O OE1 . GLN A 1 3   ? 25.611  10.971  8.487   1.00 81.96 ? 981  GLN A OE1 1 
ATOM   23   N NE2 . GLN A 1 3   ? 27.263  9.573   9.053   1.00 82.07 ? 981  GLN A NE2 1 
ATOM   24   N N   . GLU A 1 4   ? 20.820  9.965   7.459   1.00 37.38 ? 982  GLU A N   1 
ATOM   25   C CA  . GLU A 1 4   ? 19.368  10.054  7.347   1.00 35.58 ? 982  GLU A CA  1 
ATOM   26   C C   . GLU A 1 4   ? 18.942  9.597   5.962   1.00 35.69 ? 982  GLU A C   1 
ATOM   27   O O   . GLU A 1 4   ? 17.957  8.874   5.839   1.00 33.05 ? 982  GLU A O   1 
ATOM   28   C CB  . GLU A 1 4   ? 18.901  11.479  7.612   1.00 36.50 ? 982  GLU A CB  1 
ATOM   29   C CG  . GLU A 1 4   ? 18.968  11.842  9.086   1.00 45.80 ? 982  GLU A CG  1 
ATOM   30   C CD  . GLU A 1 4   ? 18.643  13.280  9.432   1.00 56.28 ? 982  GLU A CD  1 
ATOM   31   O OE1 . GLU A 1 4   ? 18.514  14.116  8.505   1.00 47.35 ? 982  GLU A OE1 1 
ATOM   32   O OE2 . GLU A 1 4   ? 18.508  13.568  10.641  1.00 37.11 ? 982  GLU A OE2 1 
ATOM   33   N N   . GLU A 1 5   ? 19.715  9.967   4.921   1.00 30.65 ? 983  GLU A N   1 
ATOM   34   C CA  . GLU A 1 5   ? 19.409  9.518   3.565   1.00 30.49 ? 983  GLU A CA  1 
ATOM   35   C C   . GLU A 1 5   ? 19.595  7.995   3.429   1.00 28.97 ? 983  GLU A C   1 
ATOM   36   O O   . GLU A 1 5   ? 18.817  7.353   2.729   1.00 25.42 ? 983  GLU A O   1 
ATOM   37   C CB  . GLU A 1 5   ? 20.190  10.323  2.504   1.00 32.95 ? 983  GLU A CB  1 
ATOM   38   C CG  . GLU A 1 5   ? 19.742  11.783  2.384   1.00 50.27 ? 983  GLU A CG  1 
ATOM   39   C CD  . GLU A 1 5   ? 18.250  12.078  2.487   1.00 81.19 ? 983  GLU A CD  1 
ATOM   40   O OE1 . GLU A 1 5   ? 17.453  11.458  1.742   1.00 83.38 ? 983  GLU A OE1 1 
ATOM   41   O OE2 . GLU A 1 5   ? 17.878  12.931  3.327   1.00 72.56 ? 983  GLU A OE2 1 
ATOM   42   N N   . ASP A 1 6   ? 20.595  7.423   4.144   1.00 24.77 ? 984  ASP A N   1 
ATOM   43   C CA  . ASP A 1 6   ? 20.837  5.985   4.199   1.00 24.22 ? 984  ASP A CA  1 
ATOM   44   C C   . ASP A 1 6   ? 19.617  5.300   4.860   1.00 24.09 ? 984  ASP A C   1 
ATOM   45   O O   . ASP A 1 6   ? 19.212  4.229   4.420   1.00 22.27 ? 984  ASP A O   1 
ATOM   46   C CB  . ASP A 1 6   ? 22.082  5.686   5.049   1.00 26.57 ? 984  ASP A CB  1 
ATOM   47   C CG  . ASP A 1 6   ? 23.418  5.946   4.382   1.00 38.09 ? 984  ASP A CG  1 
ATOM   48   O OD1 . ASP A 1 6   ? 23.435  6.199   3.167   1.00 37.67 ? 984  ASP A OD1 1 
ATOM   49   O OD2 . ASP A 1 6   ? 24.446  5.849   5.073   1.00 47.80 ? 984  ASP A OD2 1 
ATOM   50   N N   . THR A 1 7   ? 19.084  5.910   5.938   1.00 19.32 ? 985  THR A N   1 
ATOM   51   C CA  . THR A 1 7   ? 17.891  5.415   6.648   1.00 19.94 ? 985  THR A CA  1 
ATOM   52   C C   . THR A 1 7   ? 16.707  5.309   5.684   1.00 22.23 ? 985  THR A C   1 
ATOM   53   O O   . THR A 1 7   ? 16.140  4.224   5.526   1.00 20.81 ? 985  THR A O   1 
ATOM   54   C CB  . THR A 1 7   ? 17.582  6.288   7.878   1.00 24.51 ? 985  THR A CB  1 
ATOM   55   O OG1 . THR A 1 7   ? 18.701  6.192   8.771   1.00 24.39 ? 985  THR A OG1 1 
ATOM   56   C CG2 . THR A 1 7   ? 16.312  5.833   8.611   1.00 24.24 ? 985  THR A CG2 1 
ATOM   57   N N   . PHE A 1 8   ? 16.370  6.413   5.018   1.00 18.58 ? 986  PHE A N   1 
ATOM   58   C CA  . PHE A 1 8   ? 15.274  6.433   4.050   1.00 19.46 ? 986  PHE A CA  1 
ATOM   59   C C   . PHE A 1 8   ? 15.510  5.493   2.872   1.00 21.26 ? 986  PHE A C   1 
ATOM   60   O O   . PHE A 1 8   ? 14.552  4.919   2.391   1.00 20.99 ? 986  PHE A O   1 
ATOM   61   C CB  . PHE A 1 8   ? 14.951  7.868   3.596   1.00 21.34 ? 986  PHE A CB  1 
ATOM   62   C CG  . PHE A 1 8   ? 14.438  8.734   4.727   1.00 22.26 ? 986  PHE A CG  1 
ATOM   63   C CD1 . PHE A 1 8   ? 13.439  8.272   5.584   1.00 24.12 ? 986  PHE A CD1 1 
ATOM   64   C CD2 . PHE A 1 8   ? 14.932  10.020  4.918   1.00 24.31 ? 986  PHE A CD2 1 
ATOM   65   C CE1 . PHE A 1 8   ? 12.947  9.076   6.613   1.00 24.71 ? 986  PHE A CE1 1 
ATOM   66   C CE2 . PHE A 1 8   ? 14.428  10.831  5.935   1.00 26.19 ? 986  PHE A CE2 1 
ATOM   67   C CZ  . PHE A 1 8   ? 13.454  10.349  6.786   1.00 24.75 ? 986  PHE A CZ  1 
ATOM   68   N N   . ARG A 1 9   ? 16.771  5.298   2.432   1.00 17.43 ? 987  ARG A N   1 
ATOM   69   C CA  . ARG A 1 9   ? 17.057  4.369   1.336   1.00 16.84 ? 987  ARG A CA  1 
ATOM   70   C C   . ARG A 1 9   ? 16.714  2.937   1.799   1.00 19.41 ? 987  ARG A C   1 
ATOM   71   O O   . ARG A 1 9   ? 16.046  2.206   1.057   1.00 18.11 ? 987  ARG A O   1 
ATOM   72   C CB  . ARG A 1 9   ? 18.514  4.455   0.900   1.00 18.29 ? 987  ARG A CB  1 
ATOM   73   C CG  . ARG A 1 9   ? 18.783  3.507   -0.260  1.00 28.70 ? 987  ARG A CG  1 
ATOM   74   C CD  . ARG A 1 9   ? 19.903  3.952   -1.166  1.00 31.29 ? 987  ARG A CD  1 
ATOM   75   N NE  . ARG A 1 9   ? 20.000  3.064   -2.327  1.00 35.61 ? 987  ARG A NE  1 
ATOM   76   C CZ  . ARG A 1 9   ? 20.732  1.955   -2.385  1.00 47.57 ? 987  ARG A CZ  1 
ATOM   77   N NH1 . ARG A 1 9   ? 21.448  1.563   -1.331  1.00 34.91 ? 987  ARG A NH1 1 
ATOM   78   N NH2 . ARG A 1 9   ? 20.760  1.230   -3.493  1.00 32.90 ? 987  ARG A NH2 1 
ATOM   79   N N   . GLU A 1 10  ? 17.149  2.554   3.034   1.00 15.16 ? 988  GLU A N   1 
ATOM   80   C CA  . GLU A 1 10  ? 16.810  1.247   3.608   1.00 14.97 ? 988  GLU A CA  1 
ATOM   81   C C   . GLU A 1 10  ? 15.290  1.088   3.711   1.00 18.85 ? 988  GLU A C   1 
ATOM   82   O O   . GLU A 1 10  ? 14.777  0.015   3.406   1.00 17.79 ? 988  GLU A O   1 
ATOM   83   C CB  . GLU A 1 10  ? 17.448  1.044   4.978   1.00 15.82 ? 988  GLU A CB  1 
ATOM   84   C CG  . GLU A 1 10  ? 17.039  -0.300  5.570   1.00 16.86 ? 988  GLU A CG  1 
ATOM   85   C CD  . GLU A 1 10  ? 17.867  -0.769  6.737   1.00 28.78 ? 988  GLU A CD  1 
ATOM   86   O OE1 . GLU A 1 10  ? 17.587  -1.881  7.238   1.00 21.08 ? 988  GLU A OE1 1 
ATOM   87   O OE2 . GLU A 1 10  ? 18.871  -0.094  7.064   1.00 22.53 ? 988  GLU A OE2 1 
ATOM   88   N N   . LEU A 1 11  ? 14.575  2.152   4.150   1.00 16.12 ? 989  LEU A N   1 
ATOM   89   C CA  . LEU A 1 11  ? 13.113  2.104   4.217   1.00 16.81 ? 989  LEU A CA  1 
ATOM   90   C C   . LEU A 1 11  ? 12.523  1.798   2.825   1.00 19.63 ? 989  LEU A C   1 
ATOM   91   O O   . LEU A 1 11  ? 11.651  0.943   2.726   1.00 18.51 ? 989  LEU A O   1 
ATOM   92   C CB  . LEU A 1 11  ? 12.527  3.424   4.749   1.00 16.28 ? 989  LEU A CB  1 
ATOM   93   C CG  . LEU A 1 11  ? 11.003  3.562   4.662   1.00 19.43 ? 989  LEU A CG  1 
ATOM   94   C CD1 . LEU A 1 11  ? 10.301  2.577   5.596   1.00 18.60 ? 989  LEU A CD1 1 
ATOM   95   C CD2 . LEU A 1 11  ? 10.590  4.948   4.999   1.00 21.25 ? 989  LEU A CD2 1 
ATOM   96   N N   . ARG A 1 12  ? 12.994  2.492   1.765   1.00 16.37 ? 990  ARG A N   1 
ATOM   97   C CA  . ARG A 1 12  ? 12.499  2.256   0.399   1.00 16.13 ? 990  ARG A CA  1 
ATOM   98   C C   . ARG A 1 12  ? 12.739  0.820   -0.055  1.00 18.22 ? 990  ARG A C   1 
ATOM   99   O O   . ARG A 1 12  ? 11.855  0.228   -0.661  1.00 16.95 ? 990  ARG A O   1 
ATOM   100  C CB  . ARG A 1 12  ? 13.106  3.248   -0.613  1.00 15.22 ? 990  ARG A CB  1 
ATOM   101  C CG  . ARG A 1 12  ? 12.718  4.705   -0.353  1.00 17.97 ? 990  ARG A CG  1 
ATOM   102  C CD  . ARG A 1 12  ? 13.103  5.570   -1.551  1.00 18.74 ? 990  ARG A CD  1 
ATOM   103  N NE  . ARG A 1 12  ? 14.555  5.665   -1.757  1.00 18.44 ? 990  ARG A NE  1 
ATOM   104  C CZ  . ARG A 1 12  ? 15.344  6.545   -1.148  1.00 23.49 ? 990  ARG A CZ  1 
ATOM   105  N NH1 . ARG A 1 12  ? 14.847  7.386   -0.254  1.00 18.01 ? 990  ARG A NH1 1 
ATOM   106  N NH2 . ARG A 1 12  ? 16.640  6.578   -1.415  1.00 18.33 ? 990  ARG A NH2 1 
ATOM   107  N N   . ILE A 1 13  ? 13.923  0.261   0.239   1.00 14.06 ? 991  ILE A N   1 
ATOM   108  C CA  . ILE A 1 13  ? 14.258  -1.126  -0.120  1.00 14.66 ? 991  ILE A CA  1 
ATOM   109  C C   . ILE A 1 13  ? 13.289  -2.079  0.597   1.00 18.66 ? 991  ILE A C   1 
ATOM   110  O O   . ILE A 1 13  ? 12.748  -2.985  -0.037  1.00 18.89 ? 991  ILE A O   1 
ATOM   111  C CB  . ILE A 1 13  ? 15.748  -1.467  0.196   1.00 16.87 ? 991  ILE A CB  1 
ATOM   112  C CG1 . ILE A 1 13  ? 16.684  -0.648  -0.734  1.00 16.81 ? 991  ILE A CG1 1 
ATOM   113  C CG2 . ILE A 1 13  ? 16.006  -2.986  0.055   1.00 17.36 ? 991  ILE A CG2 1 
ATOM   114  C CD1 . ILE A 1 13  ? 18.137  -0.486  -0.173  1.00 17.91 ? 991  ILE A CD1 1 
ATOM   115  N N   . PHE A 1 14  ? 13.068  -1.857  1.897   1.00 14.12 ? 992  PHE A N   1 
ATOM   116  C CA  . PHE A 1 14  ? 12.146  -2.684  2.687   1.00 14.43 ? 992  PHE A CA  1 
ATOM   117  C C   . PHE A 1 14  ? 10.728  -2.560  2.082   1.00 17.56 ? 992  PHE A C   1 
ATOM   118  O O   . PHE A 1 14  ? 10.073  -3.579  1.839   1.00 16.50 ? 992  PHE A O   1 
ATOM   119  C CB  . PHE A 1 14  ? 12.189  -2.264  4.169   1.00 16.47 ? 992  PHE A CB  1 
ATOM   120  C CG  . PHE A 1 14  ? 11.121  -2.906  5.033   1.00 18.56 ? 992  PHE A CG  1 
ATOM   121  C CD1 . PHE A 1 14  ? 11.238  -4.235  5.447   1.00 20.82 ? 992  PHE A CD1 1 
ATOM   122  C CD2 . PHE A 1 14  ? 9.983   -2.198  5.395   1.00 19.37 ? 992  PHE A CD2 1 
ATOM   123  C CE1 . PHE A 1 14  ? 10.236  -4.832  6.227   1.00 20.35 ? 992  PHE A CE1 1 
ATOM   124  C CE2 . PHE A 1 14  ? 8.984   -2.796  6.181   1.00 21.80 ? 992  PHE A CE2 1 
ATOM   125  C CZ  . PHE A 1 14  ? 9.124   -4.104  6.593   1.00 19.04 ? 992  PHE A CZ  1 
ATOM   126  N N   . LEU A 1 15  ? 10.269  -1.324  1.806   1.00 14.72 ? 993  LEU A N   1 
ATOM   127  C CA  . LEU A 1 15  ? 8.924   -1.142  1.224   1.00 13.47 ? 993  LEU A CA  1 
ATOM   128  C C   . LEU A 1 15  ? 8.759   -1.751  -0.160  1.00 18.82 ? 993  LEU A C   1 
ATOM   129  O O   . LEU A 1 15  ? 7.687   -2.309  -0.444  1.00 16.86 ? 993  LEU A O   1 
ATOM   130  C CB  . LEU A 1 15  ? 8.464   0.322   1.217   1.00 13.07 ? 993  LEU A CB  1 
ATOM   131  C CG  . LEU A 1 15  ? 8.387   1.038   2.580   1.00 16.44 ? 993  LEU A CG  1 
ATOM   132  C CD1 . LEU A 1 15  ? 7.988   2.491   2.363   1.00 16.53 ? 993  LEU A CD1 1 
ATOM   133  C CD2 . LEU A 1 15  ? 7.441   0.285   3.555   1.00 13.69 ? 993  LEU A CD2 1 
ATOM   134  N N   . ARG A 1 16  ? 9.780   -1.647  -1.031  1.00 14.74 ? 994  ARG A N   1 
ATOM   135  C CA  . ARG A 1 16  ? 9.678   -2.288  -2.352  1.00 15.41 ? 994  ARG A CA  1 
ATOM   136  C C   . ARG A 1 16  ? 9.517   -3.816  -2.208  1.00 17.74 ? 994  ARG A C   1 
ATOM   137  O O   . ARG A 1 16  ? 8.727   -4.421  -2.922  1.00 15.41 ? 994  ARG A O   1 
ATOM   138  C CB  . ARG A 1 16  ? 10.937  -2.032  -3.192  1.00 18.11 ? 994  ARG A CB  1 
ATOM   139  C CG  . ARG A 1 16  ? 10.902  -0.733  -3.923  1.00 21.93 ? 994  ARG A CG  1 
ATOM   140  C CD  . ARG A 1 16  ? 12.105  -0.591  -4.844  1.00 20.22 ? 994  ARG A CD  1 
ATOM   141  N NE  . ARG A 1 16  ? 12.375  0.830   -4.963  1.00 17.69 ? 994  ARG A NE  1 
ATOM   142  C CZ  . ARG A 1 16  ? 13.281  1.506   -4.268  1.00 30.16 ? 994  ARG A CZ  1 
ATOM   143  N NH1 . ARG A 1 16  ? 14.160  0.862   -3.504  1.00 21.76 ? 994  ARG A NH1 1 
ATOM   144  N NH2 . ARG A 1 16  ? 13.370  2.821   -4.394  1.00 20.16 ? 994  ARG A NH2 1 
ATOM   145  N N   . ASN A 1 17  ? 10.293  -4.430  -1.319  1.00 15.64 ? 995  ASN A N   1 
ATOM   146  C CA  . ASN A 1 17  ? 10.245  -5.880  -1.098  1.00 16.51 ? 995  ASN A CA  1 
ATOM   147  C C   . ASN A 1 17  ? 8.859   -6.340  -0.615  1.00 20.24 ? 995  ASN A C   1 
ATOM   148  O O   . ASN A 1 17  ? 8.358   -7.324  -1.145  1.00 19.95 ? 995  ASN A O   1 
ATOM   149  C CB  . ASN A 1 17  ? 11.342  -6.314  -0.125  1.00 14.99 ? 995  ASN A CB  1 
ATOM   150  C CG  . ASN A 1 17  ? 11.256  -7.779  0.238   1.00 32.57 ? 995  ASN A CG  1 
ATOM   151  O OD1 . ASN A 1 17  ? 10.695  -8.133  1.264   1.00 18.84 ? 995  ASN A OD1 1 
ATOM   152  N ND2 . ASN A 1 17  ? 11.837  -8.656  -0.577  1.00 30.81 ? 995  ASN A ND2 1 
ATOM   153  N N   . VAL A 1 18  ? 8.271   -5.659  0.393   1.00 16.99 ? 996  VAL A N   1 
ATOM   154  C CA  . VAL A 1 18  ? 6.926   -5.980  0.919   1.00 15.90 ? 996  VAL A CA  1 
ATOM   155  C C   . VAL A 1 18  ? 5.915   -5.854  -0.231  1.00 18.40 ? 996  VAL A C   1 
ATOM   156  O O   . VAL A 1 18  ? 5.131   -6.767  -0.457  1.00 16.69 ? 996  VAL A O   1 
ATOM   157  C CB  . VAL A 1 18  ? 6.519   -5.082  2.122   1.00 18.69 ? 996  VAL A CB  1 
ATOM   158  C CG1 . VAL A 1 18  ? 5.077   -5.363  2.586   1.00 18.94 ? 996  VAL A CG1 1 
ATOM   159  C CG2 . VAL A 1 18  ? 7.497   -5.246  3.278   1.00 17.71 ? 996  VAL A CG2 1 
ATOM   160  N N   . THR A 1 19  ? 5.996   -4.756  -1.002  1.00 14.72 ? 997  THR A N   1 
ATOM   161  C CA  . THR A 1 19  ? 5.070   -4.492  -2.115  1.00 13.52 ? 997  THR A CA  1 
ATOM   162  C C   . THR A 1 19  ? 5.198   -5.567  -3.181  1.00 16.73 ? 997  THR A C   1 
ATOM   163  O O   . THR A 1 19  ? 4.180   -6.040  -3.676  1.00 16.81 ? 997  THR A O   1 
ATOM   164  C CB  . THR A 1 19  ? 5.264   -3.063  -2.671  1.00 15.60 ? 997  THR A CB  1 
ATOM   165  O OG1 . THR A 1 19  ? 5.253   -2.126  -1.572  1.00 16.74 ? 997  THR A OG1 1 
ATOM   166  C CG2 . THR A 1 19  ? 4.153   -2.692  -3.670  1.00 15.94 ? 997  THR A CG2 1 
ATOM   167  N N   . HIS A 1 20  ? 6.426   -5.974  -3.510  1.00 15.19 ? 998  HIS A N   1 
ATOM   168  C CA  . HIS A 1 20  ? 6.663   -7.046  -4.494  1.00 15.54 ? 998  HIS A CA  1 
ATOM   169  C C   . HIS A 1 20  ? 6.007   -8.352  -4.039  1.00 18.52 ? 998  HIS A C   1 
ATOM   170  O O   . HIS A 1 20  ? 5.372   -9.039  -4.833  1.00 17.38 ? 998  HIS A O   1 
ATOM   171  C CB  . HIS A 1 20  ? 8.173   -7.275  -4.721  1.00 17.39 ? 998  HIS A CB  1 
ATOM   172  C CG  . HIS A 1 20  ? 8.464   -8.450  -5.621  1.00 20.97 ? 998  HIS A CG  1 
ATOM   173  N ND1 . HIS A 1 20  ? 8.131   -8.426  -6.972  1.00 22.74 ? 998  HIS A ND1 1 
ATOM   174  C CD2 . HIS A 1 20  ? 9.052   -9.638  -5.335  1.00 23.22 ? 998  HIS A CD2 1 
ATOM   175  C CE1 . HIS A 1 20  ? 8.534   -9.592  -7.465  1.00 22.41 ? 998  HIS A CE1 1 
ATOM   176  N NE2 . HIS A 1 20  ? 9.106   -10.352 -6.520  1.00 23.04 ? 998  HIS A NE2 1 
ATOM   177  N N   . ARG A 1 21  ? 6.159   -8.698  -2.766  1.00 16.35 ? 999  ARG A N   1 
ATOM   178  C CA  . ARG A 1 21  ? 5.537   -9.922  -2.223  1.00 16.20 ? 999  ARG A CA  1 
ATOM   179  C C   . ARG A 1 21  ? 4.002   -9.913  -2.298  1.00 17.98 ? 999  ARG A C   1 
ATOM   180  O O   . ARG A 1 21  ? 3.388   -10.941 -2.577  1.00 18.01 ? 999  ARG A O   1 
ATOM   181  C CB  . ARG A 1 21  ? 6.050   -10.162 -0.805  1.00 17.46 ? 999  ARG A CB  1 
ATOM   182  C CG  . ARG A 1 21  ? 7.492   -10.668 -0.842  1.00 18.76 ? 999  ARG A CG  1 
ATOM   183  C CD  . ARG A 1 21  ? 8.260   -10.277 0.414   1.00 18.91 ? 999  ARG A CD  1 
ATOM   184  N NE  . ARG A 1 21  ? 7.790   -11.038 1.565   1.00 17.08 ? 999  ARG A NE  1 
ATOM   185  C CZ  . ARG A 1 21  ? 8.147   -10.796 2.819   1.00 21.04 ? 999  ARG A CZ  1 
ATOM   186  N NH1 . ARG A 1 21  ? 8.998   -9.815  3.099   1.00 16.79 ? 999  ARG A NH1 1 
ATOM   187  N NH2 . ARG A 1 21  ? 7.666   -11.540 3.802   1.00 15.79 ? 999  ARG A NH2 1 
ATOM   188  N N   . LEU A 1 22  ? 3.387   -8.750  -2.132  1.00 15.45 ? 1000 LEU A N   1 
ATOM   189  C CA  . LEU A 1 22  ? 1.937   -8.610  -2.257  1.00 15.64 ? 1000 LEU A CA  1 
ATOM   190  C C   . LEU A 1 22  ? 1.537   -8.722  -3.737  1.00 20.10 ? 1000 LEU A C   1 
ATOM   191  O O   . LEU A 1 22  ? 0.574   -9.428  -4.045  1.00 19.98 ? 1000 LEU A O   1 
ATOM   192  C CB  . LEU A 1 22  ? 1.448   -7.262  -1.682  1.00 15.10 ? 1000 LEU A CB  1 
ATOM   193  C CG  . LEU A 1 22  ? 1.740   -6.985  -0.184  1.00 18.13 ? 1000 LEU A CG  1 
ATOM   194  C CD1 . LEU A 1 22  ? 1.337   -5.573  0.184   1.00 18.13 ? 1000 LEU A CD1 1 
ATOM   195  C CD2 . LEU A 1 22  ? 0.975   -7.992  0.735   1.00 18.25 ? 1000 LEU A CD2 1 
ATOM   196  N N   . ALA A 1 23  ? 2.279   -8.031  -4.636  1.00 15.55 ? 1001 ALA A N   1 
ATOM   197  C CA  . ALA A 1 23  ? 2.040   -8.007  -6.080  1.00 15.60 ? 1001 ALA A CA  1 
ATOM   198  C C   . ALA A 1 23  ? 2.110   -9.356  -6.770  1.00 21.84 ? 1001 ALA A C   1 
ATOM   199  O O   . ALA A 1 23  ? 1.434   -9.532  -7.782  1.00 22.79 ? 1001 ALA A O   1 
ATOM   200  C CB  . ALA A 1 23  ? 2.987   -7.025  -6.767  1.00 15.78 ? 1001 ALA A CB  1 
ATOM   201  N N   . ILE A 1 24  ? 2.978   -10.259 -6.296  1.00 19.06 ? 1002 ILE A N   1 
ATOM   202  C CA  . ILE A 1 24  ? 3.151   -11.598 -6.891  1.00 20.08 ? 1002 ILE A CA  1 
ATOM   203  C C   . ILE A 1 24  ? 2.127   -12.589 -6.302  1.00 25.41 ? 1002 ILE A C   1 
ATOM   204  O O   . ILE A 1 24  ? 2.049   -13.736 -6.765  1.00 26.87 ? 1002 ILE A O   1 
ATOM   205  C CB  . ILE A 1 24  ? 4.619   -12.136 -6.791  1.00 22.86 ? 1002 ILE A CB  1 
ATOM   206  C CG1 . ILE A 1 24  ? 5.021   -12.366 -5.316  1.00 22.30 ? 1002 ILE A CG1 1 
ATOM   207  C CG2 . ILE A 1 24  ? 5.596   -11.241 -7.566  1.00 23.28 ? 1002 ILE A CG2 1 
ATOM   208  C CD1 . ILE A 1 24  ? 6.358   -13.144 -5.015  1.00 22.70 ? 1002 ILE A CD1 1 
ATOM   209  N N   . ASP A 1 25  ? 1.376   -12.176 -5.262  1.00 20.93 ? 1003 ASP A N   1 
ATOM   210  C CA  . ASP A 1 25  ? 0.343   -13.052 -4.693  1.00 20.90 ? 1003 ASP A CA  1 
ATOM   211  C C   . ASP A 1 25  ? -0.891  -13.019 -5.626  1.00 26.04 ? 1003 ASP A C   1 
ATOM   212  O O   . ASP A 1 25  ? -1.511  -11.951 -5.815  1.00 22.79 ? 1003 ASP A O   1 
ATOM   213  C CB  . ASP A 1 25  ? -0.041  -12.639 -3.260  1.00 22.15 ? 1003 ASP A CB  1 
ATOM   214  C CG  . ASP A 1 25  ? -0.920  -13.654 -2.539  1.00 24.26 ? 1003 ASP A CG  1 
ATOM   215  O OD1 . ASP A 1 25  ? -1.912  -14.115 -3.142  1.00 28.29 ? 1003 ASP A OD1 1 
ATOM   216  O OD2 . ASP A 1 25  ? -0.677  -13.906 -1.340  1.00 24.58 ? 1003 ASP A OD2 1 
ATOM   217  N N   . LYS A 1 26  ? -1.248  -14.200 -6.203  1.00 23.97 ? 1004 LYS A N   1 
ATOM   218  C CA  . LYS A 1 26  ? -2.379  -14.360 -7.142  1.00 24.35 ? 1004 LYS A CA  1 
ATOM   219  C C   . LYS A 1 26  ? -3.687  -13.766 -6.645  1.00 26.33 ? 1004 LYS A C   1 
ATOM   220  O O   . LYS A 1 26  ? -4.431  -13.216 -7.443  1.00 26.80 ? 1004 LYS A O   1 
ATOM   221  C CB  . LYS A 1 26  ? -2.596  -15.847 -7.504  1.00 29.23 ? 1004 LYS A CB  1 
ATOM   222  C CG  . LYS A 1 26  ? -1.889  -16.242 -8.801  1.00 58.25 ? 1004 LYS A CG  1 
ATOM   223  C CD  . LYS A 1 26  ? -1.985  -17.742 -9.082  1.00 72.93 ? 1004 LYS A CD  1 
ATOM   224  C CE  . LYS A 1 26  ? -1.170  -18.143 -10.290 1.00 86.61 ? 1004 LYS A CE  1 
ATOM   225  N NZ  . LYS A 1 26  ? -1.175  -19.616 -10.500 1.00 95.77 ? 1004 LYS A NZ  1 
ATOM   226  N N   . ARG A 1 27  ? -3.950  -13.827 -5.336  1.00 23.15 ? 1005 ARG A N   1 
ATOM   227  C CA  . ARG A 1 27  ? -5.198  -13.289 -4.796  1.00 23.35 ? 1005 ARG A CA  1 
ATOM   228  C C   . ARG A 1 27  ? -5.290  -11.790 -4.973  1.00 28.37 ? 1005 ARG A C   1 
ATOM   229  O O   . ARG A 1 27  ? -6.400  -11.266 -4.939  1.00 27.68 ? 1005 ARG A O   1 
ATOM   230  C CB  . ARG A 1 27  ? -5.325  -13.546 -3.286  1.00 24.10 ? 1005 ARG A CB  1 
ATOM   231  C CG  . ARG A 1 27  ? -5.336  -14.976 -2.825  1.00 31.02 ? 1005 ARG A CG  1 
ATOM   232  C CD  . ARG A 1 27  ? -5.282  -14.958 -1.305  1.00 29.03 ? 1005 ARG A CD  1 
ATOM   233  N NE  . ARG A 1 27  ? -3.942  -14.635 -0.805  1.00 28.33 ? 1005 ARG A NE  1 
ATOM   234  C CZ  . ARG A 1 27  ? -3.637  -14.483 0.479   1.00 40.90 ? 1005 ARG A CZ  1 
ATOM   235  N NH1 . ARG A 1 27  ? -4.576  -14.610 1.412   1.00 25.80 ? 1005 ARG A NH1 1 
ATOM   236  N NH2 . ARG A 1 27  ? -2.392  -14.199 0.843   1.00 28.62 ? 1005 ARG A NH2 1 
ATOM   237  N N   . PHE A 1 28  ? -4.130  -11.093 -5.143  1.00 23.29 ? 1006 PHE A N   1 
ATOM   238  C CA  . PHE A 1 28  ? -4.071  -9.631  -5.170  1.00 20.88 ? 1006 PHE A CA  1 
ATOM   239  C C   . PHE A 1 28  ? -3.876  -9.049  -6.564  1.00 25.36 ? 1006 PHE A C   1 
ATOM   240  O O   . PHE A 1 28  ? -3.618  -7.840  -6.712  1.00 23.82 ? 1006 PHE A O   1 
ATOM   241  C CB  . PHE A 1 28  ? -3.005  -9.132  -4.167  1.00 20.38 ? 1006 PHE A CB  1 
ATOM   242  C CG  . PHE A 1 28  ? -3.124  -9.722  -2.768  1.00 21.14 ? 1006 PHE A CG  1 
ATOM   243  C CD1 . PHE A 1 28  ? -4.369  -10.050 -2.225  1.00 22.04 ? 1006 PHE A CD1 1 
ATOM   244  C CD2 . PHE A 1 28  ? -1.992  -9.936  -1.986  1.00 19.90 ? 1006 PHE A CD2 1 
ATOM   245  C CE1 . PHE A 1 28  ? -4.465  -10.652 -0.971  1.00 22.45 ? 1006 PHE A CE1 1 
ATOM   246  C CE2 . PHE A 1 28  ? -2.095  -10.488 -0.710  1.00 22.21 ? 1006 PHE A CE2 1 
ATOM   247  C CZ  . PHE A 1 28  ? -3.329  -10.858 -0.211  1.00 21.02 ? 1006 PHE A CZ  1 
ATOM   248  N N   . ARG A 1 29  ? -4.121  -9.872  -7.593  1.00 23.14 ? 1007 ARG A N   1 
ATOM   249  C CA  . ARG A 1 29  ? -3.970  -9.455  -8.987  1.00 22.74 ? 1007 ARG A CA  1 
ATOM   250  C C   . ARG A 1 29  ? -4.739  -8.166  -9.320  1.00 24.82 ? 1007 ARG A C   1 
ATOM   251  O O   . ARG A 1 29  ? -4.174  -7.293  -9.966  1.00 24.33 ? 1007 ARG A O   1 
ATOM   252  C CB  . ARG A 1 29  ? -4.386  -10.579 -9.937  1.00 25.65 ? 1007 ARG A CB  1 
ATOM   253  C CG  . ARG A 1 29  ? -4.011  -10.314 -11.402 1.00 41.69 ? 1007 ARG A CG  1 
ATOM   254  C CD  . ARG A 1 29  ? -4.462  -11.430 -12.319 1.00 50.18 ? 1007 ARG A CD  1 
ATOM   255  N NE  . ARG A 1 29  ? -5.919  -11.433 -12.467 1.00 67.19 ? 1007 ARG A NE  1 
ATOM   256  C CZ  . ARG A 1 29  ? -6.577  -10.847 -13.462 1.00 81.18 ? 1007 ARG A CZ  1 
ATOM   257  N NH1 . ARG A 1 29  ? -5.914  -10.219 -14.428 1.00 65.70 ? 1007 ARG A NH1 1 
ATOM   258  N NH2 . ARG A 1 29  ? -7.902  -10.889 -13.503 1.00 70.03 ? 1007 ARG A NH2 1 
ATOM   259  N N   . VAL A 1 30  ? -5.987  -8.035  -8.858  1.00 21.12 ? 1008 VAL A N   1 
ATOM   260  C CA  . VAL A 1 30  ? -6.830  -6.870  -9.190  1.00 21.16 ? 1008 VAL A CA  1 
ATOM   261  C C   . VAL A 1 30  ? -6.317  -5.560  -8.532  1.00 24.23 ? 1008 VAL A C   1 
ATOM   262  O O   . VAL A 1 30  ? -6.784  -4.478  -8.888  1.00 22.01 ? 1008 VAL A O   1 
ATOM   263  C CB  . VAL A 1 30  ? -8.351  -7.095  -8.946  1.00 24.79 ? 1008 VAL A CB  1 
ATOM   264  C CG1 . VAL A 1 30  ? -8.878  -8.259  -9.793  1.00 25.44 ? 1008 VAL A CG1 1 
ATOM   265  C CG2 . VAL A 1 30  ? -8.646  -7.328  -7.478  1.00 24.38 ? 1008 VAL A CG2 1 
ATOM   266  N N   . PHE A 1 31  ? -5.339  -5.669  -7.609  1.00 20.85 ? 1009 PHE A N   1 
ATOM   267  C CA  . PHE A 1 31  ? -4.741  -4.507  -6.931  1.00 19.72 ? 1009 PHE A CA  1 
ATOM   268  C C   . PHE A 1 31  ? -3.366  -4.151  -7.457  1.00 21.83 ? 1009 PHE A C   1 
ATOM   269  O O   . PHE A 1 31  ? -2.736  -3.263  -6.900  1.00 19.88 ? 1009 PHE A O   1 
ATOM   270  C CB  . PHE A 1 31  ? -4.674  -4.773  -5.415  1.00 20.81 ? 1009 PHE A CB  1 
ATOM   271  C CG  . PHE A 1 31  ? -6.001  -5.245  -4.846  1.00 23.05 ? 1009 PHE A CG  1 
ATOM   272  C CD1 . PHE A 1 31  ? -7.120  -4.408  -4.848  1.00 25.51 ? 1009 PHE A CD1 1 
ATOM   273  C CD2 . PHE A 1 31  ? -6.136  -6.529  -4.327  1.00 26.63 ? 1009 PHE A CD2 1 
ATOM   274  C CE1 . PHE A 1 31  ? -8.347  -4.844  -4.323  1.00 27.21 ? 1009 PHE A CE1 1 
ATOM   275  C CE2 . PHE A 1 31  ? -7.360  -6.965  -3.799  1.00 29.92 ? 1009 PHE A CE2 1 
ATOM   276  C CZ  . PHE A 1 31  ? -8.458  -6.120  -3.805  1.00 27.81 ? 1009 PHE A CZ  1 
ATOM   277  N N   . THR A 1 32  ? -2.894  -4.820  -8.527  1.00 20.29 ? 1010 THR A N   1 
ATOM   278  C CA  . THR A 1 32  ? -1.541  -4.615  -9.082  1.00 20.57 ? 1010 THR A CA  1 
ATOM   279  C C   . THR A 1 32  ? -1.434  -3.475  -10.088 1.00 24.97 ? 1010 THR A C   1 
ATOM   280  O O   . THR A 1 32  ? -0.319  -3.030  -10.398 1.00 23.88 ? 1010 THR A O   1 
ATOM   281  C CB  . THR A 1 32  ? -0.992  -5.909  -9.682  1.00 29.58 ? 1010 THR A CB  1 
ATOM   282  O OG1 . THR A 1 32  ? -1.840  -6.317  -10.762 1.00 29.51 ? 1010 THR A OG1 1 
ATOM   283  C CG2 . THR A 1 32  ? -0.852  -7.028  -8.641  1.00 27.07 ? 1010 THR A CG2 1 
ATOM   284  N N   . LYS A 1 33  ? -2.576  -3.002  -10.594 1.00 22.45 ? 1011 LYS A N   1 
ATOM   285  C CA  . LYS A 1 33  ? -2.641  -1.909  -11.568 1.00 22.33 ? 1011 LYS A CA  1 
ATOM   286  C C   . LYS A 1 33  ? -3.805  -0.994  -11.209 1.00 26.00 ? 1011 LYS A C   1 
ATOM   287  O O   . LYS A 1 33  ? -4.763  -1.447  -10.569 1.00 24.60 ? 1011 LYS A O   1 
ATOM   288  C CB  . LYS A 1 33  ? -2.859  -2.473  -12.996 1.00 25.72 ? 1011 LYS A CB  1 
ATOM   289  C CG  . LYS A 1 33  ? -1.630  -3.100  -13.651 1.00 41.03 ? 1011 LYS A CG  1 
ATOM   290  C CD  . LYS A 1 33  ? -2.078  -3.880  -14.889 1.00 57.80 ? 1011 LYS A CD  1 
ATOM   291  C CE  . LYS A 1 33  ? -0.970  -4.656  -15.572 1.00 76.84 ? 1011 LYS A CE  1 
ATOM   292  N NZ  . LYS A 1 33  ? -1.508  -5.649  -16.549 1.00 81.56 ? 1011 LYS A NZ  1 
ATOM   293  N N   . PRO A 1 34  ? -3.771  0.306   -11.597 1.00 24.25 ? 1012 PRO A N   1 
ATOM   294  C CA  . PRO A 1 34  ? -4.935  1.169   -11.313 1.00 24.75 ? 1012 PRO A CA  1 
ATOM   295  C C   . PRO A 1 34  ? -6.216  0.621   -11.956 1.00 29.22 ? 1012 PRO A C   1 
ATOM   296  O O   . PRO A 1 34  ? -6.159  0.048   -13.051 1.00 27.28 ? 1012 PRO A O   1 
ATOM   297  C CB  . PRO A 1 34  ? -4.557  2.509   -11.962 1.00 26.66 ? 1012 PRO A CB  1 
ATOM   298  C CG  . PRO A 1 34  ? -3.078  2.468   -12.133 1.00 30.85 ? 1012 PRO A CG  1 
ATOM   299  C CD  . PRO A 1 34  ? -2.736  1.025   -12.368 1.00 26.35 ? 1012 PRO A CD  1 
ATOM   300  N N   . VAL A 1 35  ? -7.362  0.789   -11.283 1.00 28.38 ? 1013 VAL A N   1 
ATOM   301  C CA  . VAL A 1 35  ? -8.664  0.373   -11.835 1.00 29.76 ? 1013 VAL A CA  1 
ATOM   302  C C   . VAL A 1 35  ? -8.857  1.127   -13.163 1.00 37.77 ? 1013 VAL A C   1 
ATOM   303  O O   . VAL A 1 35  ? -8.643  2.343   -13.220 1.00 35.89 ? 1013 VAL A O   1 
ATOM   304  C CB  . VAL A 1 35  ? -9.842  0.632   -10.864 1.00 32.84 ? 1013 VAL A CB  1 
ATOM   305  C CG1 . VAL A 1 35  ? -11.185 0.469   -11.565 1.00 32.89 ? 1013 VAL A CG1 1 
ATOM   306  C CG2 . VAL A 1 35  ? -9.767  -0.284  -9.654  1.00 32.28 ? 1013 VAL A CG2 1 
ATOM   307  N N   . ASP A 1 36  ? -9.181  0.383   -14.230 1.00 39.50 ? 1014 ASP A N   1 
ATOM   308  C CA  . ASP A 1 36  ? -9.374  0.963   -15.553 1.00 41.52 ? 1014 ASP A CA  1 
ATOM   309  C C   . ASP A 1 36  ? -10.828 1.449   -15.713 1.00 48.02 ? 1014 ASP A C   1 
ATOM   310  O O   . ASP A 1 36  ? -11.753 0.645   -15.539 1.00 45.99 ? 1014 ASP A O   1 
ATOM   311  C CB  . ASP A 1 36  ? -8.971  -0.052  -16.649 1.00 44.01 ? 1014 ASP A CB  1 
ATOM   312  C CG  . ASP A 1 36  ? -9.278  0.370   -18.076 1.00 58.03 ? 1014 ASP A CG  1 
ATOM   313  O OD1 . ASP A 1 36  ? -9.040  1.547   -18.415 1.00 59.99 ? 1014 ASP A OD1 1 
ATOM   314  O OD2 . ASP A 1 36  ? -9.732  -0.484  -18.856 1.00 65.43 ? 1014 ASP A OD2 1 
ATOM   315  N N   . PRO A 1 37  ? -11.052 2.758   -16.007 1.00 48.56 ? 1015 PRO A N   1 
ATOM   316  C CA  . PRO A 1 37  ? -12.437 3.249   -16.173 1.00 49.96 ? 1015 PRO A CA  1 
ATOM   317  C C   . PRO A 1 37  ? -13.241 2.573   -17.293 1.00 56.46 ? 1015 PRO A C   1 
ATOM   318  O O   . PRO A 1 37  ? -14.450 2.468   -17.163 1.00 56.30 ? 1015 PRO A O   1 
ATOM   319  C CB  . PRO A 1 37  ? -12.268 4.754   -16.424 1.00 51.89 ? 1015 PRO A CB  1 
ATOM   320  C CG  . PRO A 1 37  ? -10.866 4.916   -16.895 1.00 56.02 ? 1015 PRO A CG  1 
ATOM   321  C CD  . PRO A 1 37  ? -10.069 3.841   -16.212 1.00 50.92 ? 1015 PRO A CD  1 
ATOM   322  N N   . ASP A 1 38  ? -12.583 2.084   -18.366 1.00 54.16 ? 1016 ASP A N   1 
ATOM   323  C CA  . ASP A 1 38  ? -13.264 1.398   -19.472 1.00 54.08 ? 1016 ASP A CA  1 
ATOM   324  C C   . ASP A 1 38  ? -13.810 0.028   -19.047 1.00 56.20 ? 1016 ASP A C   1 
ATOM   325  O O   . ASP A 1 38  ? -14.860 -0.392  -19.544 1.00 55.19 ? 1016 ASP A O   1 
ATOM   326  C CB  . ASP A 1 38  ? -12.341 1.259   -20.704 1.00 56.64 ? 1016 ASP A CB  1 
ATOM   327  C CG  . ASP A 1 38  ? -11.635 2.536   -21.154 1.00 72.28 ? 1016 ASP A CG  1 
ATOM   328  O OD1 . ASP A 1 38  ? -12.309 3.591   -21.248 1.00 73.66 ? 1016 ASP A OD1 1 
ATOM   329  O OD2 . ASP A 1 38  ? -10.412 2.473   -21.441 1.00 80.19 ? 1016 ASP A OD2 1 
ATOM   330  N N   . GLU A 1 39  ? -13.107 -0.660  -18.120 1.00 51.51 ? 1017 GLU A N   1 
ATOM   331  C CA  . GLU A 1 39  ? -13.484 -1.988  -17.616 1.00 50.50 ? 1017 GLU A CA  1 
ATOM   332  C C   . GLU A 1 39  ? -14.353 -1.925  -16.365 1.00 54.74 ? 1017 GLU A C   1 
ATOM   333  O O   . GLU A 1 39  ? -15.063 -2.884  -16.058 1.00 53.96 ? 1017 GLU A O   1 
ATOM   334  C CB  . GLU A 1 39  ? -12.239 -2.853  -17.368 1.00 51.36 ? 1017 GLU A CB  1 
ATOM   335  C CG  . GLU A 1 39  ? -11.572 -3.320  -18.648 1.00 59.65 ? 1017 GLU A CG  1 
ATOM   336  C CD  . GLU A 1 39  ? -10.137 -3.787  -18.510 1.00 75.16 ? 1017 GLU A CD  1 
ATOM   337  O OE1 . GLU A 1 39  ? -9.283  -3.331  -19.301 1.00 70.81 ? 1017 GLU A OE1 1 
ATOM   338  O OE2 . GLU A 1 39  ? -9.869  -4.628  -17.622 1.00 63.58 ? 1017 GLU A OE2 1 
ATOM   339  N N   . VAL A 1 40  ? -14.250 -0.819  -15.609 1.00 52.98 ? 1018 VAL A N   1 
ATOM   340  C CA  . VAL A 1 40  ? -15.008 -0.561  -14.373 1.00 53.59 ? 1018 VAL A CA  1 
ATOM   341  C C   . VAL A 1 40  ? -15.461 0.933   -14.528 1.00 59.68 ? 1018 VAL A C   1 
ATOM   342  O O   . VAL A 1 40  ? -14.795 1.827   -14.000 1.00 58.18 ? 1018 VAL A O   1 
ATOM   343  C CB  . VAL A 1 40  ? -14.133 -0.836  -13.096 1.00 57.00 ? 1018 VAL A CB  1 
ATOM   344  C CG1 . VAL A 1 40  ? -14.967 -0.793  -11.831 1.00 56.60 ? 1018 VAL A CG1 1 
ATOM   345  C CG2 . VAL A 1 40  ? -13.380 -2.168  -13.172 1.00 56.64 ? 1018 VAL A CG2 1 
ATOM   346  N N   . PRO A 1 41  ? -16.518 1.223   -15.355 1.00 59.48 ? 1019 PRO A N   1 
ATOM   347  C CA  . PRO A 1 41  ? -16.849 2.637   -15.682 1.00 59.60 ? 1019 PRO A CA  1 
ATOM   348  C C   . PRO A 1 41  ? -17.317 3.566   -14.555 1.00 61.70 ? 1019 PRO A C   1 
ATOM   349  O O   . PRO A 1 41  ? -17.041 4.764   -14.637 1.00 60.96 ? 1019 PRO A O   1 
ATOM   350  C CB  . PRO A 1 41  ? -17.928 2.522   -16.772 1.00 61.53 ? 1019 PRO A CB  1 
ATOM   351  C CG  . PRO A 1 41  ? -18.467 1.144   -16.651 1.00 65.82 ? 1019 PRO A CG  1 
ATOM   352  C CD  . PRO A 1 41  ? -17.346 0.287   -16.149 1.00 61.29 ? 1019 PRO A CD  1 
ATOM   353  N N   . ASP A 1 42  ? -17.996 3.039   -13.523 1.00 57.59 ? 1020 ASP A N   1 
ATOM   354  C CA  . ASP A 1 42  ? -18.518 3.842   -12.407 1.00 57.26 ? 1020 ASP A CA  1 
ATOM   355  C C   . ASP A 1 42  ? -17.532 4.005   -11.219 1.00 57.39 ? 1020 ASP A C   1 
ATOM   356  O O   . ASP A 1 42  ? -17.973 4.330   -10.107 1.00 57.22 ? 1020 ASP A O   1 
ATOM   357  C CB  . ASP A 1 42  ? -19.888 3.280   -11.932 1.00 60.21 ? 1020 ASP A CB  1 
ATOM   358  C CG  . ASP A 1 42  ? -19.958 1.787   -11.594 1.00 78.21 ? 1020 ASP A CG  1 
ATOM   359  O OD1 . ASP A 1 42  ? -19.258 0.983   -12.265 1.00 79.17 ? 1020 ASP A OD1 1 
ATOM   360  O OD2 . ASP A 1 42  ? -20.794 1.409   -10.734 1.00 86.47 ? 1020 ASP A OD2 1 
ATOM   361  N N   . TYR A 1 43  ? -16.202 3.868   -11.477 1.00 48.79 ? 1021 TYR A N   1 
ATOM   362  C CA  . TYR A 1 43  ? -15.151 3.897   -10.453 1.00 45.61 ? 1021 TYR A CA  1 
ATOM   363  C C   . TYR A 1 43  ? -14.492 5.268   -10.177 1.00 52.54 ? 1021 TYR A C   1 
ATOM   364  O O   . TYR A 1 43  ? -14.591 5.749   -9.048  1.00 52.16 ? 1021 TYR A O   1 
ATOM   365  C CB  . TYR A 1 43  ? -14.060 2.846   -10.780 1.00 42.49 ? 1021 TYR A CB  1 
ATOM   366  C CG  . TYR A 1 43  ? -13.186 2.505   -9.594  1.00 38.01 ? 1021 TYR A CG  1 
ATOM   367  C CD1 . TYR A 1 43  ? -13.541 1.490   -8.708  1.00 38.08 ? 1021 TYR A CD1 1 
ATOM   368  C CD2 . TYR A 1 43  ? -12.019 3.223   -9.333  1.00 37.37 ? 1021 TYR A CD2 1 
ATOM   369  C CE1 . TYR A 1 43  ? -12.749 1.184   -7.604  1.00 35.62 ? 1021 TYR A CE1 1 
ATOM   370  C CE2 . TYR A 1 43  ? -11.226 2.935   -8.225  1.00 37.29 ? 1021 TYR A CE2 1 
ATOM   371  C CZ  . TYR A 1 43  ? -11.596 1.913   -7.365  1.00 37.89 ? 1021 TYR A CZ  1 
ATOM   372  O OH  . TYR A 1 43  ? -10.835 1.650   -6.264  1.00 32.14 ? 1021 TYR A OH  1 
ATOM   373  N N   . VAL A 1 44  ? -13.754 5.832   -11.175 1.00 51.73 ? 1022 VAL A N   1 
ATOM   374  C CA  . VAL A 1 44  ? -12.952 7.077   -11.153 1.00 52.86 ? 1022 VAL A CA  1 
ATOM   375  C C   . VAL A 1 44  ? -13.733 8.292   -10.602 1.00 57.37 ? 1022 VAL A C   1 
ATOM   376  O O   . VAL A 1 44  ? -13.126 9.212   -10.039 1.00 56.88 ? 1022 VAL A O   1 
ATOM   377  C CB  . VAL A 1 44  ? -12.305 7.369   -12.550 1.00 58.38 ? 1022 VAL A CB  1 
ATOM   378  C CG1 . VAL A 1 44  ? -11.379 8.589   -12.515 1.00 58.60 ? 1022 VAL A CG1 1 
ATOM   379  C CG2 . VAL A 1 44  ? -11.530 6.156   -13.064 1.00 58.63 ? 1022 VAL A CG2 1 
ATOM   380  N N   . THR A 1 45  ? -15.065 8.276   -10.714 1.00 54.09 ? 1023 THR A N   1 
ATOM   381  C CA  . THR A 1 45  ? -15.883 9.371   -10.186 1.00 53.66 ? 1023 THR A CA  1 
ATOM   382  C C   . THR A 1 45  ? -16.325 9.114   -8.729  1.00 53.68 ? 1023 THR A C   1 
ATOM   383  O O   . THR A 1 45  ? -16.544 10.079  -7.987  1.00 54.10 ? 1023 THR A O   1 
ATOM   384  C CB  . THR A 1 45  ? -17.067 9.693   -11.132 1.00 67.04 ? 1023 THR A CB  1 
ATOM   385  O OG1 . THR A 1 45  ? -17.746 8.485   -11.496 1.00 70.58 ? 1023 THR A OG1 1 
ATOM   386  C CG2 . THR A 1 45  ? -16.628 10.444  -12.394 1.00 64.33 ? 1023 THR A CG2 1 
ATOM   387  N N   . VAL A 1 46  ? -16.439 7.832   -8.320  1.00 46.26 ? 1024 VAL A N   1 
ATOM   388  C CA  . VAL A 1 46  ? -16.911 7.411   -6.979  1.00 45.08 ? 1024 VAL A CA  1 
ATOM   389  C C   . VAL A 1 46  ? -15.768 7.232   -5.947  1.00 44.97 ? 1024 VAL A C   1 
ATOM   390  O O   . VAL A 1 46  ? -15.974 7.462   -4.744  1.00 45.72 ? 1024 VAL A O   1 
ATOM   391  C CB  . VAL A 1 46  ? -17.809 6.152   -7.102  1.00 49.22 ? 1024 VAL A CB  1 
ATOM   392  C CG1 . VAL A 1 46  ? -17.996 5.426   -5.771  1.00 49.15 ? 1024 VAL A CG1 1 
ATOM   393  C CG2 . VAL A 1 46  ? -19.154 6.525   -7.704  1.00 49.43 ? 1024 VAL A CG2 1 
ATOM   394  N N   . ILE A 1 47  ? -14.589 6.804   -6.411  1.00 35.31 ? 1025 ILE A N   1 
ATOM   395  C CA  . ILE A 1 47  ? -13.427 6.617   -5.542  1.00 30.73 ? 1025 ILE A CA  1 
ATOM   396  C C   . ILE A 1 47  ? -12.528 7.816   -5.793  1.00 34.05 ? 1025 ILE A C   1 
ATOM   397  O O   . ILE A 1 47  ? -11.972 7.955   -6.879  1.00 33.33 ? 1025 ILE A O   1 
ATOM   398  C CB  . ILE A 1 47  ? -12.756 5.231   -5.818  1.00 30.49 ? 1025 ILE A CB  1 
ATOM   399  C CG1 . ILE A 1 47  ? -13.680 4.050   -5.412  1.00 27.35 ? 1025 ILE A CG1 1 
ATOM   400  C CG2 . ILE A 1 47  ? -11.376 5.128   -5.192  1.00 28.50 ? 1025 ILE A CG2 1 
ATOM   401  C CD1 . ILE A 1 47  ? -14.004 3.917   -3.928  1.00 23.43 ? 1025 ILE A CD1 1 
ATOM   402  N N   . LYS A 1 48  ? -12.466 8.717   -4.810  1.00 31.29 ? 1026 LYS A N   1 
ATOM   403  C CA  . LYS A 1 48  ? -11.718 9.980   -4.877  1.00 31.91 ? 1026 LYS A CA  1 
ATOM   404  C C   . LYS A 1 48  ? -10.221 9.791   -4.873  1.00 34.49 ? 1026 LYS A C   1 
ATOM   405  O O   . LYS A 1 48  ? -9.520  10.535  -5.565  1.00 33.31 ? 1026 LYS A O   1 
ATOM   406  C CB  . LYS A 1 48  ? -12.139 10.929  -3.728  1.00 35.05 ? 1026 LYS A CB  1 
ATOM   407  C CG  . LYS A 1 48  ? -13.631 11.256  -3.707  1.00 49.28 ? 1026 LYS A CG  1 
ATOM   408  C CD  . LYS A 1 48  ? -14.070 11.954  -4.978  1.00 60.29 ? 1026 LYS A CD  1 
ATOM   409  C CE  . LYS A 1 48  ? -15.508 11.687  -5.292  1.00 69.24 ? 1026 LYS A CE  1 
ATOM   410  N NZ  . LYS A 1 48  ? -15.900 12.357  -6.554  1.00 79.51 ? 1026 LYS A NZ  1 
ATOM   411  N N   . GLN A 1 49  ? -9.725  8.807   -4.096  1.00 29.00 ? 1027 GLN A N   1 
ATOM   412  C CA  . GLN A 1 49  ? -8.298  8.546   -4.027  1.00 28.47 ? 1027 GLN A CA  1 
ATOM   413  C C   . GLN A 1 49  ? -7.972  7.124   -4.499  1.00 29.81 ? 1027 GLN A C   1 
ATOM   414  O O   . GLN A 1 49  ? -7.783  6.252   -3.655  1.00 28.66 ? 1027 GLN A O   1 
ATOM   415  C CB  . GLN A 1 49  ? -7.772  8.783   -2.603  1.00 30.04 ? 1027 GLN A CB  1 
ATOM   416  C CG  . GLN A 1 49  ? -7.534  10.236  -2.266  1.00 37.61 ? 1027 GLN A CG  1 
ATOM   417  C CD  . GLN A 1 49  ? -6.844  10.404  -0.946  1.00 45.78 ? 1027 GLN A CD  1 
ATOM   418  O OE1 . GLN A 1 49  ? -5.674  10.787  -0.875  1.00 48.91 ? 1027 GLN A OE1 1 
ATOM   419  N NE2 . GLN A 1 49  ? -7.555  10.148  0.125   1.00 31.86 ? 1027 GLN A NE2 1 
ATOM   420  N N   . PRO A 1 50  ? -7.910  6.862   -5.829  1.00 25.72 ? 1028 PRO A N   1 
ATOM   421  C CA  . PRO A 1 50  ? -7.571  5.498   -6.292  1.00 23.97 ? 1028 PRO A CA  1 
ATOM   422  C C   . PRO A 1 50  ? -6.173  5.137   -5.832  1.00 26.37 ? 1028 PRO A C   1 
ATOM   423  O O   . PRO A 1 50  ? -5.297  6.004   -5.791  1.00 26.87 ? 1028 PRO A O   1 
ATOM   424  C CB  . PRO A 1 50  ? -7.585  5.610   -7.825  1.00 26.17 ? 1028 PRO A CB  1 
ATOM   425  C CG  . PRO A 1 50  ? -8.233  6.921   -8.142  1.00 30.87 ? 1028 PRO A CG  1 
ATOM   426  C CD  . PRO A 1 50  ? -8.066  7.805   -6.960  1.00 26.71 ? 1028 PRO A CD  1 
ATOM   427  N N   . MET A 1 51  ? -5.965  3.890   -5.437  1.00 19.15 ? 1029 MET A N   1 
ATOM   428  C CA  . MET A 1 51  ? -4.629  3.456   -4.998  1.00 17.87 ? 1029 MET A CA  1 
ATOM   429  C C   . MET A 1 51  ? -4.485  2.015   -5.368  1.00 21.60 ? 1029 MET A C   1 
ATOM   430  O O   . MET A 1 51  ? -5.473  1.277   -5.335  1.00 19.78 ? 1029 MET A O   1 
ATOM   431  C CB  . MET A 1 51  ? -4.463  3.655   -3.464  1.00 19.65 ? 1029 MET A CB  1 
ATOM   432  C CG  . MET A 1 51  ? -3.012  3.495   -2.936  1.00 21.11 ? 1029 MET A CG  1 
ATOM   433  S SD  . MET A 1 51  ? -1.691  4.287   -3.897  1.00 24.51 ? 1029 MET A SD  1 
ATOM   434  C CE  . MET A 1 51  ? -2.198  5.997   -3.761  1.00 21.99 ? 1029 MET A CE  1 
ATOM   435  N N   . ASP A 1 52  ? -3.286  1.625   -5.798  1.00 18.67 ? 1030 ASP A N   1 
ATOM   436  C CA  . ASP A 1 52  ? -2.996  0.247   -6.183  1.00 19.26 ? 1030 ASP A CA  1 
ATOM   437  C C   . ASP A 1 52  ? -1.508  0.014   -5.955  1.00 21.67 ? 1030 ASP A C   1 
ATOM   438  O O   . ASP A 1 52  ? -0.765  0.973   -5.717  1.00 20.90 ? 1030 ASP A O   1 
ATOM   439  C CB  . ASP A 1 52  ? -3.383  -0.004  -7.659  1.00 20.98 ? 1030 ASP A CB  1 
ATOM   440  C CG  . ASP A 1 52  ? -2.459  0.709   -8.596  1.00 25.84 ? 1030 ASP A CG  1 
ATOM   441  O OD1 . ASP A 1 52  ? -2.617  1.919   -8.764  1.00 27.17 ? 1030 ASP A OD1 1 
ATOM   442  O OD2 . ASP A 1 52  ? -1.517  0.081   -9.071  1.00 32.63 ? 1030 ASP A OD2 1 
ATOM   443  N N   . LEU A 1 53  ? -1.061  -1.234  -6.082  1.00 17.14 ? 1031 LEU A N   1 
ATOM   444  C CA  . LEU A 1 53  ? 0.346   -1.594  -5.833  1.00 16.74 ? 1031 LEU A CA  1 
ATOM   445  C C   . LEU A 1 53  ? 1.360   -0.972  -6.807  1.00 20.95 ? 1031 LEU A C   1 
ATOM   446  O O   . LEU A 1 53  ? 2.508   -0.723  -6.393  1.00 18.12 ? 1031 LEU A O   1 
ATOM   447  C CB  . LEU A 1 53  ? 0.532   -3.115  -5.757  1.00 15.55 ? 1031 LEU A CB  1 
ATOM   448  C CG  . LEU A 1 53  ? -0.295  -3.800  -4.650  1.00 18.30 ? 1031 LEU A CG  1 
ATOM   449  C CD1 . LEU A 1 53  ? -0.193  -5.318  -4.748  1.00 16.85 ? 1031 LEU A CD1 1 
ATOM   450  C CD2 . LEU A 1 53  ? 0.123   -3.316  -3.245  1.00 15.50 ? 1031 LEU A CD2 1 
ATOM   451  N N   . SER A 1 54  ? 0.974   -0.711  -8.078  1.00 19.34 ? 1032 SER A N   1 
ATOM   452  C CA  A SER A 1 54  ? 1.932   -0.089  -9.001  0.50 18.55 ? 1032 SER A CA  1 
ATOM   453  C CA  B SER A 1 54  ? 1.899   -0.071  -9.028  0.50 19.38 ? 1032 SER A CA  1 
ATOM   454  C C   . SER A 1 54  ? 2.133   1.379   -8.635  1.00 21.39 ? 1032 SER A C   1 
ATOM   455  O O   . SER A 1 54  ? 3.248   1.869   -8.719  1.00 22.82 ? 1032 SER A O   1 
ATOM   456  C CB  A SER A 1 54  ? 1.514   -0.249  -10.462 0.50 20.03 ? 1032 SER A CB  1 
ATOM   457  C CB  B SER A 1 54  ? 1.366   -0.135  -10.454 0.50 23.57 ? 1032 SER A CB  1 
ATOM   458  O OG  A SER A 1 54  ? 0.373   0.526   -10.780 0.50 21.72 ? 1032 SER A OG  1 
ATOM   459  O OG  B SER A 1 54  ? 1.732   -1.362  -11.055 0.50 36.00 ? 1032 SER A OG  1 
ATOM   460  N N   . SER A 1 55  ? 1.081   2.050   -8.181  1.00 17.53 ? 1033 SER A N   1 
ATOM   461  C CA  . SER A 1 55  ? 1.140   3.451   -7.770  1.00 18.16 ? 1033 SER A CA  1 
ATOM   462  C C   . SER A 1 55  ? 1.924   3.550   -6.464  1.00 20.90 ? 1033 SER A C   1 
ATOM   463  O O   . SER A 1 55  ? 2.642   4.523   -6.269  1.00 19.59 ? 1033 SER A O   1 
ATOM   464  C CB  . SER A 1 55  ? -0.259  4.033   -7.622  1.00 21.96 ? 1033 SER A CB  1 
ATOM   465  O OG  . SER A 1 55  ? -0.885  4.005   -8.892  1.00 30.64 ? 1033 SER A OG  1 
ATOM   466  N N   . VAL A 1 56  ? 1.844   2.501   -5.612  1.00 17.52 ? 1034 VAL A N   1 
ATOM   467  C CA  . VAL A 1 56  ? 2.622   2.419   -4.362  1.00 16.16 ? 1034 VAL A CA  1 
ATOM   468  C C   . VAL A 1 56  ? 4.117   2.337   -4.716  1.00 19.04 ? 1034 VAL A C   1 
ATOM   469  O O   . VAL A 1 56  ? 4.922   3.057   -4.116  1.00 19.30 ? 1034 VAL A O   1 
ATOM   470  C CB  . VAL A 1 56  ? 2.130   1.259   -3.437  1.00 18.41 ? 1034 VAL A CB  1 
ATOM   471  C CG1 . VAL A 1 56  ? 3.166   0.912   -2.371  1.00 17.72 ? 1034 VAL A CG1 1 
ATOM   472  C CG2 . VAL A 1 56  ? 0.775   1.587   -2.795  1.00 17.27 ? 1034 VAL A CG2 1 
ATOM   473  N N   . ILE A 1 57  ? 4.492   1.482   -5.694  1.00 18.28 ? 1035 ILE A N   1 
ATOM   474  C CA  . ILE A 1 57  ? 5.885   1.385   -6.168  1.00 18.96 ? 1035 ILE A CA  1 
ATOM   475  C C   . ILE A 1 57  ? 6.364   2.754   -6.676  1.00 20.90 ? 1035 ILE A C   1 
ATOM   476  O O   . ILE A 1 57  ? 7.460   3.193   -6.324  1.00 20.97 ? 1035 ILE A O   1 
ATOM   477  C CB  . ILE A 1 57  ? 6.079   0.258   -7.231  1.00 22.71 ? 1035 ILE A CB  1 
ATOM   478  C CG1 . ILE A 1 57  ? 5.913   -1.155  -6.596  1.00 23.52 ? 1035 ILE A CG1 1 
ATOM   479  C CG2 . ILE A 1 57  ? 7.452   0.376   -7.966  1.00 22.49 ? 1035 ILE A CG2 1 
ATOM   480  C CD1 . ILE A 1 57  ? 7.083   -1.541  -5.538  1.00 30.83 ? 1035 ILE A CD1 1 
ATOM   481  N N   . SER A 1 58  ? 5.541   3.411   -7.504  1.00 19.15 ? 1036 SER A N   1 
ATOM   482  C CA  A SER A 1 58  ? 5.883   4.725   -8.044  0.50 17.95 ? 1036 SER A CA  1 
ATOM   483  C CA  B SER A 1 58  ? 5.824   4.742   -8.059  0.50 18.54 ? 1036 SER A CA  1 
ATOM   484  C C   . SER A 1 58  ? 6.134   5.723   -6.916  1.00 21.56 ? 1036 SER A C   1 
ATOM   485  O O   . SER A 1 58  ? 7.156   6.387   -6.934  1.00 20.60 ? 1036 SER A O   1 
ATOM   486  C CB  A SER A 1 58  ? 4.805   5.204   -9.007  0.50 19.30 ? 1036 SER A CB  1 
ATOM   487  C CB  B SER A 1 58  ? 4.629   5.229   -8.877  0.50 21.71 ? 1036 SER A CB  1 
ATOM   488  O OG  A SER A 1 58  ? 4.780   4.306   -10.104 0.50 15.91 ? 1036 SER A OG  1 
ATOM   489  O OG  B SER A 1 58  ? 4.751   6.595   -9.239  0.50 27.74 ? 1036 SER A OG  1 
ATOM   490  N N   . LYS A 1 59  ? 5.259   5.755   -5.887  1.00 18.21 ? 1037 LYS A N   1 
ATOM   491  C CA  . LYS A 1 59  ? 5.404   6.621   -4.719  1.00 18.53 ? 1037 LYS A CA  1 
ATOM   492  C C   . LYS A 1 59  ? 6.670   6.316   -3.892  1.00 20.91 ? 1037 LYS A C   1 
ATOM   493  O O   . LYS A 1 59  ? 7.346   7.248   -3.459  1.00 20.54 ? 1037 LYS A O   1 
ATOM   494  C CB  . LYS A 1 59  ? 4.138   6.597   -3.867  1.00 21.70 ? 1037 LYS A CB  1 
ATOM   495  C CG  . LYS A 1 59  ? 2.964   7.346   -4.536  1.00 23.35 ? 1037 LYS A CG  1 
ATOM   496  C CD  . LYS A 1 59  ? 1.738   7.376   -3.662  1.00 16.95 ? 1037 LYS A CD  1 
ATOM   497  C CE  . LYS A 1 59  ? 1.918   8.338   -2.507  1.00 23.47 ? 1037 LYS A CE  1 
ATOM   498  N NZ  . LYS A 1 59  ? 0.695   8.481   -1.683  1.00 22.63 ? 1037 LYS A NZ  1 
ATOM   499  N N   . ILE A 1 60  ? 7.030   5.031   -3.729  1.00 16.40 ? 1038 ILE A N   1 
ATOM   500  C CA  . ILE A 1 60  ? 8.282   4.666   -3.042  1.00 15.09 ? 1038 ILE A CA  1 
ATOM   501  C C   . ILE A 1 60  ? 9.460   5.311   -3.790  1.00 18.68 ? 1038 ILE A C   1 
ATOM   502  O O   . ILE A 1 60  ? 10.298  5.981   -3.173  1.00 18.80 ? 1038 ILE A O   1 
ATOM   503  C CB  . ILE A 1 60  ? 8.494   3.121   -2.970  1.00 17.15 ? 1038 ILE A CB  1 
ATOM   504  C CG1 . ILE A 1 60  ? 7.409   2.428   -2.086  1.00 16.63 ? 1038 ILE A CG1 1 
ATOM   505  C CG2 . ILE A 1 60  ? 9.910   2.807   -2.426  1.00 15.43 ? 1038 ILE A CG2 1 
ATOM   506  C CD1 . ILE A 1 60  ? 7.399   0.884   -2.262  1.00 17.35 ? 1038 ILE A CD1 1 
ATOM   507  N N   . ASP A 1 61  ? 9.533   5.063   -5.100  1.00 16.98 ? 1039 ASP A N   1 
ATOM   508  C CA  . ASP A 1 61  ? 10.596  5.555   -5.980  1.00 19.06 ? 1039 ASP A CA  1 
ATOM   509  C C   . ASP A 1 61  ? 10.662  7.094   -6.064  1.00 24.20 ? 1039 ASP A C   1 
ATOM   510  O O   . ASP A 1 61  ? 11.738  7.629   -6.303  1.00 24.53 ? 1039 ASP A O   1 
ATOM   511  C CB  . ASP A 1 61  ? 10.462  4.923   -7.378  1.00 20.11 ? 1039 ASP A CB  1 
ATOM   512  C CG  . ASP A 1 61  ? 10.724  3.429   -7.393  1.00 25.92 ? 1039 ASP A CG  1 
ATOM   513  O OD1 . ASP A 1 61  ? 11.297  2.912   -6.408  1.00 25.80 ? 1039 ASP A OD1 1 
ATOM   514  O OD2 . ASP A 1 61  ? 10.385  2.787   -8.385  1.00 25.30 ? 1039 ASP A OD2 1 
ATOM   515  N N   . LEU A 1 62  ? 9.539   7.796   -5.809  1.00 21.38 ? 1040 LEU A N   1 
ATOM   516  C CA  . LEU A 1 62  ? 9.505   9.267   -5.789  1.00 20.62 ? 1040 LEU A CA  1 
ATOM   517  C C   . LEU A 1 62  ? 9.794   9.815   -4.393  1.00 25.46 ? 1040 LEU A C   1 
ATOM   518  O O   . LEU A 1 62  ? 9.673   11.024  -4.155  1.00 25.32 ? 1040 LEU A O   1 
ATOM   519  C CB  . LEU A 1 62  ? 8.165   9.782   -6.332  1.00 20.51 ? 1040 LEU A CB  1 
ATOM   520  C CG  . LEU A 1 62  ? 7.955   9.563   -7.854  1.00 24.56 ? 1040 LEU A CG  1 
ATOM   521  C CD1 . LEU A 1 62  ? 6.491   9.724   -8.218  1.00 24.55 ? 1040 LEU A CD1 1 
ATOM   522  C CD2 . LEU A 1 62  ? 8.814   10.537  -8.693  1.00 24.20 ? 1040 LEU A CD2 1 
ATOM   523  N N   . HIS A 1 63  ? 10.192  8.920   -3.456  1.00 21.88 ? 1041 HIS A N   1 
ATOM   524  C CA  . HIS A 1 63  ? 10.547  9.254   -2.079  1.00 20.78 ? 1041 HIS A CA  1 
ATOM   525  C C   . HIS A 1 63  ? 9.352   9.864   -1.319  1.00 25.88 ? 1041 HIS A C   1 
ATOM   526  O O   . HIS A 1 63  ? 9.531   10.681  -0.425  1.00 25.49 ? 1041 HIS A O   1 
ATOM   527  C CB  . HIS A 1 63  ? 11.842  10.149  -2.025  1.00 20.81 ? 1041 HIS A CB  1 
ATOM   528  C CG  . HIS A 1 63  ? 13.048  9.565   -2.726  1.00 23.09 ? 1041 HIS A CG  1 
ATOM   529  N ND1 . HIS A 1 63  ? 14.315  10.070  -2.510  1.00 24.53 ? 1041 HIS A ND1 1 
ATOM   530  C CD2 . HIS A 1 63  ? 13.150  8.497   -3.561  1.00 24.81 ? 1041 HIS A CD2 1 
ATOM   531  C CE1 . HIS A 1 63  ? 15.136  9.342   -3.254  1.00 23.80 ? 1041 HIS A CE1 1 
ATOM   532  N NE2 . HIS A 1 63  ? 14.485  8.362   -3.885  1.00 24.44 ? 1041 HIS A NE2 1 
ATOM   533  N N   . LYS A 1 64  ? 8.130   9.420   -1.641  1.00 22.08 ? 1042 LYS A N   1 
ATOM   534  C CA  . LYS A 1 64  ? 6.931   9.933   -0.968  1.00 21.43 ? 1042 LYS A CA  1 
ATOM   535  C C   . LYS A 1 64  ? 6.718   9.353   0.407   1.00 23.40 ? 1042 LYS A C   1 
ATOM   536  O O   . LYS A 1 64  ? 5.971   9.935   1.174   1.00 24.25 ? 1042 LYS A O   1 
ATOM   537  C CB  . LYS A 1 64  ? 5.670   9.725   -1.832  1.00 24.81 ? 1042 LYS A CB  1 
ATOM   538  C CG  . LYS A 1 64  ? 5.734   10.377  -3.218  1.00 35.22 ? 1042 LYS A CG  1 
ATOM   539  C CD  . LYS A 1 64  ? 5.602   11.891  -3.170  1.00 46.68 ? 1042 LYS A CD  1 
ATOM   540  C CE  . LYS A 1 64  ? 5.487   12.477  -4.563  1.00 62.58 ? 1042 LYS A CE  1 
ATOM   541  N NZ  . LYS A 1 64  ? 5.973   13.884  -4.617  1.00 72.85 ? 1042 LYS A NZ  1 
ATOM   542  N N   . TYR A 1 65  ? 7.320   8.198   0.728   1.00 17.45 ? 1043 TYR A N   1 
ATOM   543  C CA  . TYR A 1 65  ? 7.113   7.593   2.039   1.00 16.39 ? 1043 TYR A CA  1 
ATOM   544  C C   . TYR A 1 65  ? 8.361   7.773   2.873   1.00 21.43 ? 1043 TYR A C   1 
ATOM   545  O O   . TYR A 1 65  ? 9.413   7.258   2.514   1.00 23.14 ? 1043 TYR A O   1 
ATOM   546  C CB  . TYR A 1 65  ? 6.805   6.082   1.916   1.00 16.53 ? 1043 TYR A CB  1 
ATOM   547  C CG  . TYR A 1 65  ? 5.632   5.748   1.022   1.00 16.87 ? 1043 TYR A CG  1 
ATOM   548  C CD1 . TYR A 1 65  ? 4.358   6.229   1.300   1.00 17.40 ? 1043 TYR A CD1 1 
ATOM   549  C CD2 . TYR A 1 65  ? 5.790   4.929   -0.088  1.00 17.26 ? 1043 TYR A CD2 1 
ATOM   550  C CE1 . TYR A 1 65  ? 3.282   5.944   0.465   1.00 17.71 ? 1043 TYR A CE1 1 
ATOM   551  C CE2 . TYR A 1 65  ? 4.713   4.597   -0.902  1.00 17.25 ? 1043 TYR A CE2 1 
ATOM   552  C CZ  . TYR A 1 65  ? 3.453   5.072   -0.597  1.00 18.53 ? 1043 TYR A CZ  1 
ATOM   553  O OH  . TYR A 1 65  ? 2.397   4.734   -1.405  1.00 18.37 ? 1043 TYR A OH  1 
ATOM   554  N N   . LEU A 1 66  ? 8.237   8.426   4.007   1.00 20.06 ? 1044 LEU A N   1 
ATOM   555  C CA  . LEU A 1 66  ? 9.372   8.629   4.905   1.00 21.09 ? 1044 LEU A CA  1 
ATOM   556  C C   . LEU A 1 66  ? 9.202   7.758   6.118   1.00 22.22 ? 1044 LEU A C   1 
ATOM   557  O O   . LEU A 1 66  ? 10.115  7.678   6.923   1.00 20.52 ? 1044 LEU A O   1 
ATOM   558  C CB  . LEU A 1 66  ? 9.515   10.102  5.336   1.00 22.36 ? 1044 LEU A CB  1 
ATOM   559  C CG  . LEU A 1 66  ? 9.787   11.170  4.255   1.00 28.76 ? 1044 LEU A CG  1 
ATOM   560  C CD1 . LEU A 1 66  ? 10.294  12.453  4.915   1.00 29.48 ? 1044 LEU A CD1 1 
ATOM   561  C CD2 . LEU A 1 66  ? 10.788  10.690  3.209   1.00 29.20 ? 1044 LEU A CD2 1 
ATOM   562  N N   . THR A 1 67  ? 8.052   7.073   6.254   1.00 18.32 ? 1045 THR A N   1 
ATOM   563  C CA  . THR A 1 67  ? 7.828   6.143   7.391   1.00 17.97 ? 1045 THR A CA  1 
ATOM   564  C C   . THR A 1 67  ? 6.981   4.969   6.888   1.00 21.28 ? 1045 THR A C   1 
ATOM   565  O O   . THR A 1 67  ? 6.316   5.116   5.859   1.00 20.26 ? 1045 THR A O   1 
ATOM   566  C CB  . THR A 1 67  ? 7.010   6.816   8.531   1.00 23.20 ? 1045 THR A CB  1 
ATOM   567  O OG1 . THR A 1 67  ? 5.692   7.091   8.050   1.00 20.97 ? 1045 THR A OG1 1 
ATOM   568  C CG2 . THR A 1 67  ? 7.650   8.107   9.078   1.00 21.79 ? 1045 THR A CG2 1 
ATOM   569  N N   . VAL A 1 68  ? 6.953   3.831   7.640   1.00 19.31 ? 1046 VAL A N   1 
ATOM   570  C CA  A VAL A 1 68  ? 6.098   2.691   7.269   0.50 19.56 ? 1046 VAL A CA  1 
ATOM   571  C CA  B VAL A 1 68  ? 6.109   2.686   7.270   0.50 16.99 ? 1046 VAL A CA  1 
ATOM   572  C C   . VAL A 1 68  ? 4.633   3.104   7.479   1.00 21.95 ? 1046 VAL A C   1 
ATOM   573  O O   . VAL A 1 68  ? 3.752   2.661   6.750   1.00 21.27 ? 1046 VAL A O   1 
ATOM   574  C CB  A VAL A 1 68  ? 6.443   1.380   8.022   0.50 24.20 ? 1046 VAL A CB  1 
ATOM   575  C CB  B VAL A 1 68  ? 6.504   1.403   8.054   0.50 17.73 ? 1046 VAL A CB  1 
ATOM   576  C CG1 A VAL A 1 68  ? 5.795   1.346   9.397   0.50 24.87 ? 1046 VAL A CG1 1 
ATOM   577  C CG1 B VAL A 1 68  ? 5.521   0.263   7.789   0.50 16.39 ? 1046 VAL A CG1 1 
ATOM   578  C CG2 A VAL A 1 68  ? 6.003   0.168   7.213   0.50 23.72 ? 1046 VAL A CG2 1 
ATOM   579  C CG2 B VAL A 1 68  ? 7.930   0.973   7.708   0.50 16.50 ? 1046 VAL A CG2 1 
ATOM   580  N N   . LYS A 1 69  ? 4.380   3.983   8.459   1.00 19.80 ? 1047 LYS A N   1 
ATOM   581  C CA  . LYS A 1 69  ? 3.031   4.481   8.728   1.00 21.15 ? 1047 LYS A CA  1 
ATOM   582  C C   . LYS A 1 69  ? 2.453   5.169   7.491   1.00 22.72 ? 1047 LYS A C   1 
ATOM   583  O O   . LYS A 1 69  ? 1.295   4.937   7.181   1.00 22.54 ? 1047 LYS A O   1 
ATOM   584  C CB  . LYS A 1 69  ? 3.034   5.431   9.935   1.00 25.65 ? 1047 LYS A CB  1 
ATOM   585  C CG  . LYS A 1 69  ? 2.417   4.851   11.192  1.00 43.97 ? 1047 LYS A CG  1 
ATOM   586  C CD  . LYS A 1 69  ? 2.597   5.768   12.428  1.00 57.25 ? 1047 LYS A CD  1 
ATOM   587  C CE  . LYS A 1 69  ? 2.217   7.233   12.244  1.00 78.93 ? 1047 LYS A CE  1 
ATOM   588  N NZ  . LYS A 1 69  ? 0.771   7.425   11.949  1.00 92.83 ? 1047 LYS A NZ  1 
ATOM   589  N N   . ASP A 1 70  ? 3.257   5.966   6.751   1.00 19.00 ? 1048 ASP A N   1 
ATOM   590  C CA  . ASP A 1 70  ? 2.797   6.645   5.523   1.00 18.94 ? 1048 ASP A CA  1 
ATOM   591  C C   . ASP A 1 70  ? 2.446   5.603   4.428   1.00 22.14 ? 1048 ASP A C   1 
ATOM   592  O O   . ASP A 1 70  ? 1.456   5.744   3.701   1.00 21.35 ? 1048 ASP A O   1 
ATOM   593  C CB  . ASP A 1 70  ? 3.902   7.572   4.965   1.00 20.61 ? 1048 ASP A CB  1 
ATOM   594  C CG  . ASP A 1 70  ? 4.182   8.854   5.731   1.00 33.97 ? 1048 ASP A CG  1 
ATOM   595  O OD1 . ASP A 1 70  ? 3.375   9.206   6.617   1.00 32.29 ? 1048 ASP A OD1 1 
ATOM   596  O OD2 . ASP A 1 70  ? 5.232   9.496   5.449   1.00 42.16 ? 1048 ASP A OD2 1 
ATOM   597  N N   . TYR A 1 71  ? 3.291   4.572   4.309   1.00 17.36 ? 1049 TYR A N   1 
ATOM   598  C CA  . TYR A 1 71  ? 3.095   3.468   3.372   1.00 15.62 ? 1049 TYR A CA  1 
ATOM   599  C C   . TYR A 1 71  ? 1.795   2.719   3.708   1.00 19.91 ? 1049 TYR A C   1 
ATOM   600  O O   . TYR A 1 71  ? 0.975   2.482   2.816   1.00 19.25 ? 1049 TYR A O   1 
ATOM   601  C CB  . TYR A 1 71  ? 4.302   2.526   3.478   1.00 15.59 ? 1049 TYR A CB  1 
ATOM   602  C CG  . TYR A 1 71  ? 4.141   1.213   2.754   1.00 15.25 ? 1049 TYR A CG  1 
ATOM   603  C CD1 . TYR A 1 71  ? 4.462   1.096   1.403   1.00 16.27 ? 1049 TYR A CD1 1 
ATOM   604  C CD2 . TYR A 1 71  ? 3.735   0.062   3.435   1.00 14.45 ? 1049 TYR A CD2 1 
ATOM   605  C CE1 . TYR A 1 71  ? 4.376   -0.122  0.749   1.00 14.36 ? 1049 TYR A CE1 1 
ATOM   606  C CE2 . TYR A 1 71  ? 3.630   -1.165  2.784   1.00 14.64 ? 1049 TYR A CE2 1 
ATOM   607  C CZ  . TYR A 1 71  ? 3.924   -1.245  1.429   1.00 19.82 ? 1049 TYR A CZ  1 
ATOM   608  O OH  . TYR A 1 71  ? 3.848   -2.442  0.763   1.00 17.14 ? 1049 TYR A OH  1 
ATOM   609  N N   . LEU A 1 72  ? 1.588   2.403   5.003   1.00 18.03 ? 1050 LEU A N   1 
ATOM   610  C CA  . LEU A 1 72  ? 0.405   1.676   5.460   1.00 17.64 ? 1050 LEU A CA  1 
ATOM   611  C C   . LEU A 1 72  ? -0.864  2.459   5.252   1.00 21.99 ? 1050 LEU A C   1 
ATOM   612  O O   . LEU A 1 72  ? -1.890  1.840   4.980   1.00 21.47 ? 1050 LEU A O   1 
ATOM   613  C CB  . LEU A 1 72  ? 0.537   1.183   6.901   1.00 17.44 ? 1050 LEU A CB  1 
ATOM   614  C CG  . LEU A 1 72  ? 1.534   0.050   7.093   1.00 21.27 ? 1050 LEU A CG  1 
ATOM   615  C CD1 . LEU A 1 72  ? 1.689   -0.264  8.569   1.00 21.37 ? 1050 LEU A CD1 1 
ATOM   616  C CD2 . LEU A 1 72  ? 1.109   -1.210  6.289   1.00 21.89 ? 1050 LEU A CD2 1 
ATOM   617  N N   . ARG A 1 73  ? -0.787  3.807   5.240   1.00 18.46 ? 1051 ARG A N   1 
ATOM   618  C CA  . ARG A 1 73  ? -1.968  4.632   4.931   1.00 18.97 ? 1051 ARG A CA  1 
ATOM   619  C C   . ARG A 1 73  ? -2.435  4.344   3.515   1.00 20.04 ? 1051 ARG A C   1 
ATOM   620  O O   . ARG A 1 73  ? -3.633  4.288   3.289   1.00 21.40 ? 1051 ARG A O   1 
ATOM   621  C CB  . ARG A 1 73  ? -1.689  6.148   5.108   1.00 21.56 ? 1051 ARG A CB  1 
ATOM   622  C CG  . ARG A 1 73  ? -1.711  6.594   6.564   1.00 35.54 ? 1051 ARG A CG  1 
ATOM   623  C CD  . ARG A 1 73  ? -1.637  8.118   6.677   1.00 55.27 ? 1051 ARG A CD  1 
ATOM   624  N NE  . ARG A 1 73  ? -0.302  8.595   7.049   1.00 74.05 ? 1051 ARG A NE  1 
ATOM   625  C CZ  . ARG A 1 73  ? 0.121   8.746   8.303   1.00 95.05 ? 1051 ARG A CZ  1 
ATOM   626  N NH1 . ARG A 1 73  ? 1.350   9.185   8.546   1.00 86.95 ? 1051 ARG A NH1 1 
ATOM   627  N NH2 . ARG A 1 73  ? -0.678  8.453   9.322   1.00 82.39 ? 1051 ARG A NH2 1 
ATOM   628  N N   . ASP A 1 74  ? -1.506  4.115   2.572   1.00 17.45 ? 1052 ASP A N   1 
ATOM   629  C CA  . ASP A 1 74  ? -1.891  3.802   1.189   1.00 16.45 ? 1052 ASP A CA  1 
ATOM   630  C C   . ASP A 1 74  ? -2.385  2.367   1.029   1.00 18.80 ? 1052 ASP A C   1 
ATOM   631  O O   . ASP A 1 74  ? -3.269  2.108   0.198   1.00 17.97 ? 1052 ASP A O   1 
ATOM   632  C CB  . ASP A 1 74  ? -0.786  4.137   0.189   1.00 18.07 ? 1052 ASP A CB  1 
ATOM   633  C CG  . ASP A 1 74  ? -0.750  5.612   -0.167  1.00 23.17 ? 1052 ASP A CG  1 
ATOM   634  O OD1 . ASP A 1 74  ? -1.722  6.317   0.137   1.00 24.31 ? 1052 ASP A OD1 1 
ATOM   635  O OD2 . ASP A 1 74  ? 0.224   6.042   -0.780  1.00 20.56 ? 1052 ASP A OD2 1 
ATOM   636  N N   . ILE A 1 75  ? -1.795  1.429   1.794   1.00 15.20 ? 1053 ILE A N   1 
ATOM   637  C CA  . ILE A 1 75  ? -2.270  0.032   1.792   1.00 14.84 ? 1053 ILE A CA  1 
ATOM   638  C C   . ILE A 1 75  ? -3.705  0.071   2.336   1.00 19.01 ? 1053 ILE A C   1 
ATOM   639  O O   . ILE A 1 75  ? -4.580  -0.567  1.767   1.00 19.63 ? 1053 ILE A O   1 
ATOM   640  C CB  . ILE A 1 75  ? -1.343  -0.873  2.648   1.00 17.02 ? 1053 ILE A CB  1 
ATOM   641  C CG1 . ILE A 1 75  ? 0.084   -0.981  2.029   1.00 15.85 ? 1053 ILE A CG1 1 
ATOM   642  C CG2 . ILE A 1 75  ? -1.975  -2.266  2.887   1.00 19.76 ? 1053 ILE A CG2 1 
ATOM   643  C CD1 . ILE A 1 75  ? 0.179   -1.556  0.535   1.00 17.35 ? 1053 ILE A CD1 1 
ATOM   644  N N   . ASP A 1 76  ? -3.950  0.822   3.432   1.00 16.97 ? 1054 ASP A N   1 
ATOM   645  C CA  . ASP A 1 76  ? -5.298  0.952   3.999   1.00 17.27 ? 1054 ASP A CA  1 
ATOM   646  C C   . ASP A 1 76  ? -6.266  1.480   2.960   1.00 22.25 ? 1054 ASP A C   1 
ATOM   647  O O   . ASP A 1 76  ? -7.422  1.088   2.964   1.00 21.99 ? 1054 ASP A O   1 
ATOM   648  C CB  . ASP A 1 76  ? -5.324  1.899   5.207   1.00 19.09 ? 1054 ASP A CB  1 
ATOM   649  C CG  . ASP A 1 76  ? -4.699  1.379   6.483   1.00 27.03 ? 1054 ASP A CG  1 
ATOM   650  O OD1 . ASP A 1 76  ? -4.592  0.155   6.632   1.00 28.52 ? 1054 ASP A OD1 1 
ATOM   651  O OD2 . ASP A 1 76  ? -4.408  2.190   7.365   1.00 36.35 ? 1054 ASP A OD2 1 
ATOM   652  N N   . LEU A 1 77  ? -5.800  2.395   2.094   1.00 19.25 ? 1055 LEU A N   1 
ATOM   653  C CA  . LEU A 1 77  ? -6.609  3.026   1.057   1.00 20.02 ? 1055 LEU A CA  1 
ATOM   654  C C   . LEU A 1 77  ? -6.994  2.014   -0.043  1.00 23.66 ? 1055 LEU A C   1 
ATOM   655  O O   . LEU A 1 77  ? -8.133  2.026   -0.508  1.00 23.60 ? 1055 LEU A O   1 
ATOM   656  C CB  . LEU A 1 77  ? -5.825  4.223   0.517   1.00 20.83 ? 1055 LEU A CB  1 
ATOM   657  C CG  . LEU A 1 77  ? -6.484  5.221   -0.423  1.00 26.80 ? 1055 LEU A CG  1 
ATOM   658  C CD1 . LEU A 1 77  ? -7.766  5.844   0.189   1.00 26.36 ? 1055 LEU A CD1 1 
ATOM   659  C CD2 . LEU A 1 77  ? -5.474  6.300   -0.800  1.00 28.25 ? 1055 LEU A CD2 1 
ATOM   660  N N   . ILE A 1 78  ? -6.094  1.077   -0.392  1.00 18.00 ? 1056 ILE A N   1 
ATOM   661  C CA  . ILE A 1 78  ? -6.440  0.034   -1.368  1.00 16.32 ? 1056 ILE A CA  1 
ATOM   662  C C   . ILE A 1 78  ? -7.610  -0.772  -0.783  1.00 22.15 ? 1056 ILE A C   1 
ATOM   663  O O   . ILE A 1 78  ? -8.556  -1.095  -1.500  1.00 23.20 ? 1056 ILE A O   1 
ATOM   664  C CB  . ILE A 1 78  ? -5.232  -0.890  -1.679  1.00 17.98 ? 1056 ILE A CB  1 
ATOM   665  C CG1 . ILE A 1 78  ? -4.043  -0.096  -2.325  1.00 17.56 ? 1056 ILE A CG1 1 
ATOM   666  C CG2 . ILE A 1 78  ? -5.668  -2.067  -2.560  1.00 17.66 ? 1056 ILE A CG2 1 
ATOM   667  C CD1 . ILE A 1 78  ? -2.666  -0.920  -2.510  1.00 17.16 ? 1056 ILE A CD1 1 
ATOM   668  N N   . CYS A 1 79  ? -7.521  -1.113  0.511   1.00 19.87 ? 1057 CYS A N   1 
ATOM   669  C CA  . CYS A 1 79  ? -8.548  -1.878  1.188   1.00 21.27 ? 1057 CYS A CA  1 
ATOM   670  C C   . CYS A 1 79  ? -9.847  -1.077  1.359   1.00 23.87 ? 1057 CYS A C   1 
ATOM   671  O O   . CYS A 1 79  ? -10.917 -1.586  1.048   1.00 23.86 ? 1057 CYS A O   1 
ATOM   672  C CB  . CYS A 1 79  ? -8.025  -2.403  2.519   1.00 22.01 ? 1057 CYS A CB  1 
ATOM   673  S SG  . CYS A 1 79  ? -9.253  -3.315  3.470   1.00 26.19 ? 1057 CYS A SG  1 
ATOM   674  N N   . SER A 1 80  ? -9.767  0.164   1.839   1.00 18.67 ? 1058 SER A N   1 
ATOM   675  C CA  . SER A 1 80  ? -10.979 0.965   2.048   1.00 18.95 ? 1058 SER A CA  1 
ATOM   676  C C   . SER A 1 80  ? -11.718 1.269   0.743   1.00 22.04 ? 1058 SER A C   1 
ATOM   677  O O   . SER A 1 80  ? -12.937 1.193   0.731   1.00 23.83 ? 1058 SER A O   1 
ATOM   678  C CB  . SER A 1 80  ? -10.676 2.222   2.854   1.00 22.49 ? 1058 SER A CB  1 
ATOM   679  O OG  . SER A 1 80  ? -9.776  3.084   2.173   1.00 30.91 ? 1058 SER A OG  1 
ATOM   680  N N   . ASN A 1 81  ? -10.999 1.515   -0.360  1.00 18.84 ? 1059 ASN A N   1 
ATOM   681  C CA  . ASN A 1 81  ? -11.601 1.769   -1.684  1.00 18.83 ? 1059 ASN A CA  1 
ATOM   682  C C   . ASN A 1 81  ? -12.414 0.554   -2.151  1.00 23.42 ? 1059 ASN A C   1 
ATOM   683  O O   . ASN A 1 81  ? -13.477 0.724   -2.741  1.00 21.48 ? 1059 ASN A O   1 
ATOM   684  C CB  . ASN A 1 81  ? -10.532 2.077   -2.738  1.00 15.81 ? 1059 ASN A CB  1 
ATOM   685  C CG  . ASN A 1 81  ? -9.868  3.426   -2.552  1.00 28.56 ? 1059 ASN A CG  1 
ATOM   686  O OD1 . ASN A 1 81  ? -10.362 4.271   -1.828  1.00 19.27 ? 1059 ASN A OD1 1 
ATOM   687  N ND2 . ASN A 1 81  ? -8.801  3.693   -3.284  1.00 18.68 ? 1059 ASN A ND2 1 
ATOM   688  N N   . ALA A 1 82  ? -11.874 -0.664  -1.945  1.00 21.14 ? 1060 ALA A N   1 
ATOM   689  C CA  . ALA A 1 82  ? -12.555 -1.889  -2.377  1.00 21.17 ? 1060 ALA A CA  1 
ATOM   690  C C   . ALA A 1 82  ? -13.801 -2.124  -1.543  1.00 25.38 ? 1060 ALA A C   1 
ATOM   691  O O   . ALA A 1 82  ? -14.804 -2.576  -2.083  1.00 26.34 ? 1060 ALA A O   1 
ATOM   692  C CB  . ALA A 1 82  ? -11.600 -3.078  -2.294  1.00 21.73 ? 1060 ALA A CB  1 
ATOM   693  N N   . LEU A 1 83  ? -13.752 -1.819  -0.238  1.00 22.90 ? 1061 LEU A N   1 
ATOM   694  C CA  . LEU A 1 83  ? -14.905 -1.973  0.652   1.00 23.90 ? 1061 LEU A CA  1 
ATOM   695  C C   . LEU A 1 83  ? -16.002 -0.984  0.286   1.00 29.91 ? 1061 LEU A C   1 
ATOM   696  O O   . LEU A 1 83  ? -17.184 -1.337  0.273   1.00 31.21 ? 1061 LEU A O   1 
ATOM   697  C CB  . LEU A 1 83  ? -14.501 -1.767  2.122   1.00 24.35 ? 1061 LEU A CB  1 
ATOM   698  C CG  . LEU A 1 83  ? -13.461 -2.727  2.719   1.00 29.74 ? 1061 LEU A CG  1 
ATOM   699  C CD1 . LEU A 1 83  ? -13.391 -2.546  4.202   1.00 31.43 ? 1061 LEU A CD1 1 
ATOM   700  C CD2 . LEU A 1 83  ? -13.784 -4.176  2.416   1.00 31.90 ? 1061 LEU A CD2 1 
ATOM   701  N N   . GLU A 1 84  ? -15.603 0.236   -0.055  1.00 26.26 ? 1062 GLU A N   1 
ATOM   702  C CA  . GLU A 1 84  ? -16.521 1.300   -0.416  1.00 27.18 ? 1062 GLU A CA  1 
ATOM   703  C C   . GLU A 1 84  ? -17.166 1.061   -1.784  1.00 32.39 ? 1062 GLU A C   1 
ATOM   704  O O   . GLU A 1 84  ? -18.383 1.208   -1.907  1.00 31.66 ? 1062 GLU A O   1 
ATOM   705  C CB  . GLU A 1 84  ? -15.799 2.652   -0.363  1.00 28.20 ? 1062 GLU A CB  1 
ATOM   706  C CG  . GLU A 1 84  ? -16.700 3.851   -0.611  1.00 44.13 ? 1062 GLU A CG  1 
ATOM   707  C CD  . GLU A 1 84  ? -16.034 5.214   -0.511  1.00 68.97 ? 1062 GLU A CD  1 
ATOM   708  O OE1 . GLU A 1 84  ? -16.708 6.221   -0.831  1.00 71.38 ? 1062 GLU A OE1 1 
ATOM   709  O OE2 . GLU A 1 84  ? -14.847 5.276   -0.109  1.00 50.25 ? 1062 GLU A OE2 1 
ATOM   710  N N   . TYR A 1 85  ? -16.363 0.694   -2.793  1.00 29.61 ? 1063 TYR A N   1 
ATOM   711  C CA  . TYR A 1 85  ? -16.862 0.474   -4.148  1.00 29.97 ? 1063 TYR A CA  1 
ATOM   712  C C   . TYR A 1 85  ? -17.662 -0.846  -4.324  1.00 32.29 ? 1063 TYR A C   1 
ATOM   713  O O   . TYR A 1 85  ? -18.519 -0.922  -5.206  1.00 30.63 ? 1063 TYR A O   1 
ATOM   714  C CB  . TYR A 1 85  ? -15.726 0.573   -5.181  1.00 31.95 ? 1063 TYR A CB  1 
ATOM   715  C CG  . TYR A 1 85  ? -16.210 0.374   -6.602  1.00 36.81 ? 1063 TYR A CG  1 
ATOM   716  C CD1 . TYR A 1 85  ? -16.950 1.362   -7.251  1.00 39.94 ? 1063 TYR A CD1 1 
ATOM   717  C CD2 . TYR A 1 85  ? -16.010 -0.835  -7.265  1.00 38.30 ? 1063 TYR A CD2 1 
ATOM   718  C CE1 . TYR A 1 85  ? -17.442 1.166   -8.540  1.00 42.36 ? 1063 TYR A CE1 1 
ATOM   719  C CE2 . TYR A 1 85  ? -16.497 -1.042  -8.552  1.00 39.58 ? 1063 TYR A CE2 1 
ATOM   720  C CZ  . TYR A 1 85  ? -17.221 -0.042  -9.182  1.00 51.71 ? 1063 TYR A CZ  1 
ATOM   721  O OH  . TYR A 1 85  ? -17.717 -0.238  -10.445 1.00 57.85 ? 1063 TYR A OH  1 
ATOM   722  N N   . ASN A 1 86  ? -17.380 -1.868  -3.503  1.00 28.13 ? 1064 ASN A N   1 
ATOM   723  C CA  . ASN A 1 86  ? -18.043 -3.179  -3.601  1.00 27.58 ? 1064 ASN A CA  1 
ATOM   724  C C   . ASN A 1 86  ? -18.795 -3.491  -2.302  1.00 29.97 ? 1064 ASN A C   1 
ATOM   725  O O   . ASN A 1 86  ? -18.431 -4.447  -1.621  1.00 30.68 ? 1064 ASN A O   1 
ATOM   726  C CB  . ASN A 1 86  ? -17.012 -4.281  -3.944  1.00 27.46 ? 1064 ASN A CB  1 
ATOM   727  C CG  . ASN A 1 86  ? -16.086 -3.918  -5.077  1.00 38.40 ? 1064 ASN A CG  1 
ATOM   728  O OD1 . ASN A 1 86  ? -16.410 -4.084  -6.259  1.00 31.51 ? 1064 ASN A OD1 1 
ATOM   729  N ND2 . ASN A 1 86  ? -14.922 -3.358  -4.747  1.00 30.95 ? 1064 ASN A ND2 1 
ATOM   730  N N   . PRO A 1 87  ? -19.848 -2.729  -1.905  1.00 26.73 ? 1065 PRO A N   1 
ATOM   731  C CA  . PRO A 1 87  ? -20.490 -3.015  -0.614  1.00 27.01 ? 1065 PRO A CA  1 
ATOM   732  C C   . PRO A 1 87  ? -21.584 -4.091  -0.643  1.00 30.78 ? 1065 PRO A C   1 
ATOM   733  O O   . PRO A 1 87  ? -22.101 -4.429  0.417   1.00 30.37 ? 1065 PRO A O   1 
ATOM   734  C CB  . PRO A 1 87  ? -21.079 -1.650  -0.230  1.00 28.62 ? 1065 PRO A CB  1 
ATOM   735  C CG  . PRO A 1 87  ? -21.518 -1.087  -1.548  1.00 32.40 ? 1065 PRO A CG  1 
ATOM   736  C CD  . PRO A 1 87  ? -20.457 -1.532  -2.538  1.00 28.75 ? 1065 PRO A CD  1 
ATOM   737  N N   . ASP A 1 88  ? -21.970 -4.586  -1.830  1.00 29.09 ? 1066 ASP A N   1 
ATOM   738  C CA  . ASP A 1 88  ? -23.103 -5.531  -1.978  1.00 28.83 ? 1066 ASP A CA  1 
ATOM   739  C C   . ASP A 1 88  ? -22.844 -6.948  -1.444  1.00 34.32 ? 1066 ASP A C   1 
ATOM   740  O O   . ASP A 1 88  ? -21.690 -7.334  -1.240  1.00 32.77 ? 1066 ASP A O   1 
ATOM   741  C CB  . ASP A 1 88  ? -23.574 -5.575  -3.442  1.00 29.63 ? 1066 ASP A CB  1 
ATOM   742  C CG  . ASP A 1 88  ? -24.256 -4.296  -3.902  1.00 41.53 ? 1066 ASP A CG  1 
ATOM   743  O OD1 . ASP A 1 88  ? -24.375 -3.350  -3.079  1.00 42.34 ? 1066 ASP A OD1 1 
ATOM   744  O OD2 . ASP A 1 88  ? -24.666 -4.235  -5.084  1.00 49.27 ? 1066 ASP A OD2 1 
ATOM   745  N N   . ARG A 1 89  ? -23.936 -7.713  -1.191  1.00 31.05 ? 1067 ARG A N   1 
ATOM   746  C CA  . ARG A 1 89  ? -23.836 -9.084  -0.679  1.00 30.65 ? 1067 ARG A CA  1 
ATOM   747  C C   . ARG A 1 89  ? -23.453 -10.069 -1.772  1.00 33.57 ? 1067 ARG A C   1 
ATOM   748  O O   . ARG A 1 89  ? -23.130 -11.211 -1.457  1.00 33.46 ? 1067 ARG A O   1 
ATOM   749  C CB  . ARG A 1 89  ? -25.119 -9.525  0.085   1.00 29.08 ? 1067 ARG A CB  1 
ATOM   750  C CG  . ARG A 1 89  ? -26.427 -9.654  -0.746  1.00 31.93 ? 1067 ARG A CG  1 
ATOM   751  C CD  . ARG A 1 89  ? -26.670 -11.045 -1.346  1.00 28.67 ? 1067 ARG A CD  1 
ATOM   752  N NE  . ARG A 1 89  ? -26.349 -12.139 -0.423  1.00 30.36 ? 1067 ARG A NE  1 
ATOM   753  C CZ  . ARG A 1 89  ? -25.911 -13.343 -0.794  1.00 40.62 ? 1067 ARG A CZ  1 
ATOM   754  N NH1 . ARG A 1 89  ? -25.738 -13.627 -2.078  1.00 27.17 ? 1067 ARG A NH1 1 
ATOM   755  N NH2 . ARG A 1 89  ? -25.625 -14.268 0.123   1.00 21.36 ? 1067 ARG A NH2 1 
ATOM   756  N N   . ASP A 1 90  ? -23.499 -9.640  -3.047  1.00 29.25 ? 1068 ASP A N   1 
ATOM   757  C CA  . ASP A 1 90  ? -23.200 -10.508 -4.178  1.00 30.41 ? 1068 ASP A CA  1 
ATOM   758  C C   . ASP A 1 90  ? -21.753 -11.077 -4.130  1.00 33.00 ? 1068 ASP A C   1 
ATOM   759  O O   . ASP A 1 90  ? -20.857 -10.435 -3.563  1.00 30.58 ? 1068 ASP A O   1 
ATOM   760  C CB  . ASP A 1 90  ? -23.538 -9.840  -5.516  1.00 34.05 ? 1068 ASP A CB  1 
ATOM   761  C CG  . ASP A 1 90  ? -22.468 -8.982  -6.124  1.00 57.67 ? 1068 ASP A CG  1 
ATOM   762  O OD1 . ASP A 1 90  ? -22.397 -7.789  -5.762  1.00 61.89 ? 1068 ASP A OD1 1 
ATOM   763  O OD2 . ASP A 1 90  ? -21.762 -9.474  -7.043  1.00 67.05 ? 1068 ASP A OD2 1 
ATOM   764  N N   . PRO A 1 91  ? -21.570 -12.329 -4.613  1.00 27.64 ? 1069 PRO A N   1 
ATOM   765  C CA  . PRO A 1 91  ? -20.245 -12.981 -4.522  1.00 25.83 ? 1069 PRO A CA  1 
ATOM   766  C C   . PRO A 1 91  ? -19.071 -12.204 -5.105  1.00 24.84 ? 1069 PRO A C   1 
ATOM   767  O O   . PRO A 1 91  ? -17.995 -12.259 -4.540  1.00 23.12 ? 1069 PRO A O   1 
ATOM   768  C CB  . PRO A 1 91  ? -20.452 -14.315 -5.256  1.00 28.22 ? 1069 PRO A CB  1 
ATOM   769  C CG  . PRO A 1 91  ? -21.926 -14.562 -5.179  1.00 33.25 ? 1069 PRO A CG  1 
ATOM   770  C CD  . PRO A 1 91  ? -22.558 -13.214 -5.269  1.00 28.78 ? 1069 PRO A CD  1 
ATOM   771  N N   . GLY A 1 92  ? -19.270 -11.550 -6.244  1.00 23.40 ? 1070 GLY A N   1 
ATOM   772  C CA  . GLY A 1 92  ? -18.252 -10.743 -6.907  1.00 23.90 ? 1070 GLY A CA  1 
ATOM   773  C C   . GLY A 1 92  ? -17.722 -9.668  -5.981  1.00 29.30 ? 1070 GLY A C   1 
ATOM   774  O O   . GLY A 1 92  ? -16.507 -9.540  -5.808  1.00 28.27 ? 1070 GLY A O   1 
ATOM   775  N N   . ASP A 1 93  ? -18.640 -8.943  -5.316  1.00 27.21 ? 1071 ASP A N   1 
ATOM   776  C CA  . ASP A 1 93  ? -18.312 -7.899  -4.350  1.00 27.33 ? 1071 ASP A CA  1 
ATOM   777  C C   . ASP A 1 93  ? -17.645 -8.501  -3.134  1.00 30.28 ? 1071 ASP A C   1 
ATOM   778  O O   . ASP A 1 93  ? -16.590 -8.023  -2.720  1.00 29.84 ? 1071 ASP A O   1 
ATOM   779  C CB  . ASP A 1 93  ? -19.570 -7.136  -3.910  1.00 29.27 ? 1071 ASP A CB  1 
ATOM   780  C CG  . ASP A 1 93  ? -20.015 -6.036  -4.846  1.00 31.42 ? 1071 ASP A CG  1 
ATOM   781  O OD1 . ASP A 1 93  ? -19.798 -6.172  -6.077  1.00 28.84 ? 1071 ASP A OD1 1 
ATOM   782  O OD2 . ASP A 1 93  ? -20.605 -5.047  -4.352  1.00 35.44 ? 1071 ASP A OD2 1 
ATOM   783  N N   . ARG A 1 94  ? -18.233 -9.553  -2.566  1.00 26.21 ? 1072 ARG A N   1 
ATOM   784  C CA  . ARG A 1 94  ? -17.661 -10.192 -1.384  1.00 25.66 ? 1072 ARG A CA  1 
ATOM   785  C C   . ARG A 1 94  ? -16.253 -10.738 -1.642  1.00 25.74 ? 1072 ARG A C   1 
ATOM   786  O O   . ARG A 1 94  ? -15.414 -10.678 -0.752  1.00 23.00 ? 1072 ARG A O   1 
ATOM   787  C CB  . ARG A 1 94  ? -18.586 -11.266 -0.815  1.00 27.31 ? 1072 ARG A CB  1 
ATOM   788  C CG  . ARG A 1 94  ? -19.840 -10.680 -0.188  1.00 37.32 ? 1072 ARG A CG  1 
ATOM   789  C CD  . ARG A 1 94  ? -20.675 -11.729 0.514   1.00 47.32 ? 1072 ARG A CD  1 
ATOM   790  N NE  . ARG A 1 94  ? -21.665 -11.128 1.414   1.00 64.06 ? 1072 ARG A NE  1 
ATOM   791  C CZ  . ARG A 1 94  ? -22.785 -11.729 1.818   1.00 80.95 ? 1072 ARG A CZ  1 
ATOM   792  N NH1 . ARG A 1 94  ? -23.094 -12.941 1.373   1.00 70.67 ? 1072 ARG A NH1 1 
ATOM   793  N NH2 . ARG A 1 94  ? -23.608 -11.115 2.661   1.00 60.76 ? 1072 ARG A NH2 1 
ATOM   794  N N   . LEU A 1 95  ? -16.004 -11.264 -2.848  1.00 21.60 ? 1073 LEU A N   1 
ATOM   795  C CA  . LEU A 1 95  ? -14.681 -11.802 -3.176  1.00 21.22 ? 1073 LEU A CA  1 
ATOM   796  C C   . LEU A 1 95  ? -13.611 -10.672 -3.179  1.00 26.60 ? 1073 LEU A C   1 
ATOM   797  O O   . LEU A 1 95  ? -12.547 -10.887 -2.611  1.00 24.79 ? 1073 LEU A O   1 
ATOM   798  C CB  . LEU A 1 95  ? -14.699 -12.551 -4.515  1.00 19.72 ? 1073 LEU A CB  1 
ATOM   799  C CG  . LEU A 1 95  ? -13.360 -13.083 -5.038  1.00 22.90 ? 1073 LEU A CG  1 
ATOM   800  C CD1 . LEU A 1 95  ? -12.759 -14.101 -4.088  1.00 21.21 ? 1073 LEU A CD1 1 
ATOM   801  C CD2 . LEU A 1 95  ? -13.525 -13.665 -6.412  1.00 25.15 ? 1073 LEU A CD2 1 
ATOM   802  N N   . ILE A 1 96  ? -13.904 -9.496  -3.797  1.00 23.96 ? 1074 ILE A N   1 
ATOM   803  C CA  . ILE A 1 96  ? -12.966 -8.351  -3.853  1.00 25.19 ? 1074 ILE A CA  1 
ATOM   804  C C   . ILE A 1 96  ? -12.683 -7.855  -2.453  1.00 28.63 ? 1074 ILE A C   1 
ATOM   805  O O   . ILE A 1 96  ? -11.532 -7.605  -2.130  1.00 28.84 ? 1074 ILE A O   1 
ATOM   806  C CB  . ILE A 1 96  ? -13.418 -7.185  -4.784  1.00 29.45 ? 1074 ILE A CB  1 
ATOM   807  C CG1 . ILE A 1 96  ? -13.907 -7.674  -6.147  1.00 30.65 ? 1074 ILE A CG1 1 
ATOM   808  C CG2 . ILE A 1 96  ? -12.308 -6.104  -4.939  1.00 30.75 ? 1074 ILE A CG2 1 
ATOM   809  C CD1 . ILE A 1 96  ? -12.839 -8.320  -7.091  1.00 44.16 ? 1074 ILE A CD1 1 
ATOM   810  N N   . ARG A 1 97  ? -13.726 -7.748  -1.612  1.00 25.55 ? 1075 ARG A N   1 
ATOM   811  C CA  . ARG A 1 97  ? -13.614 -7.315  -0.225  1.00 25.61 ? 1075 ARG A CA  1 
ATOM   812  C C   . ARG A 1 97  ? -12.736 -8.246  0.581   1.00 29.18 ? 1075 ARG A C   1 
ATOM   813  O O   . ARG A 1 97  ? -11.923 -7.774  1.381   1.00 27.82 ? 1075 ARG A O   1 
ATOM   814  C CB  . ARG A 1 97  ? -14.999 -7.209  0.451   1.00 25.21 ? 1075 ARG A CB  1 
ATOM   815  C CG  . ARG A 1 97  ? -15.865 -6.081  -0.104  1.00 30.78 ? 1075 ARG A CG  1 
ATOM   816  C CD  . ARG A 1 97  ? -16.866 -5.548  0.914   1.00 34.67 ? 1075 ARG A CD  1 
ATOM   817  N NE  . ARG A 1 97  ? -17.677 -6.567  1.590   1.00 36.99 ? 1075 ARG A NE  1 
ATOM   818  C CZ  . ARG A 1 97  ? -18.811 -7.066  1.106   1.00 48.90 ? 1075 ARG A CZ  1 
ATOM   819  N NH1 . ARG A 1 97  ? -19.246 -6.702  -0.091  1.00 31.67 ? 1075 ARG A NH1 1 
ATOM   820  N NH2 . ARG A 1 97  ? -19.504 -7.952  1.807   1.00 35.66 ? 1075 ARG A NH2 1 
ATOM   821  N N   . HIS A 1 98  ? -12.916 -9.575  0.415   1.00 24.67 ? 1076 HIS A N   1 
ATOM   822  C CA  . HIS A 1 98  ? -12.106 -10.511 1.169   1.00 23.31 ? 1076 HIS A CA  1 
ATOM   823  C C   . HIS A 1 98  ? -10.643 -10.402 0.744   1.00 23.98 ? 1076 HIS A C   1 
ATOM   824  O O   . HIS A 1 98  ? -9.766  -10.418 1.601   1.00 22.80 ? 1076 HIS A O   1 
ATOM   825  C CB  . HIS A 1 98  ? -12.633 -11.938 1.010   1.00 24.55 ? 1076 HIS A CB  1 
ATOM   826  C CG  . HIS A 1 98  ? -11.988 -12.913 1.942   1.00 28.47 ? 1076 HIS A CG  1 
ATOM   827  N ND1 . HIS A 1 98  ? -10.947 -13.741 1.521   1.00 30.78 ? 1076 HIS A ND1 1 
ATOM   828  C CD2 . HIS A 1 98  ? -12.285 -13.206 3.229   1.00 29.96 ? 1076 HIS A CD2 1 
ATOM   829  C CE1 . HIS A 1 98  ? -10.645 -14.493 2.568   1.00 29.46 ? 1076 HIS A CE1 1 
ATOM   830  N NE2 . HIS A 1 98  ? -11.417 -14.202 3.618   1.00 29.69 ? 1076 HIS A NE2 1 
ATOM   831  N N   . ARG A 1 99  ? -10.397 -10.233 -0.563  1.00 20.40 ? 1077 ARG A N   1 
ATOM   832  C CA  . ARG A 1 99  ? -9.050  -10.100 -1.129  1.00 20.45 ? 1077 ARG A CA  1 
ATOM   833  C C   . ARG A 1 99  ? -8.392  -8.785  -0.681  1.00 25.00 ? 1077 ARG A C   1 
ATOM   834  O O   . ARG A 1 99  ? -7.204  -8.769  -0.356  1.00 22.37 ? 1077 ARG A O   1 
ATOM   835  C CB  . ARG A 1 99  ? -9.120  -10.170 -2.658  1.00 19.12 ? 1077 ARG A CB  1 
ATOM   836  C CG  . ARG A 1 99  ? -9.298  -11.580 -3.202  1.00 18.92 ? 1077 ARG A CG  1 
ATOM   837  C CD  . ARG A 1 99  ? -9.588  -11.522 -4.692  1.00 18.55 ? 1077 ARG A CD  1 
ATOM   838  N NE  . ARG A 1 99  ? -9.567  -12.852 -5.307  1.00 27.64 ? 1077 ARG A NE  1 
ATOM   839  C CZ  . ARG A 1 99  ? -9.891  -13.103 -6.569  1.00 28.25 ? 1077 ARG A CZ  1 
ATOM   840  N NH1 . ARG A 1 99  ? -10.282 -12.123 -7.369  1.00 22.99 ? 1077 ARG A NH1 1 
ATOM   841  N NH2 . ARG A 1 99  ? -9.814  -14.342 -7.045  1.00 23.19 ? 1077 ARG A NH2 1 
ATOM   842  N N   . ALA A 1 100 ? -9.183  -7.703  -0.582  1.00 24.28 ? 1078 ALA A N   1 
ATOM   843  C CA  . ALA A 1 100 ? -8.678  -6.401  -0.127  1.00 25.21 ? 1078 ALA A CA  1 
ATOM   844  C C   . ALA A 1 100 ? -8.279  -6.429  1.324   1.00 28.31 ? 1078 ALA A C   1 
ATOM   845  O O   . ALA A 1 100 ? -7.208  -5.916  1.652   1.00 30.14 ? 1078 ALA A O   1 
ATOM   846  C CB  . ALA A 1 100 ? -9.702  -5.308  -0.384  1.00 26.10 ? 1078 ALA A CB  1 
ATOM   847  N N   . CYS A 1 101 ? -9.101  -7.048  2.176   1.00 26.44 ? 1079 CYS A N   1 
ATOM   848  C CA  . CYS A 1 101 ? -8.889  -7.234  3.614   1.00 28.55 ? 1079 CYS A CA  1 
ATOM   849  C C   . CYS A 1 101 ? -7.668  -8.111  3.810   1.00 27.01 ? 1079 CYS A C   1 
ATOM   850  O O   . CYS A 1 101 ? -6.885  -7.865  4.726   1.00 25.14 ? 1079 CYS A O   1 
ATOM   851  C CB  . CYS A 1 101 ? -10.108 -7.868  4.285   1.00 31.95 ? 1079 CYS A CB  1 
ATOM   852  S SG  . CYS A 1 101 ? -11.446 -6.712  4.695   1.00 37.85 ? 1079 CYS A SG  1 
ATOM   853  N N   . ALA A 1 102 ? -7.543  -9.163  2.982   1.00 19.06 ? 1080 ALA A N   1 
ATOM   854  C CA  . ALA A 1 102 ? -6.433  -10.118 3.026   1.00 18.02 ? 1080 ALA A CA  1 
ATOM   855  C C   . ALA A 1 102 ? -5.106  -9.417  2.646   1.00 20.14 ? 1080 ALA A C   1 
ATOM   856  O O   . ALA A 1 102 ? -4.085  -9.662  3.286   1.00 19.91 ? 1080 ALA A O   1 
ATOM   857  C CB  . ALA A 1 102 ? -6.715  -11.280 2.094   1.00 18.81 ? 1080 ALA A CB  1 
ATOM   858  N N   . LEU A 1 103 ? -5.135  -8.538  1.632   1.00 16.34 ? 1081 LEU A N   1 
ATOM   859  C CA  . LEU A 1 103 ? -3.976  -7.753  1.200   1.00 17.76 ? 1081 LEU A CA  1 
ATOM   860  C C   . LEU A 1 103 ? -3.526  -6.849  2.356   1.00 21.64 ? 1081 LEU A C   1 
ATOM   861  O O   . LEU A 1 103 ? -2.337  -6.870  2.716   1.00 18.23 ? 1081 LEU A O   1 
ATOM   862  C CB  . LEU A 1 103 ? -4.293  -6.947  -0.079  1.00 18.33 ? 1081 LEU A CB  1 
ATOM   863  C CG  . LEU A 1 103 ? -3.115  -6.087  -0.678  1.00 22.83 ? 1081 LEU A CG  1 
ATOM   864  C CD1 . LEU A 1 103 ? -3.173  -6.081  -2.181  1.00 23.38 ? 1081 LEU A CD1 1 
ATOM   865  C CD2 . LEU A 1 103 ? -3.264  -4.657  -0.287  1.00 25.12 ? 1081 LEU A CD2 1 
ATOM   866  N N   . ARG A 1 104 ? -4.478  -6.117  2.974   1.00 19.84 ? 1082 ARG A N   1 
ATOM   867  C CA  . ARG A 1 104 ? -4.202  -5.261  4.138   1.00 21.13 ? 1082 ARG A CA  1 
ATOM   868  C C   . ARG A 1 104 ? -3.605  -6.063  5.299   1.00 24.05 ? 1082 ARG A C   1 
ATOM   869  O O   . ARG A 1 104 ? -2.570  -5.666  5.837   1.00 21.17 ? 1082 ARG A O   1 
ATOM   870  C CB  . ARG A 1 104 ? -5.468  -4.524  4.607   1.00 23.93 ? 1082 ARG A CB  1 
ATOM   871  C CG  . ARG A 1 104 ? -5.210  -3.475  5.710   1.00 27.99 ? 1082 ARG A CG  1 
ATOM   872  C CD  . ARG A 1 104 ? -6.468  -3.094  6.483   1.00 50.39 ? 1082 ARG A CD  1 
ATOM   873  N NE  . ARG A 1 104 ? -6.899  -4.174  7.382   1.00 68.69 ? 1082 ARG A NE  1 
ATOM   874  C CZ  . ARG A 1 104 ? -8.006  -4.898  7.233   1.00 84.34 ? 1082 ARG A CZ  1 
ATOM   875  N NH1 . ARG A 1 104 ? -8.851  -4.637  6.247   1.00 80.25 ? 1082 ARG A NH1 1 
ATOM   876  N NH2 . ARG A 1 104 ? -8.297  -5.861  8.095   1.00 68.36 ? 1082 ARG A NH2 1 
ATOM   877  N N   . ASP A 1 105 ? -4.252  -7.182  5.688   1.00 21.42 ? 1083 ASP A N   1 
ATOM   878  C CA  . ASP A 1 105 ? -3.782  -8.042  6.773   1.00 20.03 ? 1083 ASP A CA  1 
ATOM   879  C C   . ASP A 1 105 ? -2.403  -8.602  6.502   1.00 20.67 ? 1083 ASP A C   1 
ATOM   880  O O   . ASP A 1 105 ? -1.619  -8.708  7.438   1.00 18.66 ? 1083 ASP A O   1 
ATOM   881  C CB  . ASP A 1 105 ? -4.748  -9.200  7.035   1.00 22.29 ? 1083 ASP A CB  1 
ATOM   882  C CG  . ASP A 1 105 ? -6.107  -8.792  7.571   1.00 34.40 ? 1083 ASP A CG  1 
ATOM   883  O OD1 . ASP A 1 105 ? -6.215  -7.682  8.133   1.00 34.71 ? 1083 ASP A OD1 1 
ATOM   884  O OD2 . ASP A 1 105 ? -7.054  -9.593  7.451   1.00 33.84 ? 1083 ASP A OD2 1 
ATOM   885  N N   . THR A 1 106 ? -2.115  -8.978  5.245   1.00 16.79 ? 1084 THR A N   1 
ATOM   886  C CA  . THR A 1 106 ? -0.810  -9.532  4.876   1.00 16.13 ? 1084 THR A CA  1 
ATOM   887  C C   . THR A 1 106 ? 0.285   -8.462  5.002   1.00 20.20 ? 1084 THR A C   1 
ATOM   888  O O   . THR A 1 106 ? 1.358   -8.753  5.538   1.00 17.97 ? 1084 THR A O   1 
ATOM   889  C CB  . THR A 1 106 ? -0.845  -10.148 3.475   1.00 20.30 ? 1084 THR A CB  1 
ATOM   890  O OG1 . THR A 1 106 ? -1.863  -11.156 3.463   1.00 16.73 ? 1084 THR A OG1 1 
ATOM   891  C CG2 . THR A 1 106 ? 0.523   -10.813 3.081   1.00 15.57 ? 1084 THR A CG2 1 
ATOM   892  N N   . ALA A 1 107 ? 0.017   -7.235  4.512   1.00 15.11 ? 1085 ALA A N   1 
ATOM   893  C CA  . ALA A 1 107 ? 1.011   -6.154  4.592   1.00 15.36 ? 1085 ALA A CA  1 
ATOM   894  C C   . ALA A 1 107 ? 1.322   -5.873  6.081   1.00 18.54 ? 1085 ALA A C   1 
ATOM   895  O O   . ALA A 1 107 ? 2.491   -5.805  6.441   1.00 19.01 ? 1085 ALA A O   1 
ATOM   896  C CB  . ALA A 1 107 ? 0.465   -4.900  3.914   1.00 15.14 ? 1085 ALA A CB  1 
ATOM   897  N N   . TYR A 1 108 ? 0.287   -5.758  6.944   1.00 15.73 ? 1086 TYR A N   1 
ATOM   898  C CA  . TYR A 1 108 ? 0.447   -5.552  8.387   1.00 15.98 ? 1086 TYR A CA  1 
ATOM   899  C C   . TYR A 1 108 ? 1.186   -6.731  9.066   1.00 18.39 ? 1086 TYR A C   1 
ATOM   900  O O   . TYR A 1 108 ? 2.053   -6.499  9.911   1.00 15.71 ? 1086 TYR A O   1 
ATOM   901  C CB  . TYR A 1 108 ? -0.915  -5.278  9.079   1.00 17.80 ? 1086 TYR A CB  1 
ATOM   902  C CG  . TYR A 1 108 ? -1.363  -3.833  8.982   1.00 20.70 ? 1086 TYR A CG  1 
ATOM   903  C CD1 . TYR A 1 108 ? -2.037  -3.364  7.855   1.00 22.31 ? 1086 TYR A CD1 1 
ATOM   904  C CD2 . TYR A 1 108 ? -1.100  -2.929  10.012  1.00 21.38 ? 1086 TYR A CD2 1 
ATOM   905  C CE1 . TYR A 1 108 ? -2.460  -2.037  7.764   1.00 20.73 ? 1086 TYR A CE1 1 
ATOM   906  C CE2 . TYR A 1 108 ? -1.522  -1.599  9.933   1.00 21.71 ? 1086 TYR A CE2 1 
ATOM   907  C CZ  . TYR A 1 108 ? -2.196  -1.155  8.805   1.00 24.75 ? 1086 TYR A CZ  1 
ATOM   908  O OH  . TYR A 1 108 ? -2.609  0.157   8.718   1.00 21.63 ? 1086 TYR A OH  1 
ATOM   909  N N   . ALA A 1 109 ? 0.863   -7.981  8.693   1.00 17.88 ? 1087 ALA A N   1 
ATOM   910  C CA  . ALA A 1 109 ? 1.524   -9.157  9.291   1.00 18.81 ? 1087 ALA A CA  1 
ATOM   911  C C   . ALA A 1 109 ? 3.018   -9.220  8.896   1.00 20.27 ? 1087 ALA A C   1 
ATOM   912  O O   . ALA A 1 109 ? 3.857   -9.524  9.748   1.00 19.40 ? 1087 ALA A O   1 
ATOM   913  C CB  . ALA A 1 109 ? 0.811   -10.444 8.891   1.00 19.66 ? 1087 ALA A CB  1 
ATOM   914  N N   . ILE A 1 110 ? 3.350   -8.893  7.633   1.00 17.01 ? 1088 ILE A N   1 
ATOM   915  C CA  . ILE A 1 110 ? 4.760   -8.889  7.189   1.00 16.54 ? 1088 ILE A CA  1 
ATOM   916  C C   . ILE A 1 110 ? 5.546   -7.865  8.012   1.00 20.32 ? 1088 ILE A C   1 
ATOM   917  O O   . ILE A 1 110 ? 6.603   -8.186  8.529   1.00 19.98 ? 1088 ILE A O   1 
ATOM   918  C CB  . ILE A 1 110 ? 4.886   -8.634  5.658   1.00 18.24 ? 1088 ILE A CB  1 
ATOM   919  C CG1 . ILE A 1 110 ? 4.392   -9.866  4.845   1.00 17.78 ? 1088 ILE A CG1 1 
ATOM   920  C CG2 . ILE A 1 110 ? 6.345   -8.271  5.280   1.00 16.20 ? 1088 ILE A CG2 1 
ATOM   921  C CD1 . ILE A 1 110 ? 4.132   -9.571  3.292   1.00 20.41 ? 1088 ILE A CD1 1 
ATOM   922  N N   . ILE A 1 111 ? 5.013   -6.639  8.115   1.00 17.69 ? 1089 ILE A N   1 
ATOM   923  C CA  . ILE A 1 111 ? 5.613   -5.514  8.838   1.00 17.91 ? 1089 ILE A CA  1 
ATOM   924  C C   . ILE A 1 111 ? 5.715   -5.843  10.328  1.00 21.81 ? 1089 ILE A C   1 
ATOM   925  O O   . ILE A 1 111 ? 6.758   -5.613  10.929  1.00 21.05 ? 1089 ILE A O   1 
ATOM   926  C CB  . ILE A 1 111 ? 4.828   -4.223  8.483   1.00 21.75 ? 1089 ILE A CB  1 
ATOM   927  C CG1 . ILE A 1 111 ? 5.278   -3.737  7.067   1.00 22.89 ? 1089 ILE A CG1 1 
ATOM   928  C CG2 . ILE A 1 111 ? 4.933   -3.116  9.559   1.00 21.86 ? 1089 ILE A CG2 1 
ATOM   929  C CD1 . ILE A 1 111 ? 4.280   -2.946  6.309   1.00 29.99 ? 1089 ILE A CD1 1 
ATOM   930  N N   . LYS A 1 112 ? 4.688   -6.487  10.900  1.00 18.76 ? 1090 LYS A N   1 
ATOM   931  C CA  . LYS A 1 112 ? 4.754   -6.870  12.324  1.00 18.84 ? 1090 LYS A CA  1 
ATOM   932  C C   . LYS A 1 112 ? 5.925   -7.851  12.565  1.00 21.22 ? 1090 LYS A C   1 
ATOM   933  O O   . LYS A 1 112 ? 6.628   -7.715  13.549  1.00 21.68 ? 1090 LYS A O   1 
ATOM   934  C CB  . LYS A 1 112 ? 3.416   -7.495  12.771  1.00 22.65 ? 1090 LYS A CB  1 
ATOM   935  C CG  . LYS A 1 112 ? 3.374   -7.926  14.246  1.00 39.43 ? 1090 LYS A CG  1 
ATOM   936  C CD  . LYS A 1 112 ? 2.102   -8.712  14.532  1.00 50.97 ? 1090 LYS A CD  1 
ATOM   937  C CE  . LYS A 1 112 ? 1.788   -8.842  16.002  1.00 63.19 ? 1090 LYS A CE  1 
ATOM   938  N NZ  . LYS A 1 112 ? 0.387   -9.308  16.206  1.00 73.81 ? 1090 LYS A NZ  1 
ATOM   939  N N   . GLU A 1 113 ? 6.142   -8.819  11.660  1.00 18.56 ? 1091 GLU A N   1 
ATOM   940  C CA  . GLU A 1 113 ? 7.221   -9.811  11.819  1.00 18.14 ? 1091 GLU A CA  1 
ATOM   941  C C   . GLU A 1 113 ? 8.598   -9.340  11.394  1.00 20.35 ? 1091 GLU A C   1 
ATOM   942  O O   . GLU A 1 113 ? 9.597   -9.881  11.865  1.00 20.10 ? 1091 GLU A O   1 
ATOM   943  C CB  . GLU A 1 113 ? 6.913   -11.068 10.995  1.00 19.77 ? 1091 GLU A CB  1 
ATOM   944  C CG  . GLU A 1 113 ? 5.698   -11.860 11.445  1.00 36.11 ? 1091 GLU A CG  1 
ATOM   945  C CD  . GLU A 1 113 ? 5.514   -13.107 10.606  1.00 72.39 ? 1091 GLU A CD  1 
ATOM   946  O OE1 . GLU A 1 113 ? 4.959   -12.996 9.487   1.00 73.60 ? 1091 GLU A OE1 1 
ATOM   947  O OE2 . GLU A 1 113 ? 5.993   -14.182 11.035  1.00 75.41 ? 1091 GLU A OE2 1 
ATOM   948  N N   . GLU A 1 114 ? 8.675   -8.402  10.436  1.00 17.57 ? 1092 GLU A N   1 
ATOM   949  C CA  . GLU A 1 114 ? 9.964   -8.078  9.845   1.00 17.11 ? 1092 GLU A CA  1 
ATOM   950  C C   . GLU A 1 114 ? 10.453  -6.657  10.059  1.00 22.02 ? 1092 GLU A C   1 
ATOM   951  O O   . GLU A 1 114 ? 11.627  -6.388  9.806   1.00 20.87 ? 1092 GLU A O   1 
ATOM   952  C CB  . GLU A 1 114 ? 9.919   -8.397  8.348   1.00 17.39 ? 1092 GLU A CB  1 
ATOM   953  C CG  . GLU A 1 114 ? 9.530   -9.851  8.071   1.00 14.70 ? 1092 GLU A CG  1 
ATOM   954  C CD  . GLU A 1 114 ? 9.349   -10.168 6.606   1.00 21.19 ? 1092 GLU A CD  1 
ATOM   955  O OE1 . GLU A 1 114 ? 9.924   -9.465  5.747   1.00 18.15 ? 1092 GLU A OE1 1 
ATOM   956  O OE2 . GLU A 1 114 ? 8.577   -11.102 6.310   1.00 19.73 ? 1092 GLU A OE2 1 
ATOM   957  N N   . LEU A 1 115 ? 9.571   -5.750  10.463  1.00 18.73 ? 1093 LEU A N   1 
ATOM   958  C CA  . LEU A 1 115 ? 9.990   -4.383  10.677  1.00 18.91 ? 1093 LEU A CA  1 
ATOM   959  C C   . LEU A 1 115 ? 10.491  -4.186  12.125  1.00 23.50 ? 1093 LEU A C   1 
ATOM   960  O O   . LEU A 1 115 ? 9.744   -4.377  13.071  1.00 24.25 ? 1093 LEU A O   1 
ATOM   961  C CB  . LEU A 1 115 ? 8.862   -3.386  10.347  1.00 18.47 ? 1093 LEU A CB  1 
ATOM   962  C CG  . LEU A 1 115 ? 9.221   -1.900  10.643  1.00 22.07 ? 1093 LEU A CG  1 
ATOM   963  C CD1 . LEU A 1 115 ? 10.240  -1.379  9.662   1.00 20.62 ? 1093 LEU A CD1 1 
ATOM   964  C CD2 . LEU A 1 115 ? 7.986   -1.060  10.671  1.00 24.84 ? 1093 LEU A CD2 1 
ATOM   965  N N   . ASP A 1 116 ? 11.735  -3.765  12.286  1.00 21.82 ? 1094 ASP A N   1 
ATOM   966  C CA  . ASP A 1 116 ? 12.276  -3.449  13.613  1.00 20.55 ? 1094 ASP A CA  1 
ATOM   967  C C   . ASP A 1 116 ? 11.586  -2.154  14.068  1.00 21.10 ? 1094 ASP A C   1 
ATOM   968  O O   . ASP A 1 116 ? 11.609  -1.174  13.335  1.00 18.94 ? 1094 ASP A O   1 
ATOM   969  C CB  . ASP A 1 116 ? 13.795  -3.267  13.544  1.00 21.83 ? 1094 ASP A CB  1 
ATOM   970  C CG  . ASP A 1 116 ? 14.389  -3.083  14.927  1.00 29.81 ? 1094 ASP A CG  1 
ATOM   971  O OD1 . ASP A 1 116 ? 14.041  -2.094  15.591  1.00 31.40 ? 1094 ASP A OD1 1 
ATOM   972  O OD2 . ASP A 1 116 ? 15.189  -3.930  15.341  1.00 31.72 ? 1094 ASP A OD2 1 
ATOM   973  N N   . GLU A 1 117 ? 10.947  -2.148  15.247  1.00 19.11 ? 1095 GLU A N   1 
ATOM   974  C CA  . GLU A 1 117 ? 10.210  -0.948  15.659  1.00 20.53 ? 1095 GLU A CA  1 
ATOM   975  C C   . GLU A 1 117 ? 11.120  0.267   15.953  1.00 22.96 ? 1095 GLU A C   1 
ATOM   976  O O   . GLU A 1 117 ? 10.642  1.394   15.835  1.00 22.32 ? 1095 GLU A O   1 
ATOM   977  C CB  . GLU A 1 117 ? 9.214   -1.216  16.800  1.00 23.11 ? 1095 GLU A CB  1 
ATOM   978  C CG  . GLU A 1 117 ? 9.797   -1.734  18.102  1.00 39.97 ? 1095 GLU A CG  1 
ATOM   979  C CD  . GLU A 1 117 ? 8.745   -2.040  19.159  1.00 70.33 ? 1095 GLU A CD  1 
ATOM   980  O OE1 . GLU A 1 117 ? 9.053   -1.861  20.360  1.00 73.95 ? 1095 GLU A OE1 1 
ATOM   981  O OE2 . GLU A 1 117 ? 7.615   -2.442  18.793  1.00 59.27 ? 1095 GLU A OE2 1 
ATOM   982  N N   . ASP A 1 118 ? 12.426  0.046   16.250  1.00 20.00 ? 1096 ASP A N   1 
ATOM   983  C CA  . ASP A 1 118 ? 13.363  1.172   16.458  1.00 20.11 ? 1096 ASP A CA  1 
ATOM   984  C C   . ASP A 1 118 ? 13.723  1.757   15.121  1.00 21.82 ? 1096 ASP A C   1 
ATOM   985  O O   . ASP A 1 118 ? 14.072  2.921   15.053  1.00 20.24 ? 1096 ASP A O   1 
ATOM   986  C CB  . ASP A 1 118 ? 14.646  0.745   17.199  1.00 20.94 ? 1096 ASP A CB  1 
ATOM   987  C CG  . ASP A 1 118 ? 14.437  0.287   18.627  1.00 25.64 ? 1096 ASP A CG  1 
ATOM   988  O OD1 . ASP A 1 118 ? 13.502  0.788   19.281  1.00 25.76 ? 1096 ASP A OD1 1 
ATOM   989  O OD2 . ASP A 1 118 ? 15.155  -0.625  19.058  1.00 32.48 ? 1096 ASP A OD2 1 
ATOM   990  N N   . PHE A 1 119 ? 13.686  0.945   14.045  1.00 19.28 ? 1097 PHE A N   1 
ATOM   991  C CA  . PHE A 1 119 ? 13.955  1.470   12.712  1.00 17.15 ? 1097 PHE A CA  1 
ATOM   992  C C   . PHE A 1 119 ? 12.803  2.419   12.323  1.00 19.39 ? 1097 PHE A C   1 
ATOM   993  O O   . PHE A 1 119 ? 13.054  3.504   11.802  1.00 18.47 ? 1097 PHE A O   1 
ATOM   994  C CB  . PHE A 1 119 ? 14.089  0.348   11.674  1.00 19.28 ? 1097 PHE A CB  1 
ATOM   995  C CG  . PHE A 1 119 ? 14.337  0.905   10.293  1.00 19.11 ? 1097 PHE A CG  1 
ATOM   996  C CD1 . PHE A 1 119 ? 15.618  1.265   9.892   1.00 20.82 ? 1097 PHE A CD1 1 
ATOM   997  C CD2 . PHE A 1 119 ? 13.279  1.108   9.406   1.00 20.46 ? 1097 PHE A CD2 1 
ATOM   998  C CE1 . PHE A 1 119 ? 15.841  1.813   8.632   1.00 21.64 ? 1097 PHE A CE1 1 
ATOM   999  C CE2 . PHE A 1 119 ? 13.503  1.650   8.143   1.00 21.91 ? 1097 PHE A CE2 1 
ATOM   1000 C CZ  . PHE A 1 119 ? 14.777  2.016   7.770   1.00 20.56 ? 1097 PHE A CZ  1 
ATOM   1001 N N   . GLU A 1 120 ? 11.546  2.001   12.552  1.00 17.12 ? 1098 GLU A N   1 
ATOM   1002 C CA  . GLU A 1 120 ? 10.377  2.835   12.270  1.00 16.73 ? 1098 GLU A CA  1 
ATOM   1003 C C   . GLU A 1 120 ? 10.426  4.097   13.105  1.00 21.32 ? 1098 GLU A C   1 
ATOM   1004 O O   . GLU A 1 120 ? 10.095  5.165   12.592  1.00 19.54 ? 1098 GLU A O   1 
ATOM   1005 C CB  . GLU A 1 120 ? 9.062   2.077   12.592  1.00 18.08 ? 1098 GLU A CB  1 
ATOM   1006 C CG  . GLU A 1 120 ? 7.787   2.914   12.435  1.00 21.26 ? 1098 GLU A CG  1 
ATOM   1007 C CD  . GLU A 1 120 ? 7.546   3.596   11.094  1.00 29.84 ? 1098 GLU A CD  1 
ATOM   1008 O OE1 . GLU A 1 120 ? 8.303   3.315   10.143  1.00 24.71 ? 1098 GLU A OE1 1 
ATOM   1009 O OE2 . GLU A 1 120 ? 6.543   4.338   10.963  1.00 25.27 ? 1098 GLU A OE2 1 
ATOM   1010 N N   . GLN A 1 121 ? 10.797  3.966   14.404  1.00 19.82 ? 1099 GLN A N   1 
ATOM   1011 C CA  . GLN A 1 121 ? 10.860  5.113   15.341  1.00 19.43 ? 1099 GLN A CA  1 
ATOM   1012 C C   . GLN A 1 121 ? 11.857  6.151   14.835  1.00 22.21 ? 1099 GLN A C   1 
ATOM   1013 O O   . GLN A 1 121 ? 11.547  7.339   14.834  1.00 22.03 ? 1099 GLN A O   1 
ATOM   1014 C CB  . GLN A 1 121 ? 11.211  4.647   16.774  1.00 20.61 ? 1099 GLN A CB  1 
ATOM   1015 C CG  . GLN A 1 121 ? 11.098  5.755   17.857  1.00 21.78 ? 1099 GLN A CG  1 
ATOM   1016 C CD  . GLN A 1 121 ? 9.708   6.324   17.955  1.00 35.66 ? 1099 GLN A CD  1 
ATOM   1017 O OE1 . GLN A 1 121 ? 8.708   5.614   17.834  1.00 30.88 ? 1099 GLN A OE1 1 
ATOM   1018 N NE2 . GLN A 1 121 ? 9.611   7.633   18.106  1.00 26.68 ? 1099 GLN A NE2 1 
ATOM   1019 N N   . LEU A 1 122 ? 13.019  5.693   14.336  1.00 19.70 ? 1100 LEU A N   1 
ATOM   1020 C CA  . LEU A 1 122 ? 14.034  6.564   13.749  1.00 19.50 ? 1100 LEU A CA  1 
ATOM   1021 C C   . LEU A 1 122 ? 13.477  7.333   12.550  1.00 23.50 ? 1100 LEU A C   1 
ATOM   1022 O O   . LEU A 1 122 ? 13.665  8.562   12.460  1.00 21.64 ? 1100 LEU A O   1 
ATOM   1023 C CB  . LEU A 1 122 ? 15.299  5.750   13.362  1.00 19.76 ? 1100 LEU A CB  1 
ATOM   1024 C CG  . LEU A 1 122 ? 16.439  6.534   12.667  1.00 24.31 ? 1100 LEU A CG  1 
ATOM   1025 C CD1 . LEU A 1 122 ? 16.915  7.734   13.539  1.00 25.39 ? 1100 LEU A CD1 1 
ATOM   1026 C CD2 . LEU A 1 122 ? 17.626  5.640   12.387  1.00 24.16 ? 1100 LEU A CD2 1 
ATOM   1027 N N   . CYS A 1 123 ? 12.773  6.616   11.636  1.00 19.84 ? 1101 CYS A N   1 
ATOM   1028 C CA  . CYS A 1 123 ? 12.149  7.236   10.462  1.00 19.07 ? 1101 CYS A CA  1 
ATOM   1029 C C   . CYS A 1 123 ? 11.187  8.321   10.897  1.00 23.47 ? 1101 CYS A C   1 
ATOM   1030 O O   . CYS A 1 123 ? 11.178  9.395   10.300  1.00 24.44 ? 1101 CYS A O   1 
ATOM   1031 C CB  . CYS A 1 123 ? 11.433  6.194   9.606   1.00 18.00 ? 1101 CYS A CB  1 
ATOM   1032 S SG  . CYS A 1 123 ? 12.547  5.080   8.735   1.00 20.58 ? 1101 CYS A SG  1 
ATOM   1033 N N   . GLU A 1 124 ? 10.351  8.028   11.905  1.00 21.18 ? 1102 GLU A N   1 
ATOM   1034 C CA  . GLU A 1 124 ? 9.349   8.981   12.399  1.00 22.12 ? 1102 GLU A CA  1 
ATOM   1035 C C   . GLU A 1 124 ? 10.035  10.226  13.006  1.00 29.70 ? 1102 GLU A C   1 
ATOM   1036 O O   . GLU A 1 124 ? 9.625   11.353  12.720  1.00 30.28 ? 1102 GLU A O   1 
ATOM   1037 C CB  . GLU A 1 124 ? 8.409   8.304   13.413  1.00 23.07 ? 1102 GLU A CB  1 
ATOM   1038 C CG  . GLU A 1 124 ? 7.504   7.248   12.783  1.00 31.32 ? 1102 GLU A CG  1 
ATOM   1039 C CD  . GLU A 1 124 ? 6.490   6.564   13.683  1.00 53.96 ? 1102 GLU A CD  1 
ATOM   1040 O OE1 . GLU A 1 124 ? 6.300   7.033   14.827  1.00 49.62 ? 1102 GLU A OE1 1 
ATOM   1041 O OE2 . GLU A 1 124 ? 5.855   5.579   13.232  1.00 40.54 ? 1102 GLU A OE2 1 
ATOM   1042 N N   . GLU A 1 125 ? 11.142  10.021  13.746  1.00 26.65 ? 1103 GLU A N   1 
ATOM   1043 C CA  . GLU A 1 125 ? 11.861  11.137  14.376  1.00 26.24 ? 1103 GLU A CA  1 
ATOM   1044 C C   . GLU A 1 125 ? 12.567  12.013  13.363  1.00 32.61 ? 1103 GLU A C   1 
ATOM   1045 O O   . GLU A 1 125 ? 12.493  13.232  13.499  1.00 35.12 ? 1103 GLU A O   1 
ATOM   1046 C CB  . GLU A 1 125 ? 12.778  10.647  15.493  1.00 26.53 ? 1103 GLU A CB  1 
ATOM   1047 C CG  . GLU A 1 125 ? 11.950  10.212  16.698  1.00 25.81 ? 1103 GLU A CG  1 
ATOM   1048 C CD  . GLU A 1 125 ? 12.703  9.664   17.889  1.00 32.43 ? 1103 GLU A CD  1 
ATOM   1049 O OE1 . GLU A 1 125 ? 13.947  9.777   17.921  1.00 24.99 ? 1103 GLU A OE1 1 
ATOM   1050 O OE2 . GLU A 1 125 ? 12.044  9.107   18.793  1.00 22.82 ? 1103 GLU A OE2 1 
ATOM   1051 N N   . ILE A 1 126 ? 13.166  11.443  12.310  1.00 27.85 ? 1104 ILE A N   1 
ATOM   1052 C CA  . ILE A 1 126 ? 13.774  12.247  11.254  1.00 27.69 ? 1104 ILE A CA  1 
ATOM   1053 C C   . ILE A 1 126 ? 12.649  13.056  10.539  1.00 36.85 ? 1104 ILE A C   1 
ATOM   1054 O O   . ILE A 1 126 ? 12.812  14.260  10.322  1.00 37.30 ? 1104 ILE A O   1 
ATOM   1055 C CB  . ILE A 1 126 ? 14.587  11.391  10.248  1.00 30.14 ? 1104 ILE A CB  1 
ATOM   1056 C CG1 . ILE A 1 126 ? 15.709  10.579  10.946  1.00 29.89 ? 1104 ILE A CG1 1 
ATOM   1057 C CG2 . ILE A 1 126 ? 15.155  12.270  9.134   1.00 30.65 ? 1104 ILE A CG2 1 
ATOM   1058 C CD1 . ILE A 1 126 ? 16.302  9.400   10.099  1.00 31.29 ? 1104 ILE A CD1 1 
ATOM   1059 N N   . GLN A 1 127 ? 11.511  12.389  10.199  1.00 35.61 ? 1105 GLN A N   1 
ATOM   1060 C CA  . GLN A 1 127 ? 10.366  13.005  9.518   1.00 36.15 ? 1105 GLN A CA  1 
ATOM   1061 C C   . GLN A 1 127 ? 9.852   14.216  10.331  1.00 41.55 ? 1105 GLN A C   1 
ATOM   1062 O O   . GLN A 1 127 ? 9.746   15.303  9.769   1.00 41.41 ? 1105 GLN A O   1 
ATOM   1063 C CB  . GLN A 1 127 ? 9.240   11.972  9.255   1.00 37.24 ? 1105 GLN A CB  1 
ATOM   1064 C CG  . GLN A 1 127 ? 8.023   12.536  8.487   1.00 39.27 ? 1105 GLN A CG  1 
ATOM   1065 C CD  . GLN A 1 127 ? 6.805   11.630  8.503   1.00 52.87 ? 1105 GLN A CD  1 
ATOM   1066 O OE1 . GLN A 1 127 ? 6.371   11.124  9.552   1.00 44.10 ? 1105 GLN A OE1 1 
ATOM   1067 N NE2 . GLN A 1 127 ? 6.167   11.474  7.341   1.00 42.34 ? 1105 GLN A NE2 1 
ATOM   1068 N N   . GLU A 1 128 ? 9.586   14.022  11.643  1.00 40.21 ? 1106 GLU A N   1 
ATOM   1069 C CA  . GLU A 1 128 ? 9.104   15.031  12.605  1.00 41.53 ? 1106 GLU A CA  1 
ATOM   1070 C C   . GLU A 1 128 ? 10.043  16.246  12.705  1.00 48.43 ? 1106 GLU A C   1 
ATOM   1071 O O   . GLU A 1 128 ? 9.579   17.357  12.980  1.00 48.79 ? 1106 GLU A O   1 
ATOM   1072 C CB  . GLU A 1 128 ? 8.958   14.422  14.012  1.00 43.25 ? 1106 GLU A CB  1 
ATOM   1073 C CG  . GLU A 1 128 ? 7.701   13.601  14.257  1.00 57.63 ? 1106 GLU A CG  1 
ATOM   1074 C CD  . GLU A 1 128 ? 7.729   12.658  15.454  1.00 88.98 ? 1106 GLU A CD  1 
ATOM   1075 O OE1 . GLU A 1 128 ? 8.696   12.714  16.251  1.00 89.36 ? 1106 GLU A OE1 1 
ATOM   1076 O OE2 . GLU A 1 128 ? 6.777   11.855  15.592  1.00 86.01 ? 1106 GLU A OE2 1 
ATOM   1077 N N   . SER A 1 129 ? 11.357  16.027  12.525  1.00 45.62 ? 1107 SER A N   1 
ATOM   1078 C CA  . SER A 1 129 ? 12.363  17.084  12.629  1.00 46.03 ? 1107 SER A CA  1 
ATOM   1079 C C   . SER A 1 129 ? 12.398  17.997  11.398  1.00 53.27 ? 1107 SER A C   1 
ATOM   1080 O O   . SER A 1 129 ? 12.799  19.157  11.518  1.00 54.54 ? 1107 SER A O   1 
ATOM   1081 C CB  . SER A 1 129 ? 13.744  16.479  12.862  1.00 47.69 ? 1107 SER A CB  1 
ATOM   1082 O OG  . SER A 1 129 ? 14.358  16.149  11.625  1.00 53.58 ? 1107 SER A OG  1 
ATOM   1083 N N   . ARG A 1 130 ? 12.034  17.457  10.215  1.00 49.85 ? 1108 ARG A N   1 
ATOM   1084 C CA  . ARG A 1 130 ? 12.055  18.152  8.923   1.00 51.88 ? 1108 ARG A CA  1 
ATOM   1085 C C   . ARG A 1 130 ? 10.823  19.061  8.691   1.00 71.33 ? 1108 ARG A C   1 
ATOM   1086 O O   . ARG A 1 130 ? 9.709   18.725  9.161   1.00 70.85 ? 1108 ARG A O   1 
ATOM   1087 C CB  . ARG A 1 130 ? 12.254  17.141  7.766   1.00 51.34 ? 1108 ARG A CB  1 
ATOM   1088 C CG  . ARG A 1 130 ? 13.615  16.424  7.831   1.00 57.17 ? 1108 ARG A CG  1 
ATOM   1089 C CD  . ARG A 1 130 ? 13.898  15.506  6.654   1.00 57.74 ? 1108 ARG A CD  1 
ATOM   1090 N NE  . ARG A 1 130 ? 15.279  15.015  6.690   1.00 53.02 ? 1108 ARG A NE  1 
ATOM   1091 C CZ  . ARG A 1 130 ? 15.869  14.336  5.711   1.00 67.14 ? 1108 ARG A CZ  1 
ATOM   1092 N NH1 . ARG A 1 130 ? 17.127  13.938  5.838   1.00 51.72 ? 1108 ARG A NH1 1 
ATOM   1093 N NH2 . ARG A 1 130 ? 15.209  14.062  4.591   1.00 62.31 ? 1108 ARG A NH2 1 
ATOM   1094 O OXT . ARG A 1 130 ? 10.989  20.134  8.064   1.00 91.45 ? 1108 ARG A OXT 1 
HETATM 1095 S S   . SO4 B 2 .   ? 16.899  3.698   -4.049  1.00 33.89 ? 1201 SO4 A S   1 
HETATM 1096 O O1  . SO4 B 2 .   ? 17.624  4.874   -3.569  1.00 34.73 ? 1201 SO4 A O1  1 
HETATM 1097 O O2  . SO4 B 2 .   ? 17.767  2.509   -3.941  1.00 39.79 ? 1201 SO4 A O2  1 
HETATM 1098 O O3  . SO4 B 2 .   ? 16.493  3.877   -5.408  1.00 31.56 ? 1201 SO4 A O3  1 
HETATM 1099 O O4  . SO4 B 2 .   ? 15.734  3.502   -3.207  1.00 37.13 ? 1201 SO4 A O4  1 
HETATM 1100 S S   . SO4 C 2 .   ? 14.309  -3.222  9.250   0.75 61.49 ? 1202 SO4 A S   1 
HETATM 1101 O O1  . SO4 C 2 .   ? 14.512  -4.656  9.067   0.75 62.02 ? 1202 SO4 A O1  1 
HETATM 1102 O O2  . SO4 C 2 .   ? 15.412  -2.673  10.053  0.75 62.16 ? 1202 SO4 A O2  1 
HETATM 1103 O O3  . SO4 C 2 .   ? 13.068  -3.043  9.971   0.75 60.14 ? 1202 SO4 A O3  1 
HETATM 1104 O O4  . SO4 C 2 .   ? 14.279  -2.545  7.915   0.75 58.35 ? 1202 SO4 A O4  1 
HETATM 1105 S S   . SO4 D 2 .   ? 0.839   13.216  -3.117  0.25 76.14 ? 1203 SO4 A S   1 
HETATM 1106 O O1  . SO4 D 2 .   ? 1.207   11.872  -3.562  0.25 76.13 ? 1203 SO4 A O1  1 
HETATM 1107 O O2  . SO4 D 2 .   ? 2.045   14.027  -2.970  0.25 76.13 ? 1203 SO4 A O2  1 
HETATM 1108 O O3  . SO4 D 2 .   ? 0.145   13.132  -1.834  0.25 76.12 ? 1203 SO4 A O3  1 
HETATM 1109 O O4  . SO4 D 2 .   ? -0.044  13.831  -4.108  0.25 76.14 ? 1203 SO4 A O4  1 
HETATM 1110 C C1  . 93L E 3 .   ? -11.023 -3.121  -7.502  1.00 30.69 ? 1204 93L A C1  1 
HETATM 1111 C C2  . 93L E 3 .   ? -12.956 -3.927  -8.184  1.00 36.86 ? 1204 93L A C2  1 
HETATM 1112 C C3  . 93L E 3 .   ? -11.741 -5.274  -10.305 1.00 37.22 ? 1204 93L A C3  1 
HETATM 1113 N N6  . 93L E 3 .   ? -10.166 -5.523  -12.212 1.00 34.66 ? 1204 93L A N6  1 
HETATM 1114 C C7  . 93L E 3 .   ? -16.873 -6.401  -8.517  1.00 49.11 ? 1204 93L A C7  1 
HETATM 1115 C C8  . 93L E 3 .   ? -17.930 -7.236  -9.245  1.00 50.61 ? 1204 93L A C8  1 
HETATM 1116 C C9  . 93L E 3 .   ? -18.001 -5.710  -11.085 1.00 49.48 ? 1204 93L A C9  1 
HETATM 1117 C C10 . 93L E 3 .   ? -16.950 -4.792  -10.447 1.00 48.80 ? 1204 93L A C10 1 
HETATM 1118 C C11 . 93L E 3 .   ? -19.862 -7.187  -10.681 1.00 53.94 ? 1204 93L A C11 1 
HETATM 1119 C C12 . 93L E 3 .   ? -11.175 -6.032  -11.487 1.00 34.79 ? 1204 93L A C12 1 
HETATM 1120 C C13 . 93L E 3 .   ? -9.836  -4.082  -12.307 1.00 34.03 ? 1204 93L A C13 1 
HETATM 1121 C C14 . 93L E 3 .   ? -8.410  -3.878  -11.754 1.00 32.73 ? 1204 93L A C14 1 
HETATM 1122 C C15 . 93L E 3 .   ? -7.435  -4.904  -12.285 1.00 32.14 ? 1204 93L A C15 1 
HETATM 1123 C C16 . 93L E 3 .   ? -6.064  -4.700  -12.128 1.00 30.01 ? 1204 93L A C16 1 
HETATM 1124 C C19 . 93L E 3 .   ? -6.946  -7.000  -13.390 1.00 31.93 ? 1204 93L A C19 1 
HETATM 1125 C C20 . 93L E 3 .   ? -7.884  -6.079  -12.922 1.00 34.36 ? 1204 93L A C20 1 
HETATM 1126 C C21 . 93L E 3 .   ? -9.369  -6.354  -13.138 1.00 33.48 ? 1204 93L A C21 1 
HETATM 1127 C C22 . 93L E 3 .   ? -9.734  -5.956  -14.568 1.00 31.94 ? 1204 93L A C22 1 
HETATM 1128 O O1  . 93L E 3 .   ? -9.773  -2.365  -13.974 1.00 31.16 ? 1204 93L A O1  1 
HETATM 1129 C C23 . 93L E 3 .   ? -9.806  -3.572  -13.737 1.00 33.10 ? 1204 93L A C23 1 
HETATM 1130 N N7  . 93L E 3 .   ? -9.754  -4.500  -14.696 1.00 33.27 ? 1204 93L A N7  1 
HETATM 1131 C C18 . 93L E 3 .   ? -5.588  -6.772  -13.233 1.00 30.33 ? 1204 93L A C18 1 
HETATM 1132 C C17 . 93L E 3 .   ? -5.148  -5.637  -12.585 1.00 29.45 ? 1204 93L A C17 1 
HETATM 1133 O O   . 93L E 3 .   ? -11.686 -7.126  -11.697 1.00 35.66 ? 1204 93L A O   1 
HETATM 1134 N N3  . 93L E 3 .   ? -10.954 -4.534  -9.524  1.00 34.93 ? 1204 93L A N3  1 
HETATM 1135 N N2  . 93L E 3 .   ? -11.604 -3.886  -8.485  1.00 33.93 ? 1204 93L A N2  1 
HETATM 1136 C C   . 93L E 3 .   ? -9.559  -2.904  -7.383  1.00 22.94 ? 1204 93L A C   1 
HETATM 1137 C C4  . 93L E 3 .   ? -13.154 -5.357  -10.085 1.00 37.48 ? 1204 93L A C4  1 
HETATM 1138 C C5  . 93L E 3 .   ? -13.791 -4.717  -9.052  1.00 40.11 ? 1204 93L A C5  1 
HETATM 1139 N N1  . 93L E 3 .   ? -13.176 -3.206  -7.093  1.00 32.99 ? 1204 93L A N1  1 
HETATM 1140 N N   . 93L E 3 .   ? -11.939 -2.722  -6.657  1.00 31.87 ? 1204 93L A N   1 
HETATM 1141 N N4  . 93L E 3 .   ? -15.108 -4.722  -8.807  1.00 44.56 ? 1204 93L A N4  1 
HETATM 1142 C C6  . 93L E 3 .   ? -16.048 -5.591  -9.516  1.00 47.14 ? 1204 93L A C6  1 
HETATM 1143 N N5  . 93L E 3 .   ? -18.799 -6.390  -10.063 1.00 51.56 ? 1204 93L A N5  1 
HETATM 1144 O O   . HOH F 4 .   ? -11.377 -0.591  -5.124  1.00 19.11 ? 1301 HOH A O   1 
HETATM 1145 O O   . HOH F 4 .   ? 12.435  14.840  15.534  1.00 42.94 ? 1302 HOH A O   1 
HETATM 1146 O O   . HOH F 4 .   ? -17.645 -14.495 -3.273  1.00 27.43 ? 1303 HOH A O   1 
HETATM 1147 O O   . HOH F 4 .   ? 16.816  15.228  11.867  1.00 51.43 ? 1304 HOH A O   1 
HETATM 1148 O O   . HOH F 4 .   ? 4.054   -13.455 -2.037  1.00 32.81 ? 1305 HOH A O   1 
HETATM 1149 O O   . HOH F 4 .   ? 7.184   -12.943 7.631   1.00 31.10 ? 1306 HOH A O   1 
HETATM 1150 O O   . HOH F 4 .   ? -11.343 4.678   0.613   1.00 27.68 ? 1307 HOH A O   1 
HETATM 1151 O O   . HOH F 4 .   ? -8.847  -1.110  -4.147  1.00 20.64 ? 1308 HOH A O   1 
HETATM 1152 O O   . HOH F 4 .   ? 19.453  2.406   7.782   1.00 41.16 ? 1309 HOH A O   1 
HETATM 1153 O O   . HOH F 4 .   ? 19.578  3.965   9.971   1.00 54.06 ? 1310 HOH A O   1 
HETATM 1154 O O   . HOH F 4 .   ? -4.783  3.459   -8.442  1.00 26.06 ? 1311 HOH A O   1 
HETATM 1155 O O   . HOH F 4 .   ? -7.024  -0.788  -6.043  1.00 20.32 ? 1312 HOH A O   1 
HETATM 1156 O O   . HOH F 4 .   ? 7.497   -5.227  14.274  1.00 37.07 ? 1313 HOH A O   1 
HETATM 1157 O O   . HOH F 4 .   ? 18.038  -1.753  9.886   1.00 24.01 ? 1314 HOH A O   1 
HETATM 1158 O O   . HOH F 4 .   ? 10.994  0.167   -8.467  1.00 35.62 ? 1315 HOH A O   1 
HETATM 1159 O O   . HOH F 4 .   ? 10.453  10.544  20.425  1.00 38.36 ? 1316 HOH A O   1 
HETATM 1160 O O   . HOH F 4 .   ? -2.401  8.761   -0.789  1.00 33.16 ? 1317 HOH A O   1 
HETATM 1161 O O   . HOH F 4 .   ? -2.478  -8.475  9.991   1.00 25.60 ? 1318 HOH A O   1 
HETATM 1162 O O   . HOH F 4 .   ? 8.936   3.985   -10.334 1.00 32.56 ? 1319 HOH A O   1 
HETATM 1163 O O   . HOH F 4 .   ? 7.372   4.337   15.848  1.00 47.31 ? 1320 HOH A O   1 
HETATM 1164 O O   . HOH F 4 .   ? -0.997  -10.672 -8.175  1.00 24.76 ? 1321 HOH A O   1 
HETATM 1165 O O   . HOH F 4 .   ? 11.607  2.693   19.688  1.00 42.49 ? 1322 HOH A O   1 
HETATM 1166 O O   . HOH F 4 .   ? 18.961  -4.226  7.243   1.00 20.47 ? 1323 HOH A O   1 
HETATM 1167 O O   . HOH F 4 .   ? 2.986   -2.071  -13.362 1.00 56.93 ? 1324 HOH A O   1 
HETATM 1168 O O   . HOH F 4 .   ? -2.675  8.037   2.021   1.00 55.80 ? 1325 HOH A O   1 
HETATM 1169 O O   . HOH F 4 .   ? -5.904  5.417   4.279   1.00 22.52 ? 1326 HOH A O   1 
HETATM 1170 O O   . HOH F 4 .   ? -10.664 9.723   -8.993  1.00 52.66 ? 1327 HOH A O   1 
HETATM 1171 O O   . HOH F 4 .   ? -1.400  -13.845 3.375   1.00 31.57 ? 1328 HOH A O   1 
HETATM 1172 O O   . HOH F 4 .   ? 2.293   -8.814  -10.275 1.00 45.94 ? 1329 HOH A O   1 
HETATM 1173 O O   . HOH F 4 .   ? -10.296 12.700  -7.042  1.00 41.57 ? 1330 HOH A O   1 
HETATM 1174 O O   . HOH F 4 .   ? 14.708  5.940   -5.234  1.00 45.63 ? 1331 HOH A O   1 
HETATM 1175 O O   . HOH F 4 .   ? 16.047  -2.882  17.798  1.00 38.53 ? 1332 HOH A O   1 
HETATM 1176 O O   . HOH F 4 .   ? 2.118   11.527  -0.823  1.00 57.13 ? 1333 HOH A O   1 
HETATM 1177 O O   . HOH F 4 .   ? -20.227 2.039   -0.052  1.00 40.41 ? 1334 HOH A O   1 
HETATM 1178 O O   . HOH F 4 .   ? -18.375 -2.444  2.489   1.00 41.58 ? 1335 HOH A O   1 
HETATM 1179 O O   . HOH F 4 .   ? -26.381 -12.167 -4.319  1.00 31.67 ? 1336 HOH A O   1 
HETATM 1180 O O   . HOH F 4 .   ? -5.121  -0.241  -15.584 1.00 50.09 ? 1337 HOH A O   1 
HETATM 1181 O O   . HOH F 4 .   ? 1.962   -4.138  -9.325  1.00 33.84 ? 1338 HOH A O   1 
HETATM 1182 O O   . HOH F 4 .   ? -8.107  2.025   -6.202  1.00 22.90 ? 1339 HOH A O   1 
HETATM 1183 O O   . HOH F 4 .   ? 0.492   8.131   2.709   1.00 38.49 ? 1340 HOH A O   1 
HETATM 1184 O O   . HOH F 4 .   ? -8.326  4.050   4.314   1.00 28.29 ? 1341 HOH A O   1 
HETATM 1185 O O   . HOH F 4 .   ? -6.591  -1.746  -8.516  1.00 22.58 ? 1342 HOH A O   1 
HETATM 1186 O O   . HOH F 4 .   ? 9.903   -9.218  -2.472  1.00 42.15 ? 1343 HOH A O   1 
HETATM 1187 O O   . HOH F 4 .   ? 17.328  8.778   0.881   1.00 42.74 ? 1344 HOH A O   1 
HETATM 1188 O O   . HOH F 4 .   ? -0.977  -7.124  -13.268 1.00 50.47 ? 1345 HOH A O   1 
HETATM 1189 O O   . HOH F 4 .   ? 5.066   1.290   -10.736 1.00 38.66 ? 1346 HOH A O   1 
HETATM 1190 O O   . HOH F 4 .   ? 4.391   8.817   9.795   1.00 34.22 ? 1347 HOH A O   1 
HETATM 1191 O O   . HOH F 4 .   ? -7.373  -10.519 -7.444  1.00 24.52 ? 1348 HOH A O   1 
HETATM 1192 O O   . HOH F 4 .   ? 20.202  15.166  4.039   1.00 57.36 ? 1349 HOH A O   1 
HETATM 1193 O O   . HOH F 4 .   ? 3.222   8.719   -8.251  1.00 46.05 ? 1350 HOH A O   1 
HETATM 1194 O O   . HOH F 4 .   ? 13.575  -4.183  -2.432  1.00 20.96 ? 1351 HOH A O   1 
HETATM 1195 O O   . HOH F 4 .   ? 15.954  11.530  17.036  1.00 23.13 ? 1352 HOH A O   1 
HETATM 1196 O O   . HOH F 4 .   ? -3.167  6.740   -7.468  1.00 50.11 ? 1353 HOH A O   1 
HETATM 1197 O O   . HOH F 4 .   ? 6.419   -7.119  -8.782  1.00 46.64 ? 1354 HOH A O   1 
HETATM 1198 O O   . HOH F 4 .   ? -19.176 -9.481  4.147   1.00 74.24 ? 1355 HOH A O   1 
HETATM 1199 O O   . HOH F 4 .   ? 13.350  -7.038  7.677   1.00 27.51 ? 1356 HOH A O   1 
HETATM 1200 O O   . HOH F 4 .   ? 0.422   14.281  -6.853  1.00 34.15 ? 1357 HOH A O   1 
HETATM 1201 O O   . HOH F 4 .   ? -9.790  -11.450 4.238   1.00 40.63 ? 1358 HOH A O   1 
HETATM 1202 O O   . HOH F 4 .   ? 1.328   -12.362 -0.052  1.00 34.87 ? 1359 HOH A O   1 
HETATM 1203 O O   . HOH F 4 .   ? 9.450   6.463   -0.504  1.00 20.43 ? 1360 HOH A O   1 
HETATM 1204 O O   . HOH F 4 .   ? 7.075   9.600   17.301  1.00 48.90 ? 1361 HOH A O   1 
HETATM 1205 O O   . HOH F 4 .   ? -10.898 7.081   -2.160  1.00 24.92 ? 1362 HOH A O   1 
HETATM 1206 O O   . HOH F 4 .   ? -22.190 -8.244  2.710   1.00 53.09 ? 1363 HOH A O   1 
HETATM 1207 O O   . HOH F 4 .   ? -8.262  4.019   -10.941 1.00 33.78 ? 1364 HOH A O   1 
HETATM 1208 O O   . HOH F 4 .   ? -22.268 -13.939 -1.621  1.00 23.63 ? 1365 HOH A O   1 
HETATM 1209 O O   . HOH F 4 .   ? 8.812   13.583  -5.123  1.00 53.03 ? 1366 HOH A O   1 
HETATM 1210 O O   . HOH F 4 .   ? 0.130   -16.601 -5.436  1.00 37.88 ? 1367 HOH A O   1 
HETATM 1211 O O   . HOH F 4 .   ? 6.844   13.051  5.033   1.00 52.91 ? 1368 HOH A O   1 
HETATM 1212 O O   . HOH F 4 .   ? -7.143  2.283   -8.831  1.00 28.95 ? 1369 HOH A O   1 
HETATM 1213 O O   . HOH F 4 .   ? 9.612   -11.140 14.455  1.00 42.54 ? 1370 HOH A O   1 
HETATM 1214 O O   . HOH F 4 .   ? 25.936  6.468   1.762   1.00 60.03 ? 1371 HOH A O   1 
HETATM 1215 O O   . HOH F 4 .   ? 22.341  3.096   0.942   0.50 91.38 ? 1372 HOH A O   1 
HETATM 1216 O O   . HOH F 4 .   ? 1.829   -4.355  11.836  1.00 32.68 ? 1373 HOH A O   1 
HETATM 1217 O O   . HOH F 4 .   ? -8.489  -0.056  5.402   1.00 32.94 ? 1374 HOH A O   1 
HETATM 1218 O O   . HOH F 4 .   ? 7.764   1.682   16.019  1.00 49.43 ? 1375 HOH A O   1 
HETATM 1219 O O   . HOH F 4 .   ? -3.152  -9.416  -14.894 1.00 70.68 ? 1376 HOH A O   1 
HETATM 1220 O O   . HOH F 4 .   ? 10.980  -4.630  16.786  1.00 34.84 ? 1377 HOH A O   1 
HETATM 1221 O O   . HOH F 4 .   ? 16.814  -5.576  13.553  1.00 34.98 ? 1378 HOH A O   1 
HETATM 1222 O O   . HOH F 4 .   ? -7.614  -11.959 5.816   1.00 43.93 ? 1379 HOH A O   1 
HETATM 1223 O O   . HOH F 4 .   ? -4.975  8.783   -4.901  1.00 47.38 ? 1380 HOH A O   1 
HETATM 1224 O O   . HOH F 4 .   ? -7.474  -15.098 1.311   1.00 34.40 ? 1381 HOH A O   1 
HETATM 1225 O O   . HOH F 4 .   ? 13.933  6.427   -7.868  1.00 36.99 ? 1382 HOH A O   1 
HETATM 1226 O O   . HOH F 4 .   ? 13.091  10.149  -7.047  1.00 50.09 ? 1383 HOH A O   1 
HETATM 1227 O O   . HOH F 4 .   ? -20.167 -1.962  -7.448  1.00 48.84 ? 1384 HOH A O   1 
HETATM 1228 O O   . HOH F 4 .   ? 5.770   -13.682 2.951   1.00 48.57 ? 1385 HOH A O   1 
HETATM 1229 O O   . HOH F 4 .   ? 8.188   6.640   -9.730  1.00 28.90 ? 1386 HOH A O   1 
HETATM 1230 O O   . HOH F 4 .   ? 12.101  8.100   0.762   1.00 26.74 ? 1387 HOH A O   1 
HETATM 1231 O O   . HOH F 4 .   ? -14.544 1.600   3.272   1.00 42.64 ? 1388 HOH A O   1 
HETATM 1232 O O   . HOH F 4 .   ? -5.569  5.011   7.308   1.00 40.18 ? 1389 HOH A O   1 
HETATM 1233 O O   . HOH F 4 .   ? 20.110  8.243   10.537  1.00 49.31 ? 1390 HOH A O   1 
HETATM 1234 O O   . HOH F 4 .   ? 19.291  8.094   -1.500  1.00 46.50 ? 1391 HOH A O   1 
HETATM 1235 O O   . HOH F 4 .   ? -26.539 -6.140  -0.892  1.00 44.57 ? 1392 HOH A O   1 
HETATM 1236 O O   . HOH F 4 .   ? 20.231  16.024  11.239  1.00 56.69 ? 1393 HOH A O   1 
HETATM 1237 O O   . HOH F 4 .   ? -25.732 -15.044 -4.810  1.00 49.54 ? 1394 HOH A O   1 
HETATM 1238 O O   . HOH F 4 .   ? -11.062 -14.465 -9.870  1.00 46.18 ? 1395 HOH A O   1 
HETATM 1239 O O   . HOH F 4 .   ? -1.937  -17.218 -3.037  1.00 46.90 ? 1396 HOH A O   1 
HETATM 1240 O O   . HOH F 4 .   ? -4.404  -6.270  10.249  1.00 45.70 ? 1397 HOH A O   1 
HETATM 1241 O O   . HOH F 4 .   ? 12.445  2.943   -10.797 1.00 57.67 ? 1398 HOH A O   1 
HETATM 1242 O O   . HOH F 4 .   ? 9.406   12.851  19.357  1.00 64.17 ? 1399 HOH A O   1 
HETATM 1243 O O   . HOH F 4 .   ? -10.855 -11.788 -10.507 1.00 50.98 ? 1400 HOH A O   1 
HETATM 1244 O O   . HOH F 4 .   ? -13.487 7.776   -1.904  1.00 40.20 ? 1401 HOH A O   1 
HETATM 1245 O O   . HOH F 4 .   ? -6.110  -1.213  9.159   1.00 54.15 ? 1402 HOH A O   1 
HETATM 1246 O O   . HOH F 4 .   ? -10.454 8.655   0.027   1.00 52.98 ? 1403 HOH A O   1 
HETATM 1247 O O   . HOH F 4 .   ? -7.700  -12.346 -9.869  1.00 44.75 ? 1404 HOH A O   1 
HETATM 1248 O O   . HOH F 4 .   ? 4.314   16.684  -5.075  1.00 66.84 ? 1405 HOH A O   1 
HETATM 1249 O O   . HOH F 4 .   ? 0.831   3.657   -11.683 1.00 51.67 ? 1406 HOH A O   1 
HETATM 1250 O O   . HOH F 4 .   ? 12.338  -2.121  20.381  1.00 65.06 ? 1407 HOH A O   1 
HETATM 1251 O O   . HOH F 4 .   ? 4.906   -1.831  -10.299 1.00 51.41 ? 1408 HOH A O   1 
HETATM 1252 O O   . HOH F 4 .   ? 22.153  5.348   9.570   1.00 59.61 ? 1409 HOH A O   1 
HETATM 1253 O O   . HOH F 4 .   ? 12.195  15.190  3.732   1.00 60.28 ? 1410 HOH A O   1 
HETATM 1254 O O   . HOH F 4 .   ? 25.903  14.955  5.941   1.00 58.55 ? 1411 HOH A O   1 
HETATM 1255 O O   . HOH F 4 .   ? 2.107   9.656   1.143   1.00 47.45 ? 1412 HOH A O   1 
HETATM 1256 O O   . HOH F 4 .   ? 14.663  -5.176  5.717   1.00 23.51 ? 1413 HOH A O   1 
HETATM 1257 O O   . HOH F 4 .   ? -15.980 -11.654 2.456   1.00 48.66 ? 1414 HOH A O   1 
HETATM 1258 O O   . HOH F 4 .   ? -4.303  -12.623 5.325   1.00 51.78 ? 1415 HOH A O   1 
HETATM 1259 O O   . HOH F 4 .   ? 3.210   -13.157 6.566   1.00 53.73 ? 1416 HOH A O   1 
HETATM 1260 O O   . HOH F 4 .   ? -16.205 -6.816  4.685   1.00 66.11 ? 1417 HOH A O   1 
HETATM 1261 O O   . HOH F 4 .   ? 11.865  -5.602  -4.143  1.00 30.28 ? 1418 HOH A O   1 
HETATM 1262 O O   . HOH F 4 .   ? 14.198  -7.259  12.030  1.00 48.93 ? 1419 HOH A O   1 
HETATM 1263 O O   . HOH F 4 .   ? -6.284  4.590   -14.747 1.00 56.86 ? 1420 HOH A O   1 
HETATM 1264 O O   . HOH F 4 .   ? -1.199  3.547   9.400   1.00 51.92 ? 1421 HOH A O   1 
HETATM 1265 O O   . HOH F 4 .   ? 6.042   -13.925 0.248   1.00 45.20 ? 1422 HOH A O   1 
HETATM 1266 O O   . HOH F 4 .   ? 0.931   7.439   -7.582  1.00 50.58 ? 1423 HOH A O   1 
HETATM 1267 O O   . HOH F 4 .   ? 7.808   21.879  8.436   1.00 71.65 ? 1424 HOH A O   1 
HETATM 1268 O O   . HOH F 4 .   ? -0.672  -8.169  12.017  1.00 33.02 ? 1425 HOH A O   1 
HETATM 1269 O O   . HOH F 4 .   ? -14.480 -6.515  -13.997 1.00 67.34 ? 1426 HOH A O   1 
HETATM 1270 O O   . HOH F 4 .   ? -2.424  -12.287 7.256   1.00 52.42 ? 1427 HOH A O   1 
HETATM 1271 O O   . HOH F 4 .   ? 12.637  12.510  -5.760  1.00 57.85 ? 1428 HOH A O   1 
HETATM 1272 O O   . HOH F 4 .   ? -14.974 -10.158 -9.117  1.00 61.77 ? 1429 HOH A O   1 
HETATM 1273 O O   . HOH F 4 .   ? 13.423  10.513  1.154   1.00 30.65 ? 1430 HOH A O   1 
HETATM 1274 O O   . HOH F 4 .   ? -5.020  9.214   2.694   1.00 71.29 ? 1431 HOH A O   1 
HETATM 1275 O O   . HOH F 4 .   ? 21.361  6.916   0.023   1.00 49.70 ? 1432 HOH A O   1 
HETATM 1276 O O   . HOH F 4 .   ? -7.359  -14.383 3.936   1.00 45.27 ? 1433 HOH A O   1 
HETATM 1277 O O   . HOH F 4 .   ? -19.382 0.400   2.804   1.00 52.82 ? 1434 HOH A O   1 
HETATM 1278 O O   . HOH F 4 .   ? 12.185  -10.394 -8.734  1.00 51.79 ? 1435 HOH A O   1 
HETATM 1279 O O   . HOH F 4 .   ? -10.297 6.870   2.299   1.00 47.26 ? 1436 HOH A O   1 
HETATM 1280 O O   . HOH F 4 .   ? 6.295   -4.949  -7.224  1.00 39.73 ? 1437 HOH A O   1 
HETATM 1281 O O   . HOH F 4 .   ? 0.133   -10.676 12.598  1.00 45.90 ? 1438 HOH A O   1 
HETATM 1282 O O   . HOH F 4 .   ? 9.643   -0.121  -10.882 1.00 55.06 ? 1439 HOH A O   1 
HETATM 1283 O O   . HOH F 4 .   ? -4.156  5.919   -9.875  1.00 46.34 ? 1440 HOH A O   1 
HETATM 1284 O O   . HOH F 4 .   ? 10.744  7.534   -10.133 1.00 44.99 ? 1441 HOH A O   1 
HETATM 1285 O O   . HOH F 4 .   ? 9.023   2.000   19.426  1.00 52.67 ? 1442 HOH A O   1 
HETATM 1286 O O   . HOH F 4 .   ? 14.970  -6.918  1.120   1.00 23.60 ? 1443 HOH A O   1 
HETATM 1287 O O   . HOH F 4 .   ? -4.369  -13.673 -15.690 1.00 58.66 ? 1444 HOH A O   1 
HETATM 1288 O O   . HOH F 4 .   ? 5.676   -3.240  13.956  1.00 50.26 ? 1445 HOH A O   1 
HETATM 1289 O O   . HOH F 4 .   ? -0.294  -5.509  12.992  1.00 41.60 ? 1446 HOH A O   1 
HETATM 1290 O O   . HOH F 4 .   ? -6.236  -3.085  -16.057 1.00 50.40 ? 1447 HOH A O   1 
HETATM 1291 O O   . HOH F 4 .   ? -11.448 11.179  -0.292  1.00 49.47 ? 1448 HOH A O   1 
HETATM 1292 O O   . HOH F 4 .   ? -8.032  10.415  -9.444  1.00 49.77 ? 1449 HOH A O   1 
HETATM 1293 O O   . HOH F 4 .   ? -3.021  -14.390 -11.533 1.00 61.16 ? 1450 HOH A O   1 
HETATM 1294 O O   . HOH F 4 .   ? 2.633   -15.938 -3.145  1.00 55.01 ? 1451 HOH A O   1 
HETATM 1295 O O   . HOH F 4 .   ? 2.652   -6.102  -11.084 1.00 58.64 ? 1452 HOH A O   1 
HETATM 1296 O O   . HOH F 4 .   ? -0.696  -12.302 -10.357 1.00 54.24 ? 1453 HOH A O   1 
HETATM 1297 O O   . HOH F 4 .   ? 16.194  -4.844  19.723  1.00 56.71 ? 1454 HOH A O   1 
HETATM 1298 O O   . HOH F 4 .   ? -19.753 -14.715 -1.324  1.00 36.67 ? 1455 HOH A O   1 
HETATM 1299 O O   . HOH F 4 .   ? 6.802   -0.374  14.319  1.00 48.73 ? 1456 HOH A O   1 
HETATM 1300 O O   . HOH F 4 .   ? 3.481   -11.833 -11.149 1.00 51.18 ? 1457 HOH A O   1 
HETATM 1301 O O   . HOH F 4 .   ? -6.451  5.959   -11.328 1.00 34.71 ? 1458 HOH A O   1 
HETATM 1302 O O   . HOH F 4 .   ? -13.017 0.985   5.420   1.00 45.62 ? 1459 HOH A O   1 
HETATM 1303 O O   . HOH F 4 .   ? 4.227   0.399   12.079  1.00 53.53 ? 1460 HOH A O   1 
HETATM 1304 O O   . HOH F 4 .   ? -4.753  -3.912  11.579  1.00 52.50 ? 1461 HOH A O   1 
HETATM 1305 O O   . HOH F 4 .   ? 2.987   -13.207 1.932   1.00 49.58 ? 1462 HOH A O   1 
HETATM 1306 O O   . HOH F 4 .   ? -4.704  9.638   -9.174  1.00 66.34 ? 1463 HOH A O   1 
HETATM 1307 O O   . HOH F 4 .   ? 7.290   -1.060  -14.135 1.00 59.82 ? 1464 HOH A O   1 
HETATM 1308 O O   . HOH F 4 .   ? -13.372 1.161   10.921  1.00 51.08 ? 1465 HOH A O   1 
HETATM 1309 O O   . HOH F 4 .   ? 25.221  22.324  -5.761  1.00 63.15 ? 1466 HOH A O   1 
HETATM 1310 O O   . HOH F 4 .   ? -6.449  -6.973  35.064  1.00 54.91 ? 1467 HOH A O   1 
# 
